data_5S92
# 
_entry.id   5S92 
# 
_audit_conform.dict_name       mmcif_pdbx.dic 
_audit_conform.dict_version    5.387 
_audit_conform.dict_location   http://mmcif.pdb.org/dictionaries/ascii/mmcif_pdbx.dic 
# 
loop_
_database_2.database_id 
_database_2.database_code 
_database_2.pdbx_database_accession 
_database_2.pdbx_DOI 
PDB   5S92         pdb_00005s92 10.2210/pdb5s92/pdb 
WWPDB D_1001404211 ?            ?                   
# 
loop_
_pdbx_audit_revision_history.ordinal 
_pdbx_audit_revision_history.data_content_type 
_pdbx_audit_revision_history.major_revision 
_pdbx_audit_revision_history.minor_revision 
_pdbx_audit_revision_history.revision_date 
1 'Structure model' 1 0 2021-02-17 
2 'Structure model' 1 1 2024-03-06 
# 
_pdbx_audit_revision_details.ordinal             1 
_pdbx_audit_revision_details.revision_ordinal    1 
_pdbx_audit_revision_details.data_content_type   'Structure model' 
_pdbx_audit_revision_details.provider            repository 
_pdbx_audit_revision_details.type                'Initial release' 
_pdbx_audit_revision_details.description         ? 
_pdbx_audit_revision_details.details             ? 
# 
loop_
_pdbx_audit_revision_group.ordinal 
_pdbx_audit_revision_group.revision_ordinal 
_pdbx_audit_revision_group.data_content_type 
_pdbx_audit_revision_group.group 
1 2 'Structure model' 'Data collection'     
2 2 'Structure model' 'Database references' 
# 
loop_
_pdbx_audit_revision_category.ordinal 
_pdbx_audit_revision_category.revision_ordinal 
_pdbx_audit_revision_category.data_content_type 
_pdbx_audit_revision_category.category 
1 2 'Structure model' chem_comp_atom 
2 2 'Structure model' chem_comp_bond 
3 2 'Structure model' database_2     
# 
loop_
_pdbx_audit_revision_item.ordinal 
_pdbx_audit_revision_item.revision_ordinal 
_pdbx_audit_revision_item.data_content_type 
_pdbx_audit_revision_item.item 
1 2 'Structure model' '_database_2.pdbx_DOI'                
2 2 'Structure model' '_database_2.pdbx_database_accession' 
# 
_pdbx_database_status.entry_id                        5S92 
_pdbx_database_status.status_code                     REL 
_pdbx_database_status.status_code_sf                  REL 
_pdbx_database_status.status_code_mr                  ? 
_pdbx_database_status.status_code_cs                  ? 
_pdbx_database_status.recvd_initial_deposition_date   2021-01-22 
_pdbx_database_status.status_code_nmr_data            ? 
_pdbx_database_status.deposit_site                    RCSB 
_pdbx_database_status.process_site                    RCSB 
_pdbx_database_status.SG_entry                        ? 
_pdbx_database_status.pdb_format_compatible           Y 
_pdbx_database_status.methods_development_category    ? 
# 
loop_
_audit_author.name 
_audit_author.pdbx_ordinal 
_audit_author.identifier_ORCID 
'Grosjean, H.'     1  ? 
'Aimon, A.'        2  ? 
'Hassel-Hart , S.' 3  ? 
'Krojer, T.'       4  ? 
'Talon, R.'        5  ? 
'Douangamath, A.'  6  ? 
'Koekemoer, L.'    7  ? 
'Biggin, P.C.'     8  ? 
'Spencer, J.'      9  ? 
'von Delft, F.'    10 ? 
# 
_citation.id                        primary 
_citation.title                     
;Crystal Structures of the second bromodomain of Pleckstrin homology domain interacting protein (PHIP) in space group C2 soaked with crude reaction mixtures
;
_citation.journal_abbrev            'To Be Published' 
_citation.journal_volume            ? 
_citation.page_first                ? 
_citation.page_last                 ? 
_citation.year                      ? 
_citation.journal_id_ASTM           ? 
_citation.country                   ? 
_citation.journal_id_ISSN           ? 
_citation.journal_id_CSD            0353 
_citation.book_publisher            ? 
_citation.pdbx_database_id_PubMed   ? 
_citation.pdbx_database_id_DOI      ? 
# 
loop_
_citation_author.citation_id 
_citation_author.name 
_citation_author.identifier_ORCID 
_citation_author.ordinal 
primary 'Grosjean, H.'    ? 1  
primary 'Aimon, A.'       ? 2  
primary 'Hart , S.'       ? 3  
primary 'Krojer, T.'      ? 4  
primary 'Talon, R.'       ? 5  
primary 'Douangamath, A.' ? 6  
primary 'Koekemoer, L.'   ? 7  
primary 'Biggin, P.C.'    ? 8  
primary 'Spencer, J.'     ? 9  
primary 'von Delft, F.'   ? 10 
# 
loop_
_entity.id 
_entity.type 
_entity.src_method 
_entity.pdbx_description 
_entity.formula_weight 
_entity.pdbx_number_of_molecules 
_entity.pdbx_ec 
_entity.pdbx_mutation 
_entity.pdbx_fragment 
_entity.details 
1 polymer     man 'PH-interacting protein'                                                  17627.859 1   ? ? ? ? 
2 non-polymer syn 'N-(2-methoxyethyl)-4-(5-methylfuran-2-carbonyl)piperazine-1-carboxamide' 295.334   1   ? ? ? ? 
3 water       nat water                                                                     18.015    193 ? ? ? ? 
# 
_entity_name_com.entity_id   1 
_entity_name_com.name        
'PHIP,DDB1- and CUL4-associated factor 14,IRS-1 PH domain-binding protein,WD repeat-containing protein 11' 
# 
_entity_poly.entity_id                      1 
_entity_poly.type                           'polypeptide(L)' 
_entity_poly.nstd_linkage                   no 
_entity_poly.nstd_monomer                   no 
_entity_poly.pdbx_seq_one_letter_code       
;MHHHHHHSSGVDLGTENLYFQSMSYDIQAWKKQCEELLNLIFQCEDSEPFRQPVDLLEYPDYRDIIDTPMDFATVRETLE
AGNYESPMELCKDVRLIFSNSKAYTPSKRSRIYSMSLRLSAFFEEHISSVLSDYKSALRFHKRNTITKR
;
_entity_poly.pdbx_seq_one_letter_code_can   
;MHHHHHHSSGVDLGTENLYFQSMSYDIQAWKKQCEELLNLIFQCEDSEPFRQPVDLLEYPDYRDIIDTPMDFATVRETLE
AGNYESPMELCKDVRLIFSNSKAYTPSKRSRIYSMSLRLSAFFEEHISSVLSDYKSALRFHKRNTITKR
;
_entity_poly.pdbx_strand_id                 A 
_entity_poly.pdbx_target_identifier         ? 
# 
loop_
_pdbx_entity_nonpoly.entity_id 
_pdbx_entity_nonpoly.name 
_pdbx_entity_nonpoly.comp_id 
2 'N-(2-methoxyethyl)-4-(5-methylfuran-2-carbonyl)piperazine-1-carboxamide' Y2G 
3 water                                                                     HOH 
# 
loop_
_entity_poly_seq.entity_id 
_entity_poly_seq.num 
_entity_poly_seq.mon_id 
_entity_poly_seq.hetero 
1 1   MET n 
1 2   HIS n 
1 3   HIS n 
1 4   HIS n 
1 5   HIS n 
1 6   HIS n 
1 7   HIS n 
1 8   SER n 
1 9   SER n 
1 10  GLY n 
1 11  VAL n 
1 12  ASP n 
1 13  LEU n 
1 14  GLY n 
1 15  THR n 
1 16  GLU n 
1 17  ASN n 
1 18  LEU n 
1 19  TYR n 
1 20  PHE n 
1 21  GLN n 
1 22  SER n 
1 23  MET n 
1 24  SER n 
1 25  TYR n 
1 26  ASP n 
1 27  ILE n 
1 28  GLN n 
1 29  ALA n 
1 30  TRP n 
1 31  LYS n 
1 32  LYS n 
1 33  GLN n 
1 34  CYS n 
1 35  GLU n 
1 36  GLU n 
1 37  LEU n 
1 38  LEU n 
1 39  ASN n 
1 40  LEU n 
1 41  ILE n 
1 42  PHE n 
1 43  GLN n 
1 44  CYS n 
1 45  GLU n 
1 46  ASP n 
1 47  SER n 
1 48  GLU n 
1 49  PRO n 
1 50  PHE n 
1 51  ARG n 
1 52  GLN n 
1 53  PRO n 
1 54  VAL n 
1 55  ASP n 
1 56  LEU n 
1 57  LEU n 
1 58  GLU n 
1 59  TYR n 
1 60  PRO n 
1 61  ASP n 
1 62  TYR n 
1 63  ARG n 
1 64  ASP n 
1 65  ILE n 
1 66  ILE n 
1 67  ASP n 
1 68  THR n 
1 69  PRO n 
1 70  MET n 
1 71  ASP n 
1 72  PHE n 
1 73  ALA n 
1 74  THR n 
1 75  VAL n 
1 76  ARG n 
1 77  GLU n 
1 78  THR n 
1 79  LEU n 
1 80  GLU n 
1 81  ALA n 
1 82  GLY n 
1 83  ASN n 
1 84  TYR n 
1 85  GLU n 
1 86  SER n 
1 87  PRO n 
1 88  MET n 
1 89  GLU n 
1 90  LEU n 
1 91  CYS n 
1 92  LYS n 
1 93  ASP n 
1 94  VAL n 
1 95  ARG n 
1 96  LEU n 
1 97  ILE n 
1 98  PHE n 
1 99  SER n 
1 100 ASN n 
1 101 SER n 
1 102 LYS n 
1 103 ALA n 
1 104 TYR n 
1 105 THR n 
1 106 PRO n 
1 107 SER n 
1 108 LYS n 
1 109 ARG n 
1 110 SER n 
1 111 ARG n 
1 112 ILE n 
1 113 TYR n 
1 114 SER n 
1 115 MET n 
1 116 SER n 
1 117 LEU n 
1 118 ARG n 
1 119 LEU n 
1 120 SER n 
1 121 ALA n 
1 122 PHE n 
1 123 PHE n 
1 124 GLU n 
1 125 GLU n 
1 126 HIS n 
1 127 ILE n 
1 128 SER n 
1 129 SER n 
1 130 VAL n 
1 131 LEU n 
1 132 SER n 
1 133 ASP n 
1 134 TYR n 
1 135 LYS n 
1 136 SER n 
1 137 ALA n 
1 138 LEU n 
1 139 ARG n 
1 140 PHE n 
1 141 HIS n 
1 142 LYS n 
1 143 ARG n 
1 144 ASN n 
1 145 THR n 
1 146 ILE n 
1 147 THR n 
1 148 LYS n 
1 149 ARG n 
# 
_entity_src_gen.entity_id                          1 
_entity_src_gen.pdbx_src_id                        1 
_entity_src_gen.pdbx_alt_source_flag               sample 
_entity_src_gen.pdbx_seq_type                      'Biological sequence' 
_entity_src_gen.pdbx_beg_seq_num                   1 
_entity_src_gen.pdbx_end_seq_num                   149 
_entity_src_gen.gene_src_common_name               Human 
_entity_src_gen.gene_src_genus                     ? 
_entity_src_gen.pdbx_gene_src_gene                 'PHIP, DCAF14, WDR11' 
_entity_src_gen.gene_src_species                   ? 
_entity_src_gen.gene_src_strain                    ? 
_entity_src_gen.gene_src_tissue                    ? 
_entity_src_gen.gene_src_tissue_fraction           ? 
_entity_src_gen.gene_src_details                   ? 
_entity_src_gen.pdbx_gene_src_fragment             ? 
_entity_src_gen.pdbx_gene_src_scientific_name      'Homo sapiens' 
_entity_src_gen.pdbx_gene_src_ncbi_taxonomy_id     9606 
_entity_src_gen.pdbx_gene_src_variant              ? 
_entity_src_gen.pdbx_gene_src_cell_line            ? 
_entity_src_gen.pdbx_gene_src_atcc                 ? 
_entity_src_gen.pdbx_gene_src_organ                ? 
_entity_src_gen.pdbx_gene_src_organelle            ? 
_entity_src_gen.pdbx_gene_src_cell                 ? 
_entity_src_gen.pdbx_gene_src_cellular_location    ? 
_entity_src_gen.host_org_common_name               ? 
_entity_src_gen.pdbx_host_org_scientific_name      'Escherichia coli' 
_entity_src_gen.pdbx_host_org_ncbi_taxonomy_id     562 
_entity_src_gen.host_org_genus                     ? 
_entity_src_gen.pdbx_host_org_gene                 ? 
_entity_src_gen.pdbx_host_org_organ                ? 
_entity_src_gen.host_org_species                   ? 
_entity_src_gen.pdbx_host_org_tissue               ? 
_entity_src_gen.pdbx_host_org_tissue_fraction      ? 
_entity_src_gen.pdbx_host_org_strain               ? 
_entity_src_gen.pdbx_host_org_variant              ? 
_entity_src_gen.pdbx_host_org_cell_line            ? 
_entity_src_gen.pdbx_host_org_atcc                 ? 
_entity_src_gen.pdbx_host_org_culture_collection   ? 
_entity_src_gen.pdbx_host_org_cell                 ? 
_entity_src_gen.pdbx_host_org_organelle            ? 
_entity_src_gen.pdbx_host_org_cellular_location    ? 
_entity_src_gen.pdbx_host_org_vector_type          ? 
_entity_src_gen.pdbx_host_org_vector               ? 
_entity_src_gen.host_org_details                   ? 
_entity_src_gen.expression_system_id               ? 
_entity_src_gen.plasmid_name                       ? 
_entity_src_gen.plasmid_details                    ? 
_entity_src_gen.pdbx_description                   ? 
# 
loop_
_chem_comp.id 
_chem_comp.type 
_chem_comp.mon_nstd_flag 
_chem_comp.name 
_chem_comp.pdbx_synonyms 
_chem_comp.formula 
_chem_comp.formula_weight 
ALA 'L-peptide linking' y ALANINE                                                                   ? 'C3 H7 N O2'     89.093  
ARG 'L-peptide linking' y ARGININE                                                                  ? 'C6 H15 N4 O2 1' 175.209 
ASN 'L-peptide linking' y ASPARAGINE                                                                ? 'C4 H8 N2 O3'    132.118 
ASP 'L-peptide linking' y 'ASPARTIC ACID'                                                           ? 'C4 H7 N O4'     133.103 
CYS 'L-peptide linking' y CYSTEINE                                                                  ? 'C3 H7 N O2 S'   121.158 
GLN 'L-peptide linking' y GLUTAMINE                                                                 ? 'C5 H10 N2 O3'   146.144 
GLU 'L-peptide linking' y 'GLUTAMIC ACID'                                                           ? 'C5 H9 N O4'     147.129 
GLY 'peptide linking'   y GLYCINE                                                                   ? 'C2 H5 N O2'     75.067  
HIS 'L-peptide linking' y HISTIDINE                                                                 ? 'C6 H10 N3 O2 1' 156.162 
HOH non-polymer         . WATER                                                                     ? 'H2 O'           18.015  
ILE 'L-peptide linking' y ISOLEUCINE                                                                ? 'C6 H13 N O2'    131.173 
LEU 'L-peptide linking' y LEUCINE                                                                   ? 'C6 H13 N O2'    131.173 
LYS 'L-peptide linking' y LYSINE                                                                    ? 'C6 H15 N2 O2 1' 147.195 
MET 'L-peptide linking' y METHIONINE                                                                ? 'C5 H11 N O2 S'  149.211 
PHE 'L-peptide linking' y PHENYLALANINE                                                             ? 'C9 H11 N O2'    165.189 
PRO 'L-peptide linking' y PROLINE                                                                   ? 'C5 H9 N O2'     115.130 
SER 'L-peptide linking' y SERINE                                                                    ? 'C3 H7 N O3'     105.093 
THR 'L-peptide linking' y THREONINE                                                                 ? 'C4 H9 N O3'     119.119 
TRP 'L-peptide linking' y TRYPTOPHAN                                                                ? 'C11 H12 N2 O2'  204.225 
TYR 'L-peptide linking' y TYROSINE                                                                  ? 'C9 H11 N O3'    181.189 
VAL 'L-peptide linking' y VALINE                                                                    ? 'C5 H11 N O2'    117.146 
Y2G non-polymer         . 'N-(2-methoxyethyl)-4-(5-methylfuran-2-carbonyl)piperazine-1-carboxamide' ? 'C14 H21 N3 O4'  295.334 
# 
loop_
_pdbx_poly_seq_scheme.asym_id 
_pdbx_poly_seq_scheme.entity_id 
_pdbx_poly_seq_scheme.seq_id 
_pdbx_poly_seq_scheme.mon_id 
_pdbx_poly_seq_scheme.ndb_seq_num 
_pdbx_poly_seq_scheme.pdb_seq_num 
_pdbx_poly_seq_scheme.auth_seq_num 
_pdbx_poly_seq_scheme.pdb_mon_id 
_pdbx_poly_seq_scheme.auth_mon_id 
_pdbx_poly_seq_scheme.pdb_strand_id 
_pdbx_poly_seq_scheme.pdb_ins_code 
_pdbx_poly_seq_scheme.hetero 
A 1 1   MET 1   1292 ?    ?   ?   A . n 
A 1 2   HIS 2   1293 ?    ?   ?   A . n 
A 1 3   HIS 3   1294 ?    ?   ?   A . n 
A 1 4   HIS 4   1295 ?    ?   ?   A . n 
A 1 5   HIS 5   1296 ?    ?   ?   A . n 
A 1 6   HIS 6   1297 ?    ?   ?   A . n 
A 1 7   HIS 7   1298 ?    ?   ?   A . n 
A 1 8   SER 8   1299 ?    ?   ?   A . n 
A 1 9   SER 9   1300 ?    ?   ?   A . n 
A 1 10  GLY 10  1301 ?    ?   ?   A . n 
A 1 11  VAL 11  1302 ?    ?   ?   A . n 
A 1 12  ASP 12  1303 ?    ?   ?   A . n 
A 1 13  LEU 13  1304 ?    ?   ?   A . n 
A 1 14  GLY 14  1305 ?    ?   ?   A . n 
A 1 15  THR 15  1306 ?    ?   ?   A . n 
A 1 16  GLU 16  1307 ?    ?   ?   A . n 
A 1 17  ASN 17  1308 ?    ?   ?   A . n 
A 1 18  LEU 18  1309 ?    ?   ?   A . n 
A 1 19  TYR 19  1310 ?    ?   ?   A . n 
A 1 20  PHE 20  1311 ?    ?   ?   A . n 
A 1 21  GLN 21  1312 ?    ?   ?   A . n 
A 1 22  SER 22  1313 ?    ?   ?   A . n 
A 1 23  MET 23  1314 ?    ?   ?   A . n 
A 1 24  SER 24  1315 ?    ?   ?   A . n 
A 1 25  TYR 25  1316 1316 TYR TYR A . n 
A 1 26  ASP 26  1317 1317 ASP ASP A . n 
A 1 27  ILE 27  1318 1318 ILE ILE A . n 
A 1 28  GLN 28  1319 1319 GLN GLN A . n 
A 1 29  ALA 29  1320 1320 ALA ALA A . n 
A 1 30  TRP 30  1321 1321 TRP TRP A . n 
A 1 31  LYS 31  1322 1322 LYS LYS A . n 
A 1 32  LYS 32  1323 1323 LYS LYS A . n 
A 1 33  GLN 33  1324 1324 GLN GLN A . n 
A 1 34  CYS 34  1325 1325 CYS CYS A . n 
A 1 35  GLU 35  1326 1326 GLU GLU A . n 
A 1 36  GLU 36  1327 1327 GLU GLU A . n 
A 1 37  LEU 37  1328 1328 LEU LEU A . n 
A 1 38  LEU 38  1329 1329 LEU LEU A . n 
A 1 39  ASN 39  1330 1330 ASN ASN A . n 
A 1 40  LEU 40  1331 1331 LEU LEU A . n 
A 1 41  ILE 41  1332 1332 ILE ILE A . n 
A 1 42  PHE 42  1333 1333 PHE PHE A . n 
A 1 43  GLN 43  1334 1334 GLN GLN A . n 
A 1 44  CYS 44  1335 1335 CYS CYS A . n 
A 1 45  GLU 45  1336 1336 GLU GLU A . n 
A 1 46  ASP 46  1337 1337 ASP ASP A . n 
A 1 47  SER 47  1338 1338 SER SER A . n 
A 1 48  GLU 48  1339 1339 GLU GLU A . n 
A 1 49  PRO 49  1340 1340 PRO PRO A . n 
A 1 50  PHE 50  1341 1341 PHE PHE A . n 
A 1 51  ARG 51  1342 1342 ARG ARG A . n 
A 1 52  GLN 52  1343 1343 GLN GLN A . n 
A 1 53  PRO 53  1344 1344 PRO PRO A . n 
A 1 54  VAL 54  1345 1345 VAL VAL A . n 
A 1 55  ASP 55  1346 1346 ASP ASP A . n 
A 1 56  LEU 56  1347 1347 LEU LEU A . n 
A 1 57  LEU 57  1348 1348 LEU LEU A . n 
A 1 58  GLU 58  1349 1349 GLU GLU A . n 
A 1 59  TYR 59  1350 1350 TYR TYR A . n 
A 1 60  PRO 60  1351 1351 PRO PRO A . n 
A 1 61  ASP 61  1352 1352 ASP ASP A . n 
A 1 62  TYR 62  1353 1353 TYR TYR A . n 
A 1 63  ARG 63  1354 1354 ARG ARG A . n 
A 1 64  ASP 64  1355 1355 ASP ASP A . n 
A 1 65  ILE 65  1356 1356 ILE ILE A . n 
A 1 66  ILE 66  1357 1357 ILE ILE A . n 
A 1 67  ASP 67  1358 1358 ASP ASP A . n 
A 1 68  THR 68  1359 1359 THR THR A . n 
A 1 69  PRO 69  1360 1360 PRO PRO A . n 
A 1 70  MET 70  1361 1361 MET MET A . n 
A 1 71  ASP 71  1362 1362 ASP ASP A . n 
A 1 72  PHE 72  1363 1363 PHE PHE A . n 
A 1 73  ALA 73  1364 1364 ALA ALA A . n 
A 1 74  THR 74  1365 1365 THR THR A . n 
A 1 75  VAL 75  1366 1366 VAL VAL A . n 
A 1 76  ARG 76  1367 1367 ARG ARG A . n 
A 1 77  GLU 77  1368 1368 GLU GLU A . n 
A 1 78  THR 78  1369 1369 THR THR A . n 
A 1 79  LEU 79  1370 1370 LEU LEU A . n 
A 1 80  GLU 80  1371 1371 GLU GLU A . n 
A 1 81  ALA 81  1372 1372 ALA ALA A . n 
A 1 82  GLY 82  1373 1373 GLY GLY A . n 
A 1 83  ASN 83  1374 1374 ASN ASN A . n 
A 1 84  TYR 84  1375 1375 TYR TYR A . n 
A 1 85  GLU 85  1376 1376 GLU GLU A . n 
A 1 86  SER 86  1377 1377 SER SER A . n 
A 1 87  PRO 87  1378 1378 PRO PRO A . n 
A 1 88  MET 88  1379 1379 MET MET A . n 
A 1 89  GLU 89  1380 1380 GLU GLU A . n 
A 1 90  LEU 90  1381 1381 LEU LEU A . n 
A 1 91  CYS 91  1382 1382 CYS CYS A . n 
A 1 92  LYS 92  1383 1383 LYS LYS A . n 
A 1 93  ASP 93  1384 1384 ASP ASP A . n 
A 1 94  VAL 94  1385 1385 VAL VAL A . n 
A 1 95  ARG 95  1386 1386 ARG ARG A . n 
A 1 96  LEU 96  1387 1387 LEU LEU A . n 
A 1 97  ILE 97  1388 1388 ILE ILE A . n 
A 1 98  PHE 98  1389 1389 PHE PHE A . n 
A 1 99  SER 99  1390 1390 SER SER A . n 
A 1 100 ASN 100 1391 1391 ASN ASN A . n 
A 1 101 SER 101 1392 1392 SER SER A . n 
A 1 102 LYS 102 1393 1393 LYS LYS A . n 
A 1 103 ALA 103 1394 1394 ALA ALA A . n 
A 1 104 TYR 104 1395 1395 TYR TYR A . n 
A 1 105 THR 105 1396 1396 THR THR A . n 
A 1 106 PRO 106 1397 1397 PRO PRO A . n 
A 1 107 SER 107 1398 1398 SER SER A . n 
A 1 108 LYS 108 1399 1399 LYS LYS A . n 
A 1 109 ARG 109 1400 1400 ARG ARG A . n 
A 1 110 SER 110 1401 1401 SER SER A . n 
A 1 111 ARG 111 1402 1402 ARG ARG A . n 
A 1 112 ILE 112 1403 1403 ILE ILE A . n 
A 1 113 TYR 113 1404 1404 TYR TYR A . n 
A 1 114 SER 114 1405 1405 SER SER A . n 
A 1 115 MET 115 1406 1406 MET MET A . n 
A 1 116 SER 116 1407 1407 SER SER A . n 
A 1 117 LEU 117 1408 1408 LEU LEU A . n 
A 1 118 ARG 118 1409 1409 ARG ARG A . n 
A 1 119 LEU 119 1410 1410 LEU LEU A . n 
A 1 120 SER 120 1411 1411 SER SER A . n 
A 1 121 ALA 121 1412 1412 ALA ALA A . n 
A 1 122 PHE 122 1413 1413 PHE PHE A . n 
A 1 123 PHE 123 1414 1414 PHE PHE A . n 
A 1 124 GLU 124 1415 1415 GLU GLU A . n 
A 1 125 GLU 125 1416 1416 GLU GLU A . n 
A 1 126 HIS 126 1417 1417 HIS HIS A . n 
A 1 127 ILE 127 1418 1418 ILE ILE A . n 
A 1 128 SER 128 1419 1419 SER SER A . n 
A 1 129 SER 129 1420 1420 SER SER A . n 
A 1 130 VAL 130 1421 1421 VAL VAL A . n 
A 1 131 LEU 131 1422 1422 LEU LEU A . n 
A 1 132 SER 132 1423 1423 SER SER A . n 
A 1 133 ASP 133 1424 1424 ASP ASP A . n 
A 1 134 TYR 134 1425 1425 TYR TYR A . n 
A 1 135 LYS 135 1426 1426 LYS LYS A . n 
A 1 136 SER 136 1427 1427 SER SER A . n 
A 1 137 ALA 137 1428 1428 ALA ALA A . n 
A 1 138 LEU 138 1429 1429 LEU LEU A . n 
A 1 139 ARG 139 1430 1430 ARG ARG A . n 
A 1 140 PHE 140 1431 1431 PHE PHE A . n 
A 1 141 HIS 141 1432 1432 HIS HIS A . n 
A 1 142 LYS 142 1433 1433 LYS LYS A . n 
A 1 143 ARG 143 1434 1434 ARG ARG A . n 
A 1 144 ASN 144 1435 ?    ?   ?   A . n 
A 1 145 THR 145 1436 ?    ?   ?   A . n 
A 1 146 ILE 146 1437 ?    ?   ?   A . n 
A 1 147 THR 147 1438 ?    ?   ?   A . n 
A 1 148 LYS 148 1439 ?    ?   ?   A . n 
A 1 149 ARG 149 1440 ?    ?   ?   A . n 
# 
loop_
_pdbx_nonpoly_scheme.asym_id 
_pdbx_nonpoly_scheme.entity_id 
_pdbx_nonpoly_scheme.mon_id 
_pdbx_nonpoly_scheme.ndb_seq_num 
_pdbx_nonpoly_scheme.pdb_seq_num 
_pdbx_nonpoly_scheme.auth_seq_num 
_pdbx_nonpoly_scheme.pdb_mon_id 
_pdbx_nonpoly_scheme.auth_mon_id 
_pdbx_nonpoly_scheme.pdb_strand_id 
_pdbx_nonpoly_scheme.pdb_ins_code 
B 2 Y2G 1   1501 1501 Y2G LIG A . 
C 3 HOH 1   1601 144  HOH HOH A . 
C 3 HOH 2   1602 98   HOH HOH A . 
C 3 HOH 3   1603 197  HOH HOH A . 
C 3 HOH 4   1604 85   HOH HOH A . 
C 3 HOH 5   1605 151  HOH HOH A . 
C 3 HOH 6   1606 89   HOH HOH A . 
C 3 HOH 7   1607 160  HOH HOH A . 
C 3 HOH 8   1608 124  HOH HOH A . 
C 3 HOH 9   1609 129  HOH HOH A . 
C 3 HOH 10  1610 100  HOH HOH A . 
C 3 HOH 11  1611 70   HOH HOH A . 
C 3 HOH 12  1612 187  HOH HOH A . 
C 3 HOH 13  1613 52   HOH HOH A . 
C 3 HOH 14  1614 7    HOH HOH A . 
C 3 HOH 15  1615 141  HOH HOH A . 
C 3 HOH 16  1616 94   HOH HOH A . 
C 3 HOH 17  1617 72   HOH HOH A . 
C 3 HOH 18  1618 204  HOH HOH A . 
C 3 HOH 19  1619 183  HOH HOH A . 
C 3 HOH 20  1620 172  HOH HOH A . 
C 3 HOH 21  1621 121  HOH HOH A . 
C 3 HOH 22  1622 26   HOH HOH A . 
C 3 HOH 23  1623 9    HOH HOH A . 
C 3 HOH 24  1624 33   HOH HOH A . 
C 3 HOH 25  1625 55   HOH HOH A . 
C 3 HOH 26  1626 25   HOH HOH A . 
C 3 HOH 27  1627 45   HOH HOH A . 
C 3 HOH 28  1628 50   HOH HOH A . 
C 3 HOH 29  1629 17   HOH HOH A . 
C 3 HOH 30  1630 180  HOH HOH A . 
C 3 HOH 31  1631 56   HOH HOH A . 
C 3 HOH 32  1632 16   HOH HOH A . 
C 3 HOH 33  1633 162  HOH HOH A . 
C 3 HOH 34  1634 1    HOH HOH A . 
C 3 HOH 35  1635 159  HOH HOH A . 
C 3 HOH 36  1636 158  HOH HOH A . 
C 3 HOH 37  1637 173  HOH HOH A . 
C 3 HOH 38  1638 184  HOH HOH A . 
C 3 HOH 39  1639 6    HOH HOH A . 
C 3 HOH 40  1640 130  HOH HOH A . 
C 3 HOH 41  1641 20   HOH HOH A . 
C 3 HOH 42  1642 174  HOH HOH A . 
C 3 HOH 43  1643 152  HOH HOH A . 
C 3 HOH 44  1644 75   HOH HOH A . 
C 3 HOH 45  1645 77   HOH HOH A . 
C 3 HOH 46  1646 83   HOH HOH A . 
C 3 HOH 47  1647 69   HOH HOH A . 
C 3 HOH 48  1648 76   HOH HOH A . 
C 3 HOH 49  1649 21   HOH HOH A . 
C 3 HOH 50  1650 31   HOH HOH A . 
C 3 HOH 51  1651 19   HOH HOH A . 
C 3 HOH 52  1652 10   HOH HOH A . 
C 3 HOH 53  1653 139  HOH HOH A . 
C 3 HOH 54  1654 14   HOH HOH A . 
C 3 HOH 55  1655 65   HOH HOH A . 
C 3 HOH 56  1656 5    HOH HOH A . 
C 3 HOH 57  1657 74   HOH HOH A . 
C 3 HOH 58  1658 41   HOH HOH A . 
C 3 HOH 59  1659 28   HOH HOH A . 
C 3 HOH 60  1660 145  HOH HOH A . 
C 3 HOH 61  1661 92   HOH HOH A . 
C 3 HOH 62  1662 84   HOH HOH A . 
C 3 HOH 63  1663 11   HOH HOH A . 
C 3 HOH 64  1664 80   HOH HOH A . 
C 3 HOH 65  1665 54   HOH HOH A . 
C 3 HOH 66  1666 82   HOH HOH A . 
C 3 HOH 67  1667 101  HOH HOH A . 
C 3 HOH 68  1668 4    HOH HOH A . 
C 3 HOH 69  1669 60   HOH HOH A . 
C 3 HOH 70  1670 161  HOH HOH A . 
C 3 HOH 71  1671 3    HOH HOH A . 
C 3 HOH 72  1672 27   HOH HOH A . 
C 3 HOH 73  1673 64   HOH HOH A . 
C 3 HOH 74  1674 39   HOH HOH A . 
C 3 HOH 75  1675 138  HOH HOH A . 
C 3 HOH 76  1676 38   HOH HOH A . 
C 3 HOH 77  1677 140  HOH HOH A . 
C 3 HOH 78  1678 131  HOH HOH A . 
C 3 HOH 79  1679 205  HOH HOH A . 
C 3 HOH 80  1680 71   HOH HOH A . 
C 3 HOH 81  1681 182  HOH HOH A . 
C 3 HOH 82  1682 178  HOH HOH A . 
C 3 HOH 83  1683 59   HOH HOH A . 
C 3 HOH 84  1684 105  HOH HOH A . 
C 3 HOH 85  1685 63   HOH HOH A . 
C 3 HOH 86  1686 36   HOH HOH A . 
C 3 HOH 87  1687 23   HOH HOH A . 
C 3 HOH 88  1688 119  HOH HOH A . 
C 3 HOH 89  1689 135  HOH HOH A . 
C 3 HOH 90  1690 113  HOH HOH A . 
C 3 HOH 91  1691 18   HOH HOH A . 
C 3 HOH 92  1692 62   HOH HOH A . 
C 3 HOH 93  1693 176  HOH HOH A . 
C 3 HOH 94  1694 167  HOH HOH A . 
C 3 HOH 95  1695 81   HOH HOH A . 
C 3 HOH 96  1696 150  HOH HOH A . 
C 3 HOH 97  1697 206  HOH HOH A . 
C 3 HOH 98  1698 171  HOH HOH A . 
C 3 HOH 99  1699 157  HOH HOH A . 
C 3 HOH 100 1700 35   HOH HOH A . 
C 3 HOH 101 1701 127  HOH HOH A . 
C 3 HOH 102 1702 86   HOH HOH A . 
C 3 HOH 103 1703 165  HOH HOH A . 
C 3 HOH 104 1704 48   HOH HOH A . 
C 3 HOH 105 1705 67   HOH HOH A . 
C 3 HOH 106 1706 91   HOH HOH A . 
C 3 HOH 107 1707 40   HOH HOH A . 
C 3 HOH 108 1708 13   HOH HOH A . 
C 3 HOH 109 1709 116  HOH HOH A . 
C 3 HOH 110 1710 122  HOH HOH A . 
C 3 HOH 111 1711 15   HOH HOH A . 
C 3 HOH 112 1712 191  HOH HOH A . 
C 3 HOH 113 1713 177  HOH HOH A . 
C 3 HOH 114 1714 179  HOH HOH A . 
C 3 HOH 115 1715 88   HOH HOH A . 
C 3 HOH 116 1716 137  HOH HOH A . 
C 3 HOH 117 1717 123  HOH HOH A . 
C 3 HOH 118 1718 53   HOH HOH A . 
C 3 HOH 119 1719 29   HOH HOH A . 
C 3 HOH 120 1720 117  HOH HOH A . 
C 3 HOH 121 1721 90   HOH HOH A . 
C 3 HOH 122 1722 2    HOH HOH A . 
C 3 HOH 123 1723 22   HOH HOH A . 
C 3 HOH 124 1724 154  HOH HOH A . 
C 3 HOH 125 1725 95   HOH HOH A . 
C 3 HOH 126 1726 108  HOH HOH A . 
C 3 HOH 127 1727 96   HOH HOH A . 
C 3 HOH 128 1728 49   HOH HOH A . 
C 3 HOH 129 1729 195  HOH HOH A . 
C 3 HOH 130 1730 118  HOH HOH A . 
C 3 HOH 131 1731 125  HOH HOH A . 
C 3 HOH 132 1732 120  HOH HOH A . 
C 3 HOH 133 1733 34   HOH HOH A . 
C 3 HOH 134 1734 109  HOH HOH A . 
C 3 HOH 135 1735 136  HOH HOH A . 
C 3 HOH 136 1736 57   HOH HOH A . 
C 3 HOH 137 1737 134  HOH HOH A . 
C 3 HOH 138 1738 181  HOH HOH A . 
C 3 HOH 139 1739 146  HOH HOH A . 
C 3 HOH 140 1740 106  HOH HOH A . 
C 3 HOH 141 1741 164  HOH HOH A . 
C 3 HOH 142 1742 44   HOH HOH A . 
C 3 HOH 143 1743 175  HOH HOH A . 
C 3 HOH 144 1744 12   HOH HOH A . 
C 3 HOH 145 1745 126  HOH HOH A . 
C 3 HOH 146 1746 155  HOH HOH A . 
C 3 HOH 147 1747 166  HOH HOH A . 
C 3 HOH 148 1748 194  HOH HOH A . 
C 3 HOH 149 1749 132  HOH HOH A . 
C 3 HOH 150 1750 115  HOH HOH A . 
C 3 HOH 151 1751 104  HOH HOH A . 
C 3 HOH 152 1752 153  HOH HOH A . 
C 3 HOH 153 1753 185  HOH HOH A . 
C 3 HOH 154 1754 112  HOH HOH A . 
C 3 HOH 155 1755 202  HOH HOH A . 
C 3 HOH 156 1756 8    HOH HOH A . 
C 3 HOH 157 1757 107  HOH HOH A . 
C 3 HOH 158 1758 114  HOH HOH A . 
C 3 HOH 159 1759 186  HOH HOH A . 
C 3 HOH 160 1760 37   HOH HOH A . 
C 3 HOH 161 1761 30   HOH HOH A . 
C 3 HOH 162 1762 163  HOH HOH A . 
C 3 HOH 163 1763 198  HOH HOH A . 
C 3 HOH 164 1764 110  HOH HOH A . 
C 3 HOH 165 1765 61   HOH HOH A . 
C 3 HOH 166 1766 188  HOH HOH A . 
C 3 HOH 167 1767 190  HOH HOH A . 
C 3 HOH 168 1768 199  HOH HOH A . 
C 3 HOH 169 1769 133  HOH HOH A . 
C 3 HOH 170 1770 193  HOH HOH A . 
C 3 HOH 171 1771 149  HOH HOH A . 
C 3 HOH 172 1772 51   HOH HOH A . 
C 3 HOH 173 1773 201  HOH HOH A . 
C 3 HOH 174 1774 102  HOH HOH A . 
C 3 HOH 175 1775 78   HOH HOH A . 
C 3 HOH 176 1776 68   HOH HOH A . 
C 3 HOH 177 1777 73   HOH HOH A . 
C 3 HOH 178 1778 168  HOH HOH A . 
C 3 HOH 179 1779 46   HOH HOH A . 
C 3 HOH 180 1780 170  HOH HOH A . 
C 3 HOH 181 1781 87   HOH HOH A . 
C 3 HOH 182 1782 97   HOH HOH A . 
C 3 HOH 183 1783 196  HOH HOH A . 
C 3 HOH 184 1784 200  HOH HOH A . 
C 3 HOH 185 1785 93   HOH HOH A . 
C 3 HOH 186 1786 148  HOH HOH A . 
C 3 HOH 187 1787 192  HOH HOH A . 
C 3 HOH 188 1788 103  HOH HOH A . 
C 3 HOH 189 1789 111  HOH HOH A . 
C 3 HOH 190 1790 156  HOH HOH A . 
C 3 HOH 191 1791 189  HOH HOH A . 
C 3 HOH 192 1792 203  HOH HOH A . 
C 3 HOH 193 1793 79   HOH HOH A . 
# 
loop_
_pdbx_unobs_or_zero_occ_atoms.id 
_pdbx_unobs_or_zero_occ_atoms.PDB_model_num 
_pdbx_unobs_or_zero_occ_atoms.polymer_flag 
_pdbx_unobs_or_zero_occ_atoms.occupancy_flag 
_pdbx_unobs_or_zero_occ_atoms.auth_asym_id 
_pdbx_unobs_or_zero_occ_atoms.auth_comp_id 
_pdbx_unobs_or_zero_occ_atoms.auth_seq_id 
_pdbx_unobs_or_zero_occ_atoms.PDB_ins_code 
_pdbx_unobs_or_zero_occ_atoms.auth_atom_id 
_pdbx_unobs_or_zero_occ_atoms.label_alt_id 
_pdbx_unobs_or_zero_occ_atoms.label_asym_id 
_pdbx_unobs_or_zero_occ_atoms.label_comp_id 
_pdbx_unobs_or_zero_occ_atoms.label_seq_id 
_pdbx_unobs_or_zero_occ_atoms.label_atom_id 
1 1 Y 1 A LYS 1323 ? CE ? A LYS 32 CE 
2 1 Y 1 A LYS 1323 ? NZ ? A LYS 32 NZ 
# 
loop_
_software.pdbx_ordinal 
_software.name 
_software.version 
_software.date 
_software.type 
_software.contact_author 
_software.contact_author_email 
_software.classification 
_software.location 
_software.language 
_software.citation_id 
1 REFMAC      5.8.0267 ?               program 'Garib N. Murshudov' garib@ysbl.york.ac.uk    refinement        
http://www.ccp4.ac.uk/dist/html/refmac5.html        Fortran_77 ? 
2 Aimless     0.7.4    13/12/18        program 'Phil Evans'         ?                        'data scaling'    
http://www.mrc-lmb.cam.ac.uk/harry/pre/aimless.html ?          ? 
3 PDB_EXTRACT 3.23     'SEP. 23, 2016' package PDB                  deposit@deposit.rcsb.org 'data extraction' 
http://sw-tools.pdb.org/apps/PDB_EXTRACT/           C++        ? 
4 XDS         .        ?               program ?                    ?                        'data reduction'  ? ?          ? 
5 REFMAC      .        ?               program ?                    ?                        phasing           ? ?          ? 
# 
_cell.entry_id           5S92 
_cell.length_a           81.643 
_cell.length_b           26.989 
_cell.length_c           55.818 
_cell.angle_alpha        90.000 
_cell.angle_beta         99.920 
_cell.angle_gamma        90.000 
_cell.Z_PDB              4 
_cell.pdbx_unique_axis   ? 
# 
_symmetry.entry_id                         5S92 
_symmetry.space_group_name_H-M             'C 1 2 1' 
_symmetry.pdbx_full_space_group_name_H-M   ? 
_symmetry.cell_setting                     ? 
_symmetry.Int_Tables_number                5 
# 
_exptl.crystals_number   1 
_exptl.entry_id          5S92 
_exptl.method            'X-RAY DIFFRACTION' 
# 
_exptl_crystal.id                    1 
_exptl_crystal.pdbx_mosaicity        0.000 
_exptl_crystal.pdbx_mosaicity_esd    ? 
_exptl_crystal.density_Matthews      1.72 
_exptl_crystal.density_diffrn        ? 
_exptl_crystal.density_meas          ? 
_exptl_crystal.density_meas_temp     ? 
_exptl_crystal.density_percent_sol   28.41 
_exptl_crystal.size_max              ? 
_exptl_crystal.size_mid              ? 
_exptl_crystal.size_min              ? 
_exptl_crystal.size_rad              ? 
_exptl_crystal.description           ? 
_exptl_crystal.preparation           ? 
# 
_exptl_crystal_grow.crystal_id      1 
_exptl_crystal_grow.method          'VAPOR DIFFUSION, SITTING DROP' 
_exptl_crystal_grow.pH              5.6 
_exptl_crystal_grow.temp            277 
_exptl_crystal_grow.pdbx_details    '20% PEG 8000, 0.04M POTASSIUM PHOSPHATE' 
_exptl_crystal_grow.temp_details    ? 
_exptl_crystal_grow.pdbx_pH_range   ? 
# 
_diffrn.id                               1 
_diffrn.ambient_temp                     100 
_diffrn.crystal_id                       1 
_diffrn.ambient_temp_details             ? 
_diffrn.pdbx_serial_crystal_experiment   ? 
# 
_diffrn_detector.detector               PIXEL 
_diffrn_detector.type                   'DECTRIS PILATUS 6M' 
_diffrn_detector.pdbx_collection_date   2020-08-10 
_diffrn_detector.diffrn_id              1 
_diffrn_detector.details                ? 
# 
_diffrn_radiation.diffrn_id                        1 
_diffrn_radiation.wavelength_id                    1 
_diffrn_radiation.pdbx_diffrn_protocol             'SINGLE WAVELENGTH' 
_diffrn_radiation.pdbx_monochromatic_or_laue_m_l   ? 
_diffrn_radiation.monochromator                    ? 
_diffrn_radiation.pdbx_scattering_type             x-ray 
# 
_diffrn_radiation_wavelength.id           1 
_diffrn_radiation_wavelength.wavelength   0.9126 
_diffrn_radiation_wavelength.wt           1.0 
# 
_diffrn_source.diffrn_id                   1 
_diffrn_source.source                      SYNCHROTRON 
_diffrn_source.type                        'DIAMOND BEAMLINE I04-1' 
_diffrn_source.pdbx_wavelength_list        0.9126 
_diffrn_source.pdbx_synchrotron_site       Diamond 
_diffrn_source.pdbx_synchrotron_beamline   I04-1 
_diffrn_source.pdbx_wavelength             ? 
# 
_reflns.entry_id                     5S92 
_reflns.pdbx_diffrn_id               1 
_reflns.pdbx_ordinal                 1 
_reflns.observed_criterion_sigma_I   ? 
_reflns.observed_criterion_sigma_F   ? 
_reflns.d_resolution_low             54.990 
_reflns.d_resolution_high            1.190 
_reflns.number_obs                   34124 
_reflns.number_all                   ? 
_reflns.percent_possible_obs         87.800 
_reflns.pdbx_Rmerge_I_obs            0.054 
_reflns.pdbx_Rsym_value              ? 
_reflns.pdbx_netI_over_sigmaI        6.800 
_reflns.B_iso_Wilson_estimate        ? 
_reflns.pdbx_redundancy              2.400 
_reflns.pdbx_Rrim_I_all              0.067 
_reflns.pdbx_Rpim_I_all              0.039 
_reflns.pdbx_CC_half                 0.993 
_reflns.pdbx_netI_over_av_sigmaI     ? 
_reflns.pdbx_number_measured_all     81989 
_reflns.pdbx_scaling_rejects         180 
_reflns.pdbx_chi_squared             ? 
_reflns.Rmerge_F_all                 ? 
_reflns.Rmerge_F_obs                 ? 
_reflns.observed_criterion_F_max     ? 
_reflns.observed_criterion_F_min     ? 
_reflns.observed_criterion_I_max     ? 
_reflns.observed_criterion_I_min     ? 
_reflns.pdbx_d_res_high_opt          ? 
_reflns.pdbx_d_res_low_opt           ? 
_reflns.details                      ? 
_reflns.pdbx_CC_star                 ? 
# 
loop_
_reflns_shell.pdbx_diffrn_id 
_reflns_shell.pdbx_ordinal 
_reflns_shell.d_res_high 
_reflns_shell.d_res_low 
_reflns_shell.number_measured_obs 
_reflns_shell.number_measured_all 
_reflns_shell.number_unique_obs 
_reflns_shell.pdbx_rejects 
_reflns_shell.Rmerge_I_obs 
_reflns_shell.meanI_over_sigI_obs 
_reflns_shell.pdbx_Rsym_value 
_reflns_shell.pdbx_chi_squared 
_reflns_shell.pdbx_redundancy 
_reflns_shell.percent_possible_obs 
_reflns_shell.pdbx_netI_over_sigmaI_obs 
_reflns_shell.number_possible 
_reflns_shell.number_unique_all 
_reflns_shell.Rmerge_F_all 
_reflns_shell.Rmerge_F_obs 
_reflns_shell.Rmerge_I_all 
_reflns_shell.meanI_over_sigI_all 
_reflns_shell.percent_possible_all 
_reflns_shell.pdbx_Rrim_I_all 
_reflns_shell.pdbx_Rpim_I_all 
_reflns_shell.pdbx_CC_half 
_reflns_shell.pdbx_CC_star 
1 1 1.190 1.210  ? 791 ? ? 0.959 ? ? ? 1.100 ? 0.300  ? 742 ? ? ? ? 40.000 1.356 0.959 0.504 ? 
1 2 6.520 54.990 ? 783 ? ? 0.033 ? ? ? 2.900 ? 23.900 ? 268 ? ? ? ? 98.500 0.040 0.022 0.997 ? 
# 
_refine.entry_id                                 5S92 
_refine.pdbx_refine_id                           'X-RAY DIFFRACTION' 
_refine.ls_d_res_high                            1.1900 
_refine.ls_d_res_low                             54.9800 
_refine.pdbx_ls_sigma_F                          0.000 
_refine.pdbx_data_cutoff_high_absF               ? 
_refine.pdbx_data_cutoff_low_absF                ? 
_refine.ls_percent_reflns_obs                    82.6700 
_refine.ls_number_reflns_obs                     30619 
_refine.ls_number_reflns_all                     ? 
_refine.pdbx_ls_cross_valid_method               THROUGHOUT 
_refine.ls_matrix_type                           ? 
_refine.pdbx_R_Free_selection_details            RANDOM 
_refine.details                                  
'HYDROGENS HAVE BEEN ADDED IN THE RIDING POSITIONS U VALUES      : REFINED INDIVIDUALLY' 
_refine.ls_R_factor_all                          ? 
_refine.ls_R_factor_obs                          0.2009 
_refine.ls_R_factor_R_work                       0.1995 
_refine.ls_wR_factor_R_work                      ? 
_refine.ls_R_factor_R_free                       0.2275 
_refine.ls_wR_factor_R_free                      ? 
_refine.ls_percent_reflns_R_free                 5.0000 
_refine.ls_number_reflns_R_free                  1595 
_refine.ls_number_reflns_R_work                  ? 
_refine.ls_R_factor_R_free_error                 ? 
_refine.B_iso_mean                               16.3820 
_refine.solvent_model_param_bsol                 ? 
_refine.solvent_model_param_ksol                 ? 
_refine.pdbx_isotropic_thermal_model             ? 
_refine.aniso_B[1][1]                            -0.3200 
_refine.aniso_B[2][2]                            0.9200 
_refine.aniso_B[3][3]                            -0.7500 
_refine.aniso_B[1][2]                            0.0000 
_refine.aniso_B[1][3]                            0.5500 
_refine.aniso_B[2][3]                            -0.0000 
_refine.correlation_coeff_Fo_to_Fc               0.9680 
_refine.correlation_coeff_Fo_to_Fc_free          0.9550 
_refine.overall_SU_R_Cruickshank_DPI             ? 
_refine.pdbx_overall_SU_R_free_Cruickshank_DPI   ? 
_refine.pdbx_overall_SU_R_Blow_DPI               ? 
_refine.pdbx_overall_SU_R_free_Blow_DPI          ? 
_refine.overall_SU_R_free                        ? 
_refine.pdbx_overall_ESU_R                       0.0700 
_refine.pdbx_overall_ESU_R_Free                  0.0700 
_refine.overall_SU_ML                            0.0780 
_refine.overall_SU_B                             2.0230 
_refine.solvent_model_details                    MASK 
_refine.pdbx_solvent_vdw_probe_radii             1.2000 
_refine.pdbx_solvent_ion_probe_radii             0.8000 
_refine.pdbx_solvent_shrinkage_radii             0.8000 
_refine.ls_number_parameters                     ? 
_refine.ls_number_restraints                     ? 
_refine.pdbx_starting_model                      5RJI 
_refine.pdbx_method_to_determine_struct          'FOURIER SYNTHESIS' 
_refine.pdbx_stereochemistry_target_values       'MAXIMUM LIKELIHOOD' 
_refine.pdbx_stereochem_target_val_spec_case     ? 
_refine.overall_FOM_work_R_set                   ? 
_refine.B_iso_max                                80.070 
_refine.B_iso_min                                8.590 
_refine.pdbx_overall_phase_error                 ? 
_refine.occupancy_max                            ? 
_refine.occupancy_min                            ? 
_refine.pdbx_diffrn_id                           1 
_refine.pdbx_TLS_residual_ADP_flag               ? 
_refine.pdbx_ls_sigma_I                          ? 
_refine.pdbx_data_cutoff_high_rms_absF           ? 
_refine.ls_R_factor_R_free_error_details         ? 
# 
_refine_hist.cycle_id                         final 
_refine_hist.pdbx_refine_id                   'X-RAY DIFFRACTION' 
_refine_hist.d_res_high                       1.1900 
_refine_hist.d_res_low                        54.9800 
_refine_hist.pdbx_number_atoms_ligand         21 
_refine_hist.number_atoms_solvent             193 
_refine_hist.number_atoms_total               1204 
_refine_hist.pdbx_number_residues_total       119 
_refine_hist.pdbx_B_iso_mean_ligand           9.50 
_refine_hist.pdbx_B_iso_mean_solvent          28.30 
_refine_hist.pdbx_number_atoms_protein        990 
_refine_hist.pdbx_number_atoms_nucleic_acid   0 
# 
loop_
_refine_ls_restr.pdbx_refine_id 
_refine_ls_restr.type 
_refine_ls_restr.number 
_refine_ls_restr.dev_ideal 
_refine_ls_restr.dev_ideal_target 
_refine_ls_restr.weight 
_refine_ls_restr.pdbx_restraint_function 
'X-RAY DIFFRACTION' r_bond_refined_d       1939 0.011  0.014  ? ? 
'X-RAY DIFFRACTION' r_bond_other_d         1416 0.001  0.017  ? ? 
'X-RAY DIFFRACTION' r_angle_refined_deg    2170 1.523  1.647  ? ? 
'X-RAY DIFFRACTION' r_angle_other_deg      3320 1.495  1.619  ? ? 
'X-RAY DIFFRACTION' r_dihedral_angle_1_deg 211  5.163  5.000  ? ? 
'X-RAY DIFFRACTION' r_dihedral_angle_2_deg 89   30.467 22.697 ? ? 
'X-RAY DIFFRACTION' r_dihedral_angle_3_deg 276  14.381 15.000 ? ? 
'X-RAY DIFFRACTION' r_dihedral_angle_4_deg 12   13.291 15.000 ? ? 
'X-RAY DIFFRACTION' r_chiral_restr         192  0.081  0.200  ? ? 
'X-RAY DIFFRACTION' r_gen_planes_refined   1986 0.008  0.020  ? ? 
'X-RAY DIFFRACTION' r_gen_planes_other     358  0.002  0.020  ? ? 
'X-RAY DIFFRACTION' r_mcbond_it            938  0.945  1.533  ? ? 
'X-RAY DIFFRACTION' r_mcbond_other         922  0.953  1.507  ? ? 
'X-RAY DIFFRACTION' r_mcangle_it           991  1.553  2.231  ? ? 
# 
_refine_ls_shell.d_res_high                       1.1890 
_refine_ls_shell.d_res_low                        1.2200 
_refine_ls_shell.pdbx_total_number_of_bins_used   20 
_refine_ls_shell.percent_reflns_obs               19.6400 
_refine_ls_shell.number_reflns_R_work             536 
_refine_ls_shell.R_factor_all                     ? 
_refine_ls_shell.R_factor_R_work                  0.4700 
_refine_ls_shell.R_factor_R_free                  0.3840 
_refine_ls_shell.percent_reflns_R_free            ? 
_refine_ls_shell.number_reflns_R_free             25 
_refine_ls_shell.R_factor_R_free_error            ? 
_refine_ls_shell.number_reflns_all                561 
_refine_ls_shell.number_reflns_obs                ? 
_refine_ls_shell.pdbx_refine_id                   'X-RAY DIFFRACTION' 
_refine_ls_shell.R_factor_obs                     ? 
# 
_struct.entry_id                  5S92 
_struct.title                     
'PanDDA analysis group deposition -- Crystal Structure of PHIP in complex with Z198194396 synthetic derivative' 
_struct.pdbx_model_details        ? 
_struct.pdbx_CASP_flag            ? 
_struct.pdbx_model_type_details   ? 
# 
_struct_keywords.entry_id        5S92 
_struct_keywords.text            
;SGC - Diamond I04-1 fragment screening, PanDDA, XChemExplorer, Robotic chemistry, Crystal soaking, Reaction crudes, SIGNALING PROTEIN
;
_struct_keywords.pdbx_keywords   'SIGNALING PROTEIN' 
# 
loop_
_struct_asym.id 
_struct_asym.pdbx_blank_PDB_chainid_flag 
_struct_asym.pdbx_modified 
_struct_asym.entity_id 
_struct_asym.details 
A N N 1 ? 
B N N 2 ? 
C N N 3 ? 
# 
_struct_ref.id                         1 
_struct_ref.db_name                    UNP 
_struct_ref.db_code                    PHIP_HUMAN 
_struct_ref.pdbx_db_accession          Q8WWQ0 
_struct_ref.pdbx_db_isoform            ? 
_struct_ref.entity_id                  1 
_struct_ref.pdbx_seq_one_letter_code   
;SYDIQAWKKQCEELLNLIFQCEDSEPFRQPVDLLEYPDYRDIIDTPMDFATVRETLEAGNYESPMELCKDVRLIFSNSKA
YTPSKRSRIYSMSLRLSAFFEEHISSVLSDYKSALRFHKRNTITKR
;
_struct_ref.pdbx_align_begin           1315 
# 
_struct_ref_seq.align_id                      1 
_struct_ref_seq.ref_id                        1 
_struct_ref_seq.pdbx_PDB_id_code              5S92 
_struct_ref_seq.pdbx_strand_id                A 
_struct_ref_seq.seq_align_beg                 24 
_struct_ref_seq.pdbx_seq_align_beg_ins_code   ? 
_struct_ref_seq.seq_align_end                 149 
_struct_ref_seq.pdbx_seq_align_end_ins_code   ? 
_struct_ref_seq.pdbx_db_accession             Q8WWQ0 
_struct_ref_seq.db_align_beg                  1315 
_struct_ref_seq.pdbx_db_align_beg_ins_code    ? 
_struct_ref_seq.db_align_end                  1440 
_struct_ref_seq.pdbx_db_align_end_ins_code    ? 
_struct_ref_seq.pdbx_auth_seq_align_beg       1315 
_struct_ref_seq.pdbx_auth_seq_align_end       1440 
# 
loop_
_struct_ref_seq_dif.align_id 
_struct_ref_seq_dif.pdbx_pdb_id_code 
_struct_ref_seq_dif.mon_id 
_struct_ref_seq_dif.pdbx_pdb_strand_id 
_struct_ref_seq_dif.seq_num 
_struct_ref_seq_dif.pdbx_pdb_ins_code 
_struct_ref_seq_dif.pdbx_seq_db_name 
_struct_ref_seq_dif.pdbx_seq_db_accession_code 
_struct_ref_seq_dif.db_mon_id 
_struct_ref_seq_dif.pdbx_seq_db_seq_num 
_struct_ref_seq_dif.details 
_struct_ref_seq_dif.pdbx_auth_seq_num 
_struct_ref_seq_dif.pdbx_ordinal 
1 5S92 MET A 1  ? UNP Q8WWQ0 ? ? 'initiating methionine' 1292 1  
1 5S92 HIS A 2  ? UNP Q8WWQ0 ? ? 'expression tag'        1293 2  
1 5S92 HIS A 3  ? UNP Q8WWQ0 ? ? 'expression tag'        1294 3  
1 5S92 HIS A 4  ? UNP Q8WWQ0 ? ? 'expression tag'        1295 4  
1 5S92 HIS A 5  ? UNP Q8WWQ0 ? ? 'expression tag'        1296 5  
1 5S92 HIS A 6  ? UNP Q8WWQ0 ? ? 'expression tag'        1297 6  
1 5S92 HIS A 7  ? UNP Q8WWQ0 ? ? 'expression tag'        1298 7  
1 5S92 SER A 8  ? UNP Q8WWQ0 ? ? 'expression tag'        1299 8  
1 5S92 SER A 9  ? UNP Q8WWQ0 ? ? 'expression tag'        1300 9  
1 5S92 GLY A 10 ? UNP Q8WWQ0 ? ? 'expression tag'        1301 10 
1 5S92 VAL A 11 ? UNP Q8WWQ0 ? ? 'expression tag'        1302 11 
1 5S92 ASP A 12 ? UNP Q8WWQ0 ? ? 'expression tag'        1303 12 
1 5S92 LEU A 13 ? UNP Q8WWQ0 ? ? 'expression tag'        1304 13 
1 5S92 GLY A 14 ? UNP Q8WWQ0 ? ? 'expression tag'        1305 14 
1 5S92 THR A 15 ? UNP Q8WWQ0 ? ? 'expression tag'        1306 15 
1 5S92 GLU A 16 ? UNP Q8WWQ0 ? ? 'expression tag'        1307 16 
1 5S92 ASN A 17 ? UNP Q8WWQ0 ? ? 'expression tag'        1308 17 
1 5S92 LEU A 18 ? UNP Q8WWQ0 ? ? 'expression tag'        1309 18 
1 5S92 TYR A 19 ? UNP Q8WWQ0 ? ? 'expression tag'        1310 19 
1 5S92 PHE A 20 ? UNP Q8WWQ0 ? ? 'expression tag'        1311 20 
1 5S92 GLN A 21 ? UNP Q8WWQ0 ? ? 'expression tag'        1312 21 
1 5S92 SER A 22 ? UNP Q8WWQ0 ? ? 'expression tag'        1313 22 
1 5S92 MET A 23 ? UNP Q8WWQ0 ? ? 'expression tag'        1314 23 
# 
_pdbx_struct_assembly.id                   1 
_pdbx_struct_assembly.details              author_and_software_defined_assembly 
_pdbx_struct_assembly.method_details       PISA 
_pdbx_struct_assembly.oligomeric_details   monomeric 
_pdbx_struct_assembly.oligomeric_count     1 
# 
_pdbx_struct_assembly_gen.assembly_id       1 
_pdbx_struct_assembly_gen.oper_expression   1 
_pdbx_struct_assembly_gen.asym_id_list      A,B,C 
# 
_pdbx_struct_oper_list.id                   1 
_pdbx_struct_oper_list.type                 'identity operation' 
_pdbx_struct_oper_list.name                 1_555 
_pdbx_struct_oper_list.symmetry_operation   x,y,z 
_pdbx_struct_oper_list.matrix[1][1]         1.0000000000 
_pdbx_struct_oper_list.matrix[1][2]         0.0000000000 
_pdbx_struct_oper_list.matrix[1][3]         0.0000000000 
_pdbx_struct_oper_list.vector[1]            0.0000000000 
_pdbx_struct_oper_list.matrix[2][1]         0.0000000000 
_pdbx_struct_oper_list.matrix[2][2]         1.0000000000 
_pdbx_struct_oper_list.matrix[2][3]         0.0000000000 
_pdbx_struct_oper_list.vector[2]            0.0000000000 
_pdbx_struct_oper_list.matrix[3][1]         0.0000000000 
_pdbx_struct_oper_list.matrix[3][2]         0.0000000000 
_pdbx_struct_oper_list.matrix[3][3]         1.0000000000 
_pdbx_struct_oper_list.vector[3]            0.0000000000 
# 
loop_
_struct_conf.conf_type_id 
_struct_conf.id 
_struct_conf.pdbx_PDB_helix_id 
_struct_conf.beg_label_comp_id 
_struct_conf.beg_label_asym_id 
_struct_conf.beg_label_seq_id 
_struct_conf.pdbx_beg_PDB_ins_code 
_struct_conf.end_label_comp_id 
_struct_conf.end_label_asym_id 
_struct_conf.end_label_seq_id 
_struct_conf.pdbx_end_PDB_ins_code 
_struct_conf.beg_auth_comp_id 
_struct_conf.beg_auth_asym_id 
_struct_conf.beg_auth_seq_id 
_struct_conf.end_auth_comp_id 
_struct_conf.end_auth_asym_id 
_struct_conf.end_auth_seq_id 
_struct_conf.pdbx_PDB_helix_class 
_struct_conf.details 
_struct_conf.pdbx_PDB_helix_length 
HELX_P HELX_P1 AA1 ALA A 29  ? CYS A 44  ? ALA A 1320 CYS A 1335 1 ? 16 
HELX_P HELX_P2 AA2 GLU A 45  ? ARG A 51  ? GLU A 1336 ARG A 1342 5 ? 7  
HELX_P HELX_P3 AA3 ASP A 61  ? ILE A 66  ? ASP A 1352 ILE A 1357 1 ? 6  
HELX_P HELX_P4 AA4 ASP A 71  ? ALA A 81  ? ASP A 1362 ALA A 1372 1 ? 11 
HELX_P HELX_P5 AA5 SER A 86  ? THR A 105 ? SER A 1377 THR A 1396 1 ? 20 
HELX_P HELX_P6 AA6 SER A 110 ? ARG A 143 ? SER A 1401 ARG A 1434 1 ? 34 
# 
_struct_conf_type.id          HELX_P 
_struct_conf_type.criteria    ? 
_struct_conf_type.reference   ? 
# 
_struct_site.id                   AC1 
_struct_site.pdbx_evidence_code   Software 
_struct_site.pdbx_auth_asym_id    A 
_struct_site.pdbx_auth_comp_id    Y2G 
_struct_site.pdbx_auth_seq_id     1501 
_struct_site.pdbx_auth_ins_code   ? 
_struct_site.pdbx_num_residues    15 
_struct_site.details              'binding site for residue Y2G A 1501' 
# 
loop_
_struct_site_gen.id 
_struct_site_gen.site_id 
_struct_site_gen.pdbx_num_res 
_struct_site_gen.label_comp_id 
_struct_site_gen.label_asym_id 
_struct_site_gen.label_seq_id 
_struct_site_gen.pdbx_auth_ins_code 
_struct_site_gen.auth_comp_id 
_struct_site_gen.auth_asym_id 
_struct_site_gen.auth_seq_id 
_struct_site_gen.label_atom_id 
_struct_site_gen.label_alt_id 
_struct_site_gen.symmetry 
_struct_site_gen.details 
1  AC1 15 GLU A 48  ? GLU A 1339 . ? 1_555 ? 
2  AC1 15 PRO A 49  ? PRO A 1340 . ? 1_555 ? 
3  AC1 15 GLN A 52  ? GLN A 1343 . ? 1_555 ? 
4  AC1 15 PRO A 53  ? PRO A 1344 . ? 1_555 ? 
5  AC1 15 VAL A 54  ? VAL A 1345 . ? 1_555 ? 
6  AC1 15 TYR A 59  ? TYR A 1350 . ? 1_555 ? 
7  AC1 15 SER A 101 ? SER A 1392 . ? 1_555 ? 
8  AC1 15 TYR A 104 ? TYR A 1395 . ? 1_555 ? 
9  AC1 15 THR A 105 ? THR A 1396 . ? 1_555 ? 
10 AC1 15 SER A 107 ? SER A 1398 . ? 4_456 ? 
11 AC1 15 ILE A 112 ? ILE A 1403 . ? 1_555 ? 
12 AC1 15 HOH C .   ? HOH A 1618 . ? 1_555 ? 
13 AC1 15 HOH C .   ? HOH A 1629 . ? 1_555 ? 
14 AC1 15 HOH C .   ? HOH A 1649 . ? 4_456 ? 
15 AC1 15 HOH C .   ? HOH A 1691 . ? 1_555 ? 
# 
loop_
_pdbx_validate_close_contact.id 
_pdbx_validate_close_contact.PDB_model_num 
_pdbx_validate_close_contact.auth_atom_id_1 
_pdbx_validate_close_contact.auth_asym_id_1 
_pdbx_validate_close_contact.auth_comp_id_1 
_pdbx_validate_close_contact.auth_seq_id_1 
_pdbx_validate_close_contact.PDB_ins_code_1 
_pdbx_validate_close_contact.label_alt_id_1 
_pdbx_validate_close_contact.auth_atom_id_2 
_pdbx_validate_close_contact.auth_asym_id_2 
_pdbx_validate_close_contact.auth_comp_id_2 
_pdbx_validate_close_contact.auth_seq_id_2 
_pdbx_validate_close_contact.PDB_ins_code_2 
_pdbx_validate_close_contact.label_alt_id_2 
_pdbx_validate_close_contact.dist 
1 1 O A HOH 1675 ? ? O A HOH 1712 ? ? 1.57 
2 1 O A HOH 1736 ? ? O A HOH 1746 ? ? 1.71 
3 1 O A HOH 1726 ? ? O A HOH 1737 ? ? 2.09 
4 1 O A HOH 1750 ? ? O A HOH 1768 ? ? 2.10 
5 1 O A HOH 1657 ? ? O A HOH 1778 ? ? 2.12 
6 1 O A HOH 1675 ? ? O A HOH 1787 ? ? 2.17 
# 
_pdbx_validate_symm_contact.id                1 
_pdbx_validate_symm_contact.PDB_model_num     1 
_pdbx_validate_symm_contact.auth_atom_id_1    O 
_pdbx_validate_symm_contact.auth_asym_id_1    A 
_pdbx_validate_symm_contact.auth_comp_id_1    HOH 
_pdbx_validate_symm_contact.auth_seq_id_1     1602 
_pdbx_validate_symm_contact.PDB_ins_code_1    ? 
_pdbx_validate_symm_contact.label_alt_id_1    ? 
_pdbx_validate_symm_contact.site_symmetry_1   1_555 
_pdbx_validate_symm_contact.auth_atom_id_2    O 
_pdbx_validate_symm_contact.auth_asym_id_2    A 
_pdbx_validate_symm_contact.auth_comp_id_2    HOH 
_pdbx_validate_symm_contact.auth_seq_id_2     1740 
_pdbx_validate_symm_contact.PDB_ins_code_2    ? 
_pdbx_validate_symm_contact.label_alt_id_2    ? 
_pdbx_validate_symm_contact.site_symmetry_2   2_555 
_pdbx_validate_symm_contact.dist              1.82 
# 
_pdbx_validate_rmsd_bond.id                        1 
_pdbx_validate_rmsd_bond.PDB_model_num             1 
_pdbx_validate_rmsd_bond.auth_atom_id_1            C 
_pdbx_validate_rmsd_bond.auth_asym_id_1            A 
_pdbx_validate_rmsd_bond.auth_comp_id_1            CYS 
_pdbx_validate_rmsd_bond.auth_seq_id_1             1382 
_pdbx_validate_rmsd_bond.PDB_ins_code_1            ? 
_pdbx_validate_rmsd_bond.label_alt_id_1            A 
_pdbx_validate_rmsd_bond.auth_atom_id_2            O 
_pdbx_validate_rmsd_bond.auth_asym_id_2            A 
_pdbx_validate_rmsd_bond.auth_comp_id_2            CYS 
_pdbx_validate_rmsd_bond.auth_seq_id_2             1382 
_pdbx_validate_rmsd_bond.PDB_ins_code_2            ? 
_pdbx_validate_rmsd_bond.label_alt_id_2            A 
_pdbx_validate_rmsd_bond.bond_value                1.349 
_pdbx_validate_rmsd_bond.bond_target_value         1.229 
_pdbx_validate_rmsd_bond.bond_deviation            0.120 
_pdbx_validate_rmsd_bond.bond_standard_deviation   0.019 
_pdbx_validate_rmsd_bond.linker_flag               N 
# 
_pdbx_struct_special_symmetry.id              1 
_pdbx_struct_special_symmetry.PDB_model_num   1 
_pdbx_struct_special_symmetry.auth_asym_id    A 
_pdbx_struct_special_symmetry.auth_comp_id    HOH 
_pdbx_struct_special_symmetry.auth_seq_id     1789 
_pdbx_struct_special_symmetry.PDB_ins_code    ? 
_pdbx_struct_special_symmetry.label_asym_id   C 
_pdbx_struct_special_symmetry.label_comp_id   HOH 
_pdbx_struct_special_symmetry.label_seq_id    . 
# 
_phasing.method   MR 
# 
loop_
_pdbx_unobs_or_zero_occ_residues.id 
_pdbx_unobs_or_zero_occ_residues.PDB_model_num 
_pdbx_unobs_or_zero_occ_residues.polymer_flag 
_pdbx_unobs_or_zero_occ_residues.occupancy_flag 
_pdbx_unobs_or_zero_occ_residues.auth_asym_id 
_pdbx_unobs_or_zero_occ_residues.auth_comp_id 
_pdbx_unobs_or_zero_occ_residues.auth_seq_id 
_pdbx_unobs_or_zero_occ_residues.PDB_ins_code 
_pdbx_unobs_or_zero_occ_residues.label_asym_id 
_pdbx_unobs_or_zero_occ_residues.label_comp_id 
_pdbx_unobs_or_zero_occ_residues.label_seq_id 
1  1 Y 1 A MET 1292 ? A MET 1   
2  1 Y 1 A HIS 1293 ? A HIS 2   
3  1 Y 1 A HIS 1294 ? A HIS 3   
4  1 Y 1 A HIS 1295 ? A HIS 4   
5  1 Y 1 A HIS 1296 ? A HIS 5   
6  1 Y 1 A HIS 1297 ? A HIS 6   
7  1 Y 1 A HIS 1298 ? A HIS 7   
8  1 Y 1 A SER 1299 ? A SER 8   
9  1 Y 1 A SER 1300 ? A SER 9   
10 1 Y 1 A GLY 1301 ? A GLY 10  
11 1 Y 1 A VAL 1302 ? A VAL 11  
12 1 Y 1 A ASP 1303 ? A ASP 12  
13 1 Y 1 A LEU 1304 ? A LEU 13  
14 1 Y 1 A GLY 1305 ? A GLY 14  
15 1 Y 1 A THR 1306 ? A THR 15  
16 1 Y 1 A GLU 1307 ? A GLU 16  
17 1 Y 1 A ASN 1308 ? A ASN 17  
18 1 Y 1 A LEU 1309 ? A LEU 18  
19 1 Y 1 A TYR 1310 ? A TYR 19  
20 1 Y 1 A PHE 1311 ? A PHE 20  
21 1 Y 1 A GLN 1312 ? A GLN 21  
22 1 Y 1 A SER 1313 ? A SER 22  
23 1 Y 1 A MET 1314 ? A MET 23  
24 1 Y 1 A SER 1315 ? A SER 24  
25 1 Y 1 A ASN 1435 ? A ASN 144 
26 1 Y 1 A THR 1436 ? A THR 145 
27 1 Y 1 A ILE 1437 ? A ILE 146 
28 1 Y 1 A THR 1438 ? A THR 147 
29 1 Y 1 A LYS 1439 ? A LYS 148 
30 1 Y 1 A ARG 1440 ? A ARG 149 
# 
loop_
_chem_comp_atom.comp_id 
_chem_comp_atom.atom_id 
_chem_comp_atom.type_symbol 
_chem_comp_atom.pdbx_aromatic_flag 
_chem_comp_atom.pdbx_stereo_config 
_chem_comp_atom.pdbx_ordinal 
ALA N    N N N 1   
ALA CA   C N S 2   
ALA C    C N N 3   
ALA O    O N N 4   
ALA CB   C N N 5   
ALA OXT  O N N 6   
ALA H    H N N 7   
ALA H2   H N N 8   
ALA HA   H N N 9   
ALA HB1  H N N 10  
ALA HB2  H N N 11  
ALA HB3  H N N 12  
ALA HXT  H N N 13  
ARG N    N N N 14  
ARG CA   C N S 15  
ARG C    C N N 16  
ARG O    O N N 17  
ARG CB   C N N 18  
ARG CG   C N N 19  
ARG CD   C N N 20  
ARG NE   N N N 21  
ARG CZ   C N N 22  
ARG NH1  N N N 23  
ARG NH2  N N N 24  
ARG OXT  O N N 25  
ARG H    H N N 26  
ARG H2   H N N 27  
ARG HA   H N N 28  
ARG HB2  H N N 29  
ARG HB3  H N N 30  
ARG HG2  H N N 31  
ARG HG3  H N N 32  
ARG HD2  H N N 33  
ARG HD3  H N N 34  
ARG HE   H N N 35  
ARG HH11 H N N 36  
ARG HH12 H N N 37  
ARG HH21 H N N 38  
ARG HH22 H N N 39  
ARG HXT  H N N 40  
ASN N    N N N 41  
ASN CA   C N S 42  
ASN C    C N N 43  
ASN O    O N N 44  
ASN CB   C N N 45  
ASN CG   C N N 46  
ASN OD1  O N N 47  
ASN ND2  N N N 48  
ASN OXT  O N N 49  
ASN H    H N N 50  
ASN H2   H N N 51  
ASN HA   H N N 52  
ASN HB2  H N N 53  
ASN HB3  H N N 54  
ASN HD21 H N N 55  
ASN HD22 H N N 56  
ASN HXT  H N N 57  
ASP N    N N N 58  
ASP CA   C N S 59  
ASP C    C N N 60  
ASP O    O N N 61  
ASP CB   C N N 62  
ASP CG   C N N 63  
ASP OD1  O N N 64  
ASP OD2  O N N 65  
ASP OXT  O N N 66  
ASP H    H N N 67  
ASP H2   H N N 68  
ASP HA   H N N 69  
ASP HB2  H N N 70  
ASP HB3  H N N 71  
ASP HD2  H N N 72  
ASP HXT  H N N 73  
CYS N    N N N 74  
CYS CA   C N R 75  
CYS C    C N N 76  
CYS O    O N N 77  
CYS CB   C N N 78  
CYS SG   S N N 79  
CYS OXT  O N N 80  
CYS H    H N N 81  
CYS H2   H N N 82  
CYS HA   H N N 83  
CYS HB2  H N N 84  
CYS HB3  H N N 85  
CYS HG   H N N 86  
CYS HXT  H N N 87  
GLN N    N N N 88  
GLN CA   C N S 89  
GLN C    C N N 90  
GLN O    O N N 91  
GLN CB   C N N 92  
GLN CG   C N N 93  
GLN CD   C N N 94  
GLN OE1  O N N 95  
GLN NE2  N N N 96  
GLN OXT  O N N 97  
GLN H    H N N 98  
GLN H2   H N N 99  
GLN HA   H N N 100 
GLN HB2  H N N 101 
GLN HB3  H N N 102 
GLN HG2  H N N 103 
GLN HG3  H N N 104 
GLN HE21 H N N 105 
GLN HE22 H N N 106 
GLN HXT  H N N 107 
GLU N    N N N 108 
GLU CA   C N S 109 
GLU C    C N N 110 
GLU O    O N N 111 
GLU CB   C N N 112 
GLU CG   C N N 113 
GLU CD   C N N 114 
GLU OE1  O N N 115 
GLU OE2  O N N 116 
GLU OXT  O N N 117 
GLU H    H N N 118 
GLU H2   H N N 119 
GLU HA   H N N 120 
GLU HB2  H N N 121 
GLU HB3  H N N 122 
GLU HG2  H N N 123 
GLU HG3  H N N 124 
GLU HE2  H N N 125 
GLU HXT  H N N 126 
GLY N    N N N 127 
GLY CA   C N N 128 
GLY C    C N N 129 
GLY O    O N N 130 
GLY OXT  O N N 131 
GLY H    H N N 132 
GLY H2   H N N 133 
GLY HA2  H N N 134 
GLY HA3  H N N 135 
GLY HXT  H N N 136 
HIS N    N N N 137 
HIS CA   C N S 138 
HIS C    C N N 139 
HIS O    O N N 140 
HIS CB   C N N 141 
HIS CG   C Y N 142 
HIS ND1  N Y N 143 
HIS CD2  C Y N 144 
HIS CE1  C Y N 145 
HIS NE2  N Y N 146 
HIS OXT  O N N 147 
HIS H    H N N 148 
HIS H2   H N N 149 
HIS HA   H N N 150 
HIS HB2  H N N 151 
HIS HB3  H N N 152 
HIS HD1  H N N 153 
HIS HD2  H N N 154 
HIS HE1  H N N 155 
HIS HE2  H N N 156 
HIS HXT  H N N 157 
HOH O    O N N 158 
HOH H1   H N N 159 
HOH H2   H N N 160 
ILE N    N N N 161 
ILE CA   C N S 162 
ILE C    C N N 163 
ILE O    O N N 164 
ILE CB   C N S 165 
ILE CG1  C N N 166 
ILE CG2  C N N 167 
ILE CD1  C N N 168 
ILE OXT  O N N 169 
ILE H    H N N 170 
ILE H2   H N N 171 
ILE HA   H N N 172 
ILE HB   H N N 173 
ILE HG12 H N N 174 
ILE HG13 H N N 175 
ILE HG21 H N N 176 
ILE HG22 H N N 177 
ILE HG23 H N N 178 
ILE HD11 H N N 179 
ILE HD12 H N N 180 
ILE HD13 H N N 181 
ILE HXT  H N N 182 
LEU N    N N N 183 
LEU CA   C N S 184 
LEU C    C N N 185 
LEU O    O N N 186 
LEU CB   C N N 187 
LEU CG   C N N 188 
LEU CD1  C N N 189 
LEU CD2  C N N 190 
LEU OXT  O N N 191 
LEU H    H N N 192 
LEU H2   H N N 193 
LEU HA   H N N 194 
LEU HB2  H N N 195 
LEU HB3  H N N 196 
LEU HG   H N N 197 
LEU HD11 H N N 198 
LEU HD12 H N N 199 
LEU HD13 H N N 200 
LEU HD21 H N N 201 
LEU HD22 H N N 202 
LEU HD23 H N N 203 
LEU HXT  H N N 204 
LYS N    N N N 205 
LYS CA   C N S 206 
LYS C    C N N 207 
LYS O    O N N 208 
LYS CB   C N N 209 
LYS CG   C N N 210 
LYS CD   C N N 211 
LYS CE   C N N 212 
LYS NZ   N N N 213 
LYS OXT  O N N 214 
LYS H    H N N 215 
LYS H2   H N N 216 
LYS HA   H N N 217 
LYS HB2  H N N 218 
LYS HB3  H N N 219 
LYS HG2  H N N 220 
LYS HG3  H N N 221 
LYS HD2  H N N 222 
LYS HD3  H N N 223 
LYS HE2  H N N 224 
LYS HE3  H N N 225 
LYS HZ1  H N N 226 
LYS HZ2  H N N 227 
LYS HZ3  H N N 228 
LYS HXT  H N N 229 
MET N    N N N 230 
MET CA   C N S 231 
MET C    C N N 232 
MET O    O N N 233 
MET CB   C N N 234 
MET CG   C N N 235 
MET SD   S N N 236 
MET CE   C N N 237 
MET OXT  O N N 238 
MET H    H N N 239 
MET H2   H N N 240 
MET HA   H N N 241 
MET HB2  H N N 242 
MET HB3  H N N 243 
MET HG2  H N N 244 
MET HG3  H N N 245 
MET HE1  H N N 246 
MET HE2  H N N 247 
MET HE3  H N N 248 
MET HXT  H N N 249 
PHE N    N N N 250 
PHE CA   C N S 251 
PHE C    C N N 252 
PHE O    O N N 253 
PHE CB   C N N 254 
PHE CG   C Y N 255 
PHE CD1  C Y N 256 
PHE CD2  C Y N 257 
PHE CE1  C Y N 258 
PHE CE2  C Y N 259 
PHE CZ   C Y N 260 
PHE OXT  O N N 261 
PHE H    H N N 262 
PHE H2   H N N 263 
PHE HA   H N N 264 
PHE HB2  H N N 265 
PHE HB3  H N N 266 
PHE HD1  H N N 267 
PHE HD2  H N N 268 
PHE HE1  H N N 269 
PHE HE2  H N N 270 
PHE HZ   H N N 271 
PHE HXT  H N N 272 
PRO N    N N N 273 
PRO CA   C N S 274 
PRO C    C N N 275 
PRO O    O N N 276 
PRO CB   C N N 277 
PRO CG   C N N 278 
PRO CD   C N N 279 
PRO OXT  O N N 280 
PRO H    H N N 281 
PRO HA   H N N 282 
PRO HB2  H N N 283 
PRO HB3  H N N 284 
PRO HG2  H N N 285 
PRO HG3  H N N 286 
PRO HD2  H N N 287 
PRO HD3  H N N 288 
PRO HXT  H N N 289 
SER N    N N N 290 
SER CA   C N S 291 
SER C    C N N 292 
SER O    O N N 293 
SER CB   C N N 294 
SER OG   O N N 295 
SER OXT  O N N 296 
SER H    H N N 297 
SER H2   H N N 298 
SER HA   H N N 299 
SER HB2  H N N 300 
SER HB3  H N N 301 
SER HG   H N N 302 
SER HXT  H N N 303 
THR N    N N N 304 
THR CA   C N S 305 
THR C    C N N 306 
THR O    O N N 307 
THR CB   C N R 308 
THR OG1  O N N 309 
THR CG2  C N N 310 
THR OXT  O N N 311 
THR H    H N N 312 
THR H2   H N N 313 
THR HA   H N N 314 
THR HB   H N N 315 
THR HG1  H N N 316 
THR HG21 H N N 317 
THR HG22 H N N 318 
THR HG23 H N N 319 
THR HXT  H N N 320 
TRP N    N N N 321 
TRP CA   C N S 322 
TRP C    C N N 323 
TRP O    O N N 324 
TRP CB   C N N 325 
TRP CG   C Y N 326 
TRP CD1  C Y N 327 
TRP CD2  C Y N 328 
TRP NE1  N Y N 329 
TRP CE2  C Y N 330 
TRP CE3  C Y N 331 
TRP CZ2  C Y N 332 
TRP CZ3  C Y N 333 
TRP CH2  C Y N 334 
TRP OXT  O N N 335 
TRP H    H N N 336 
TRP H2   H N N 337 
TRP HA   H N N 338 
TRP HB2  H N N 339 
TRP HB3  H N N 340 
TRP HD1  H N N 341 
TRP HE1  H N N 342 
TRP HE3  H N N 343 
TRP HZ2  H N N 344 
TRP HZ3  H N N 345 
TRP HH2  H N N 346 
TRP HXT  H N N 347 
TYR N    N N N 348 
TYR CA   C N S 349 
TYR C    C N N 350 
TYR O    O N N 351 
TYR CB   C N N 352 
TYR CG   C Y N 353 
TYR CD1  C Y N 354 
TYR CD2  C Y N 355 
TYR CE1  C Y N 356 
TYR CE2  C Y N 357 
TYR CZ   C Y N 358 
TYR OH   O N N 359 
TYR OXT  O N N 360 
TYR H    H N N 361 
TYR H2   H N N 362 
TYR HA   H N N 363 
TYR HB2  H N N 364 
TYR HB3  H N N 365 
TYR HD1  H N N 366 
TYR HD2  H N N 367 
TYR HE1  H N N 368 
TYR HE2  H N N 369 
TYR HH   H N N 370 
TYR HXT  H N N 371 
VAL N    N N N 372 
VAL CA   C N S 373 
VAL C    C N N 374 
VAL O    O N N 375 
VAL CB   C N N 376 
VAL CG1  C N N 377 
VAL CG2  C N N 378 
VAL OXT  O N N 379 
VAL H    H N N 380 
VAL H2   H N N 381 
VAL HA   H N N 382 
VAL HB   H N N 383 
VAL HG11 H N N 384 
VAL HG12 H N N 385 
VAL HG13 H N N 386 
VAL HG21 H N N 387 
VAL HG22 H N N 388 
VAL HG23 H N N 389 
VAL HXT  H N N 390 
Y2G N1   N N N 391 
Y2G C4   C N N 392 
Y2G C5   C N N 393 
Y2G C6   C N N 394 
Y2G C7   C Y N 395 
Y2G C8   C Y N 396 
Y2G C10  C Y N 397 
Y2G C13  C N N 398 
Y2G N    N N N 399 
Y2G C    C N N 400 
Y2G O    O N N 401 
Y2G C1   C N N 402 
Y2G C11  C N N 403 
Y2G C12  C N N 404 
Y2G C2   C N N 405 
Y2G C3   C N N 406 
Y2G C9   C Y N 407 
Y2G N2   N N N 408 
Y2G O1   O N N 409 
Y2G O2   O N N 410 
Y2G O3   O Y N 411 
Y2G H8   H N N 412 
Y2G H9   H N N 413 
Y2G H11  H N N 414 
Y2G H10  H N N 415 
Y2G H12  H N N 416 
Y2G H20  H N N 417 
Y2G H19  H N N 418 
Y2G H7   H N N 419 
Y2G H    H N N 420 
Y2G H1   H N N 421 
Y2G H2   H N N 422 
Y2G H4   H N N 423 
Y2G H3   H N N 424 
Y2G H16  H N N 425 
Y2G H15  H N N 426 
Y2G H14  H N N 427 
Y2G H17  H N N 428 
Y2G H18  H N N 429 
Y2G H6   H N N 430 
Y2G H5   H N N 431 
Y2G H13  H N N 432 
# 
loop_
_chem_comp_bond.comp_id 
_chem_comp_bond.atom_id_1 
_chem_comp_bond.atom_id_2 
_chem_comp_bond.value_order 
_chem_comp_bond.pdbx_aromatic_flag 
_chem_comp_bond.pdbx_stereo_config 
_chem_comp_bond.pdbx_ordinal 
ALA N   CA   sing N N 1   
ALA N   H    sing N N 2   
ALA N   H2   sing N N 3   
ALA CA  C    sing N N 4   
ALA CA  CB   sing N N 5   
ALA CA  HA   sing N N 6   
ALA C   O    doub N N 7   
ALA C   OXT  sing N N 8   
ALA CB  HB1  sing N N 9   
ALA CB  HB2  sing N N 10  
ALA CB  HB3  sing N N 11  
ALA OXT HXT  sing N N 12  
ARG N   CA   sing N N 13  
ARG N   H    sing N N 14  
ARG N   H2   sing N N 15  
ARG CA  C    sing N N 16  
ARG CA  CB   sing N N 17  
ARG CA  HA   sing N N 18  
ARG C   O    doub N N 19  
ARG C   OXT  sing N N 20  
ARG CB  CG   sing N N 21  
ARG CB  HB2  sing N N 22  
ARG CB  HB3  sing N N 23  
ARG CG  CD   sing N N 24  
ARG CG  HG2  sing N N 25  
ARG CG  HG3  sing N N 26  
ARG CD  NE   sing N N 27  
ARG CD  HD2  sing N N 28  
ARG CD  HD3  sing N N 29  
ARG NE  CZ   sing N N 30  
ARG NE  HE   sing N N 31  
ARG CZ  NH1  sing N N 32  
ARG CZ  NH2  doub N N 33  
ARG NH1 HH11 sing N N 34  
ARG NH1 HH12 sing N N 35  
ARG NH2 HH21 sing N N 36  
ARG NH2 HH22 sing N N 37  
ARG OXT HXT  sing N N 38  
ASN N   CA   sing N N 39  
ASN N   H    sing N N 40  
ASN N   H2   sing N N 41  
ASN CA  C    sing N N 42  
ASN CA  CB   sing N N 43  
ASN CA  HA   sing N N 44  
ASN C   O    doub N N 45  
ASN C   OXT  sing N N 46  
ASN CB  CG   sing N N 47  
ASN CB  HB2  sing N N 48  
ASN CB  HB3  sing N N 49  
ASN CG  OD1  doub N N 50  
ASN CG  ND2  sing N N 51  
ASN ND2 HD21 sing N N 52  
ASN ND2 HD22 sing N N 53  
ASN OXT HXT  sing N N 54  
ASP N   CA   sing N N 55  
ASP N   H    sing N N 56  
ASP N   H2   sing N N 57  
ASP CA  C    sing N N 58  
ASP CA  CB   sing N N 59  
ASP CA  HA   sing N N 60  
ASP C   O    doub N N 61  
ASP C   OXT  sing N N 62  
ASP CB  CG   sing N N 63  
ASP CB  HB2  sing N N 64  
ASP CB  HB3  sing N N 65  
ASP CG  OD1  doub N N 66  
ASP CG  OD2  sing N N 67  
ASP OD2 HD2  sing N N 68  
ASP OXT HXT  sing N N 69  
CYS N   CA   sing N N 70  
CYS N   H    sing N N 71  
CYS N   H2   sing N N 72  
CYS CA  C    sing N N 73  
CYS CA  CB   sing N N 74  
CYS CA  HA   sing N N 75  
CYS C   O    doub N N 76  
CYS C   OXT  sing N N 77  
CYS CB  SG   sing N N 78  
CYS CB  HB2  sing N N 79  
CYS CB  HB3  sing N N 80  
CYS SG  HG   sing N N 81  
CYS OXT HXT  sing N N 82  
GLN N   CA   sing N N 83  
GLN N   H    sing N N 84  
GLN N   H2   sing N N 85  
GLN CA  C    sing N N 86  
GLN CA  CB   sing N N 87  
GLN CA  HA   sing N N 88  
GLN C   O    doub N N 89  
GLN C   OXT  sing N N 90  
GLN CB  CG   sing N N 91  
GLN CB  HB2  sing N N 92  
GLN CB  HB3  sing N N 93  
GLN CG  CD   sing N N 94  
GLN CG  HG2  sing N N 95  
GLN CG  HG3  sing N N 96  
GLN CD  OE1  doub N N 97  
GLN CD  NE2  sing N N 98  
GLN NE2 HE21 sing N N 99  
GLN NE2 HE22 sing N N 100 
GLN OXT HXT  sing N N 101 
GLU N   CA   sing N N 102 
GLU N   H    sing N N 103 
GLU N   H2   sing N N 104 
GLU CA  C    sing N N 105 
GLU CA  CB   sing N N 106 
GLU CA  HA   sing N N 107 
GLU C   O    doub N N 108 
GLU C   OXT  sing N N 109 
GLU CB  CG   sing N N 110 
GLU CB  HB2  sing N N 111 
GLU CB  HB3  sing N N 112 
GLU CG  CD   sing N N 113 
GLU CG  HG2  sing N N 114 
GLU CG  HG3  sing N N 115 
GLU CD  OE1  doub N N 116 
GLU CD  OE2  sing N N 117 
GLU OE2 HE2  sing N N 118 
GLU OXT HXT  sing N N 119 
GLY N   CA   sing N N 120 
GLY N   H    sing N N 121 
GLY N   H2   sing N N 122 
GLY CA  C    sing N N 123 
GLY CA  HA2  sing N N 124 
GLY CA  HA3  sing N N 125 
GLY C   O    doub N N 126 
GLY C   OXT  sing N N 127 
GLY OXT HXT  sing N N 128 
HIS N   CA   sing N N 129 
HIS N   H    sing N N 130 
HIS N   H2   sing N N 131 
HIS CA  C    sing N N 132 
HIS CA  CB   sing N N 133 
HIS CA  HA   sing N N 134 
HIS C   O    doub N N 135 
HIS C   OXT  sing N N 136 
HIS CB  CG   sing N N 137 
HIS CB  HB2  sing N N 138 
HIS CB  HB3  sing N N 139 
HIS CG  ND1  sing Y N 140 
HIS CG  CD2  doub Y N 141 
HIS ND1 CE1  doub Y N 142 
HIS ND1 HD1  sing N N 143 
HIS CD2 NE2  sing Y N 144 
HIS CD2 HD2  sing N N 145 
HIS CE1 NE2  sing Y N 146 
HIS CE1 HE1  sing N N 147 
HIS NE2 HE2  sing N N 148 
HIS OXT HXT  sing N N 149 
HOH O   H1   sing N N 150 
HOH O   H2   sing N N 151 
ILE N   CA   sing N N 152 
ILE N   H    sing N N 153 
ILE N   H2   sing N N 154 
ILE CA  C    sing N N 155 
ILE CA  CB   sing N N 156 
ILE CA  HA   sing N N 157 
ILE C   O    doub N N 158 
ILE C   OXT  sing N N 159 
ILE CB  CG1  sing N N 160 
ILE CB  CG2  sing N N 161 
ILE CB  HB   sing N N 162 
ILE CG1 CD1  sing N N 163 
ILE CG1 HG12 sing N N 164 
ILE CG1 HG13 sing N N 165 
ILE CG2 HG21 sing N N 166 
ILE CG2 HG22 sing N N 167 
ILE CG2 HG23 sing N N 168 
ILE CD1 HD11 sing N N 169 
ILE CD1 HD12 sing N N 170 
ILE CD1 HD13 sing N N 171 
ILE OXT HXT  sing N N 172 
LEU N   CA   sing N N 173 
LEU N   H    sing N N 174 
LEU N   H2   sing N N 175 
LEU CA  C    sing N N 176 
LEU CA  CB   sing N N 177 
LEU CA  HA   sing N N 178 
LEU C   O    doub N N 179 
LEU C   OXT  sing N N 180 
LEU CB  CG   sing N N 181 
LEU CB  HB2  sing N N 182 
LEU CB  HB3  sing N N 183 
LEU CG  CD1  sing N N 184 
LEU CG  CD2  sing N N 185 
LEU CG  HG   sing N N 186 
LEU CD1 HD11 sing N N 187 
LEU CD1 HD12 sing N N 188 
LEU CD1 HD13 sing N N 189 
LEU CD2 HD21 sing N N 190 
LEU CD2 HD22 sing N N 191 
LEU CD2 HD23 sing N N 192 
LEU OXT HXT  sing N N 193 
LYS N   CA   sing N N 194 
LYS N   H    sing N N 195 
LYS N   H2   sing N N 196 
LYS CA  C    sing N N 197 
LYS CA  CB   sing N N 198 
LYS CA  HA   sing N N 199 
LYS C   O    doub N N 200 
LYS C   OXT  sing N N 201 
LYS CB  CG   sing N N 202 
LYS CB  HB2  sing N N 203 
LYS CB  HB3  sing N N 204 
LYS CG  CD   sing N N 205 
LYS CG  HG2  sing N N 206 
LYS CG  HG3  sing N N 207 
LYS CD  CE   sing N N 208 
LYS CD  HD2  sing N N 209 
LYS CD  HD3  sing N N 210 
LYS CE  NZ   sing N N 211 
LYS CE  HE2  sing N N 212 
LYS CE  HE3  sing N N 213 
LYS NZ  HZ1  sing N N 214 
LYS NZ  HZ2  sing N N 215 
LYS NZ  HZ3  sing N N 216 
LYS OXT HXT  sing N N 217 
MET N   CA   sing N N 218 
MET N   H    sing N N 219 
MET N   H2   sing N N 220 
MET CA  C    sing N N 221 
MET CA  CB   sing N N 222 
MET CA  HA   sing N N 223 
MET C   O    doub N N 224 
MET C   OXT  sing N N 225 
MET CB  CG   sing N N 226 
MET CB  HB2  sing N N 227 
MET CB  HB3  sing N N 228 
MET CG  SD   sing N N 229 
MET CG  HG2  sing N N 230 
MET CG  HG3  sing N N 231 
MET SD  CE   sing N N 232 
MET CE  HE1  sing N N 233 
MET CE  HE2  sing N N 234 
MET CE  HE3  sing N N 235 
MET OXT HXT  sing N N 236 
PHE N   CA   sing N N 237 
PHE N   H    sing N N 238 
PHE N   H2   sing N N 239 
PHE CA  C    sing N N 240 
PHE CA  CB   sing N N 241 
PHE CA  HA   sing N N 242 
PHE C   O    doub N N 243 
PHE C   OXT  sing N N 244 
PHE CB  CG   sing N N 245 
PHE CB  HB2  sing N N 246 
PHE CB  HB3  sing N N 247 
PHE CG  CD1  doub Y N 248 
PHE CG  CD2  sing Y N 249 
PHE CD1 CE1  sing Y N 250 
PHE CD1 HD1  sing N N 251 
PHE CD2 CE2  doub Y N 252 
PHE CD2 HD2  sing N N 253 
PHE CE1 CZ   doub Y N 254 
PHE CE1 HE1  sing N N 255 
PHE CE2 CZ   sing Y N 256 
PHE CE2 HE2  sing N N 257 
PHE CZ  HZ   sing N N 258 
PHE OXT HXT  sing N N 259 
PRO N   CA   sing N N 260 
PRO N   CD   sing N N 261 
PRO N   H    sing N N 262 
PRO CA  C    sing N N 263 
PRO CA  CB   sing N N 264 
PRO CA  HA   sing N N 265 
PRO C   O    doub N N 266 
PRO C   OXT  sing N N 267 
PRO CB  CG   sing N N 268 
PRO CB  HB2  sing N N 269 
PRO CB  HB3  sing N N 270 
PRO CG  CD   sing N N 271 
PRO CG  HG2  sing N N 272 
PRO CG  HG3  sing N N 273 
PRO CD  HD2  sing N N 274 
PRO CD  HD3  sing N N 275 
PRO OXT HXT  sing N N 276 
SER N   CA   sing N N 277 
SER N   H    sing N N 278 
SER N   H2   sing N N 279 
SER CA  C    sing N N 280 
SER CA  CB   sing N N 281 
SER CA  HA   sing N N 282 
SER C   O    doub N N 283 
SER C   OXT  sing N N 284 
SER CB  OG   sing N N 285 
SER CB  HB2  sing N N 286 
SER CB  HB3  sing N N 287 
SER OG  HG   sing N N 288 
SER OXT HXT  sing N N 289 
THR N   CA   sing N N 290 
THR N   H    sing N N 291 
THR N   H2   sing N N 292 
THR CA  C    sing N N 293 
THR CA  CB   sing N N 294 
THR CA  HA   sing N N 295 
THR C   O    doub N N 296 
THR C   OXT  sing N N 297 
THR CB  OG1  sing N N 298 
THR CB  CG2  sing N N 299 
THR CB  HB   sing N N 300 
THR OG1 HG1  sing N N 301 
THR CG2 HG21 sing N N 302 
THR CG2 HG22 sing N N 303 
THR CG2 HG23 sing N N 304 
THR OXT HXT  sing N N 305 
TRP N   CA   sing N N 306 
TRP N   H    sing N N 307 
TRP N   H2   sing N N 308 
TRP CA  C    sing N N 309 
TRP CA  CB   sing N N 310 
TRP CA  HA   sing N N 311 
TRP C   O    doub N N 312 
TRP C   OXT  sing N N 313 
TRP CB  CG   sing N N 314 
TRP CB  HB2  sing N N 315 
TRP CB  HB3  sing N N 316 
TRP CG  CD1  doub Y N 317 
TRP CG  CD2  sing Y N 318 
TRP CD1 NE1  sing Y N 319 
TRP CD1 HD1  sing N N 320 
TRP CD2 CE2  doub Y N 321 
TRP CD2 CE3  sing Y N 322 
TRP NE1 CE2  sing Y N 323 
TRP NE1 HE1  sing N N 324 
TRP CE2 CZ2  sing Y N 325 
TRP CE3 CZ3  doub Y N 326 
TRP CE3 HE3  sing N N 327 
TRP CZ2 CH2  doub Y N 328 
TRP CZ2 HZ2  sing N N 329 
TRP CZ3 CH2  sing Y N 330 
TRP CZ3 HZ3  sing N N 331 
TRP CH2 HH2  sing N N 332 
TRP OXT HXT  sing N N 333 
TYR N   CA   sing N N 334 
TYR N   H    sing N N 335 
TYR N   H2   sing N N 336 
TYR CA  C    sing N N 337 
TYR CA  CB   sing N N 338 
TYR CA  HA   sing N N 339 
TYR C   O    doub N N 340 
TYR C   OXT  sing N N 341 
TYR CB  CG   sing N N 342 
TYR CB  HB2  sing N N 343 
TYR CB  HB3  sing N N 344 
TYR CG  CD1  doub Y N 345 
TYR CG  CD2  sing Y N 346 
TYR CD1 CE1  sing Y N 347 
TYR CD1 HD1  sing N N 348 
TYR CD2 CE2  doub Y N 349 
TYR CD2 HD2  sing N N 350 
TYR CE1 CZ   doub Y N 351 
TYR CE1 HE1  sing N N 352 
TYR CE2 CZ   sing Y N 353 
TYR CE2 HE2  sing N N 354 
TYR CZ  OH   sing N N 355 
TYR OH  HH   sing N N 356 
TYR OXT HXT  sing N N 357 
VAL N   CA   sing N N 358 
VAL N   H    sing N N 359 
VAL N   H2   sing N N 360 
VAL CA  C    sing N N 361 
VAL CA  CB   sing N N 362 
VAL CA  HA   sing N N 363 
VAL C   O    doub N N 364 
VAL C   OXT  sing N N 365 
VAL CB  CG1  sing N N 366 
VAL CB  CG2  sing N N 367 
VAL CB  HB   sing N N 368 
VAL CG1 HG11 sing N N 369 
VAL CG1 HG12 sing N N 370 
VAL CG1 HG13 sing N N 371 
VAL CG2 HG21 sing N N 372 
VAL CG2 HG22 sing N N 373 
VAL CG2 HG23 sing N N 374 
VAL OXT HXT  sing N N 375 
Y2G C   O    sing N N 376 
Y2G O   C1   sing N N 377 
Y2G C1  C2   sing N N 378 
Y2G C2  N    sing N N 379 
Y2G N   C3   sing N N 380 
Y2G O1  C3   doub N N 381 
Y2G C3  N1   sing N N 382 
Y2G N1  C4   sing N N 383 
Y2G C4  C5   sing N N 384 
Y2G C5  N2   sing N N 385 
Y2G N2  C6   sing N N 386 
Y2G C6  O2   doub N N 387 
Y2G C7  C6   sing N N 388 
Y2G C7  C8   doub Y N 389 
Y2G C8  C9   sing Y N 390 
Y2G C9  C10  doub Y N 391 
Y2G C11 C10  sing N N 392 
Y2G C10 O3   sing Y N 393 
Y2G O3  C7   sing Y N 394 
Y2G C12 N2   sing N N 395 
Y2G C13 C12  sing N N 396 
Y2G N1  C13  sing N N 397 
Y2G C4  H8   sing N N 398 
Y2G C4  H9   sing N N 399 
Y2G C5  H11  sing N N 400 
Y2G C5  H10  sing N N 401 
Y2G C8  H12  sing N N 402 
Y2G C13 H20  sing N N 403 
Y2G C13 H19  sing N N 404 
Y2G N   H7   sing N N 405 
Y2G C   H    sing N N 406 
Y2G C   H1   sing N N 407 
Y2G C   H2   sing N N 408 
Y2G C1  H4   sing N N 409 
Y2G C1  H3   sing N N 410 
Y2G C11 H16  sing N N 411 
Y2G C11 H15  sing N N 412 
Y2G C11 H14  sing N N 413 
Y2G C12 H17  sing N N 414 
Y2G C12 H18  sing N N 415 
Y2G C2  H6   sing N N 416 
Y2G C2  H5   sing N N 417 
Y2G C9  H13  sing N N 418 
# 
_pdbx_deposit_group.group_id            G_1002190 
_pdbx_deposit_group.group_description   
;XDomainX of XOrganismX PHIP screened against crude reaction mixtures by X-ray Crystallography at the XChem facility of Diamond Light Source beamline I04-1
;
_pdbx_deposit_group.group_title         'PanDDA analysis group deposition' 
_pdbx_deposit_group.group_type          'changed state' 
# 
_atom_sites.entry_id                    5S92 
_atom_sites.fract_transf_matrix[1][1]   0.00999023 
_atom_sites.fract_transf_matrix[1][2]   -0.00660584 
_atom_sites.fract_transf_matrix[1][3]   0.00334062 
_atom_sites.fract_transf_matrix[2][1]   -0.02195896 
_atom_sites.fract_transf_matrix[2][2]   -0.02803533 
_atom_sites.fract_transf_matrix[2][3]   0.01023107 
_atom_sites.fract_transf_matrix[3][1]   0.00353114 
_atom_sites.fract_transf_matrix[3][2]   -0.00849177 
_atom_sites.fract_transf_matrix[3][3]   -0.01569038 
_atom_sites.fract_transf_vector[1]      -0.146702 
_atom_sites.fract_transf_vector[2]      0.456395 
_atom_sites.fract_transf_vector[3]      0.233159 
# 
loop_
_atom_type.symbol 
C 
N 
O 
S 
# 
loop_
_atom_site.group_PDB 
_atom_site.id 
_atom_site.type_symbol 
_atom_site.label_atom_id 
_atom_site.label_alt_id 
_atom_site.label_comp_id 
_atom_site.label_asym_id 
_atom_site.label_entity_id 
_atom_site.label_seq_id 
_atom_site.pdbx_PDB_ins_code 
_atom_site.Cartn_x 
_atom_site.Cartn_y 
_atom_site.Cartn_z 
_atom_site.occupancy 
_atom_site.B_iso_or_equiv 
_atom_site.pdbx_formal_charge 
_atom_site.auth_seq_id 
_atom_site.auth_comp_id 
_atom_site.auth_asym_id 
_atom_site.auth_atom_id 
_atom_site.pdbx_PDB_model_num 
ATOM   1    N N   . TYR A 1 25  ? 0.441   8.416   22.668  1.00 23.23 ? 1316 TYR A N   1 
ATOM   2    C CA  . TYR A 1 25  ? 1.870   8.752   22.478  1.00 20.69 ? 1316 TYR A CA  1 
ATOM   3    C C   . TYR A 1 25  ? 2.681   7.458   22.363  1.00 16.97 ? 1316 TYR A C   1 
ATOM   4    O O   . TYR A 1 25  ? 3.892   7.495   22.558  1.00 15.44 ? 1316 TYR A O   1 
ATOM   5    C CB  . TYR A 1 25  ? 2.413   9.681   23.561  1.00 24.82 ? 1316 TYR A CB  1 
ATOM   6    C CG  . TYR A 1 25  ? 1.711   11.007  23.700  1.00 26.04 ? 1316 TYR A CG  1 
ATOM   7    C CD1 . TYR A 1 25  ? 1.490   11.847  22.610  1.00 27.16 ? 1316 TYR A CD1 1 
ATOM   8    C CD2 . TYR A 1 25  ? 1.270   11.419  24.950  1.00 26.29 ? 1316 TYR A CD2 1 
ATOM   9    C CE1 . TYR A 1 25  ? 0.845   13.073  22.768  1.00 25.18 ? 1316 TYR A CE1 1 
ATOM   10   C CE2 . TYR A 1 25  ? 0.612   12.630  25.117  1.00 23.63 ? 1316 TYR A CE2 1 
ATOM   11   C CZ  . TYR A 1 25  ? 0.405   13.460  24.028  1.00 26.23 ? 1316 TYR A CZ  1 
ATOM   12   O OH  . TYR A 1 25  ? -0.226  14.668  24.214  1.00 26.44 ? 1316 TYR A OH  1 
ATOM   13   N N   . ASP A 1 26  ? 2.032   6.380   21.928  1.00 14.44 ? 1317 ASP A N   1 
ATOM   14   C CA  . ASP A 1 26  ? 2.708   5.077   21.712  1.00 13.08 ? 1317 ASP A CA  1 
ATOM   15   C C   . ASP A 1 26  ? 3.394   5.086   20.360  1.00 14.18 ? 1317 ASP A C   1 
ATOM   16   O O   . ASP A 1 26  ? 2.688   4.984   19.342  1.00 13.96 ? 1317 ASP A O   1 
ATOM   17   C CB  . ASP A 1 26  ? 1.737   3.925   21.878  1.00 13.38 ? 1317 ASP A CB  1 
ATOM   18   C CG  . ASP A 1 26  ? 2.336   2.555   21.659  1.00 12.70 ? 1317 ASP A CG  1 
ATOM   19   O OD1 . ASP A 1 26  ? 3.436   2.438   21.109  1.00 13.88 ? 1317 ASP A OD1 1 
ATOM   20   O OD2 . ASP A 1 26  ? 1.689   1.616   22.117  1.00 17.71 ? 1317 ASP A OD2 1 
ATOM   21   N N   . ILE A 1 27  ? 4.723   5.138   20.376  1.00 12.37 ? 1318 ILE A N   1 
ATOM   22   C CA  . ILE A 1 27  ? 5.589   5.281   19.179  1.00 14.76 ? 1318 ILE A CA  1 
ATOM   23   C C   . ILE A 1 27  ? 5.539   3.988   18.384  1.00 14.34 ? 1318 ILE A C   1 
ATOM   24   O O   . ILE A 1 27  ? 5.848   4.071   17.218  1.00 14.15 ? 1318 ILE A O   1 
ATOM   25   C CB  . ILE A 1 27  ? 7.033   5.609   19.594  1.00 15.88 ? 1318 ILE A CB  1 
ATOM   26   C CG1 . ILE A 1 27  ? 7.128   6.946   20.336  1.00 16.77 ? 1318 ILE A CG1 1 
ATOM   27   C CG2 . ILE A 1 27  ? 7.999   5.555   18.408  1.00 18.32 ? 1318 ILE A CG2 1 
ATOM   28   C CD1 . ILE A 1 27  ? 8.387   7.062   21.209  1.00 19.10 ? 1318 ILE A CD1 1 
ATOM   29   N N   . GLN A 1 28  ? 5.113   2.871   18.977  1.00 12.26 ? 1319 GLN A N   1 
ATOM   30   C CA  . GLN A 1 28  ? 5.122   1.544   18.294  1.00 13.12 ? 1319 GLN A CA  1 
ATOM   31   C C   . GLN A 1 28  ? 3.746   1.227   17.728  1.00 13.05 ? 1319 GLN A C   1 
ATOM   32   O O   . GLN A 1 28  ? 3.646   0.236   16.995  1.00 14.27 ? 1319 GLN A O   1 
ATOM   33   C CB  . GLN A 1 28  ? 5.623   0.404   19.184  1.00 14.34 ? 1319 GLN A CB  1 
ATOM   34   C CG  . GLN A 1 28  ? 7.140   0.411   19.337  1.00 15.66 ? 1319 GLN A CG  1 
ATOM   35   C CD  . GLN A 1 28  ? 7.639   1.190   20.532  1.00 14.47 ? 1319 GLN A CD  1 
ATOM   36   O OE1 . GLN A 1 28  ? 7.176   0.992   21.654  1.00 15.24 ? 1319 GLN A OE1 1 
ATOM   37   N NE2 . GLN A 1 28  ? 8.607   2.045   20.305  1.00 15.03 ? 1319 GLN A NE2 1 
ATOM   38   N N   . ALA A 1 29  ? 2.692   1.986   18.080  1.00 13.20 ? 1320 ALA A N   1 
ATOM   39   C CA  . ALA A 1 29  ? 1.303   1.518   17.873  1.00 13.72 ? 1320 ALA A CA  1 
ATOM   40   C C   . ALA A 1 29  ? 0.978   1.387   16.363  1.00 11.68 ? 1320 ALA A C   1 
ATOM   41   O O   . ALA A 1 29  ? 0.127   0.573   16.019  1.00 12.89 ? 1320 ALA A O   1 
ATOM   42   C CB  . ALA A 1 29  ? 0.317   2.449   18.559  1.00 14.09 ? 1320 ALA A CB  1 
ATOM   43   N N   . TRP A 1 30  ? 1.688   2.115   15.526  1.00 12.47 ? 1321 TRP A N   1 
ATOM   44   C CA  . TRP A 1 30  ? 1.440   2.139   14.059  1.00 12.20 ? 1321 TRP A CA  1 
ATOM   45   C C   . TRP A 1 30  ? 1.546   0.721   13.494  1.00 13.81 ? 1321 TRP A C   1 
ATOM   46   O O   . TRP A 1 30  ? 0.901   0.433   12.505  1.00 12.25 ? 1321 TRP A O   1 
ATOM   47   C CB  . TRP A 1 30  ? 2.388   3.102   13.353  1.00 13.10 ? 1321 TRP A CB  1 
ATOM   48   C CG  . TRP A 1 30  ? 3.811   2.659   13.453  1.00 13.62 ? 1321 TRP A CG  1 
ATOM   49   C CD1 . TRP A 1 30  ? 4.647   2.878   14.509  1.00 13.83 ? 1321 TRP A CD1 1 
ATOM   50   C CD2 . TRP A 1 30  ? 4.538   1.803   12.542  1.00 13.64 ? 1321 TRP A CD2 1 
ATOM   51   N NE1 . TRP A 1 30  ? 5.854   2.269   14.298  1.00 14.07 ? 1321 TRP A NE1 1 
ATOM   52   C CE2 . TRP A 1 30  ? 5.811   1.623   13.101  1.00 13.10 ? 1321 TRP A CE2 1 
ATOM   53   C CE3 . TRP A 1 30  ? 4.281   1.241   11.291  1.00 14.03 ? 1321 TRP A CE3 1 
ATOM   54   C CZ2 . TRP A 1 30  ? 6.815   0.884   12.483  1.00 14.98 ? 1321 TRP A CZ2 1 
ATOM   55   C CZ3 . TRP A 1 30  ? 5.276   0.520   10.666  1.00 13.63 ? 1321 TRP A CZ3 1 
ATOM   56   C CH2 . TRP A 1 30  ? 6.521   0.332   11.268  1.00 15.29 ? 1321 TRP A CH2 1 
ATOM   57   N N   . LYS A 1 31  ? 2.348   -0.156  14.087  1.00 13.39 ? 1322 LYS A N   1 
ATOM   58   C CA  . LYS A 1 31  ? 2.655   -1.431  13.429  1.00 13.75 ? 1322 LYS A CA  1 
ATOM   59   C C   . LYS A 1 31  ? 1.425   -2.337  13.450  1.00 14.01 ? 1322 LYS A C   1 
ATOM   60   O O   . LYS A 1 31  ? 0.982   -2.818  12.375  1.00 13.08 ? 1322 LYS A O   1 
ATOM   61   C CB  . LYS A 1 31  ? 3.907   -2.072  14.046  1.00 13.61 ? 1322 LYS A CB  1 
ATOM   62   C CG  . LYS A 1 31  ? 4.300   -3.359  13.359  1.00 14.45 ? 1322 LYS A CG  1 
ATOM   63   C CD  . LYS A 1 31  ? 5.569   -3.905  13.897  1.00 15.15 ? 1322 LYS A CD  1 
ATOM   64   C CE  . LYS A 1 31  ? 5.960   -5.226  13.266  1.00 14.25 ? 1322 LYS A CE  1 
ATOM   65   N NZ  . LYS A 1 31  ? 7.294   -5.632  13.779  1.00 16.06 ? 1322 LYS A NZ  1 
ATOM   66   N N   . LYS A 1 32  ? 0.793   -2.524  14.596  1.00 14.95 ? 1323 LYS A N   1 
ATOM   67   C CA  . LYS A 1 32  ? -0.446  -3.298  14.666  1.00 14.92 ? 1323 LYS A CA  1 
ATOM   68   C C   . LYS A 1 32  ? -1.561  -2.576  13.899  1.00 13.34 ? 1323 LYS A C   1 
ATOM   69   O O   . LYS A 1 32  ? -2.371  -3.250  13.267  1.00 14.05 ? 1323 LYS A O   1 
ATOM   70   C CB  . LYS A 1 32  ? -0.870  -3.484  16.118  1.00 18.57 ? 1323 LYS A CB  1 
ATOM   71   C CG  . LYS A 1 32  ? -1.915  -4.560  16.323  1.00 22.67 ? 1323 LYS A CG  1 
ATOM   72   C CD  . LYS A 1 32  ? -2.274  -4.826  17.781  1.00 25.17 ? 1323 LYS A CD  1 
ATOM   73   N N   . GLN A 1 33  ? -1.578  -1.251  13.927  1.00 13.59 ? 1324 GLN A N   1 
ATOM   74   C CA  . GLN A 1 33  ? -2.619  -0.483  13.193  1.00 13.39 ? 1324 GLN A CA  1 
ATOM   75   C C   . GLN A 1 33  ? -2.443  -0.830  11.719  1.00 13.32 ? 1324 GLN A C   1 
ATOM   76   O O   . GLN A 1 33  ? -3.460  -1.048  11.031  1.00 12.60 ? 1324 GLN A O   1 
ATOM   77   C CB  . GLN A 1 33  ? -2.468  1.007   13.460  1.00 13.49 ? 1324 GLN A CB  1 
ATOM   78   C CG  . GLN A 1 33  ? -2.948  1.388   14.853  1.00 14.78 ? 1324 GLN A CG  1 
ATOM   79   C CD  . GLN A 1 33  ? -2.444  2.734   15.277  1.00 15.28 ? 1324 GLN A CD  1 
ATOM   80   O OE1 . GLN A 1 33  ? -1.759  3.443   14.554  1.00 17.09 ? 1324 GLN A OE1 1 
ATOM   81   N NE2 . GLN A 1 33  ? -2.768  3.089   16.515  1.00 17.02 ? 1324 GLN A NE2 1 
ATOM   82   N N   . CYS A 1 34  ? -1.199  -0.867  11.239  1.00 13.12 ? 1325 CYS A N   1 
ATOM   83   C CA  . CYS A 1 34  ? -0.943  -1.203  9.809   1.00 12.02 ? 1325 CYS A CA  1 
ATOM   84   C C   . CYS A 1 34  ? -1.291  -2.661  9.501   1.00 14.20 ? 1325 CYS A C   1 
ATOM   85   O O   . CYS A 1 34  ? -1.826  -2.944  8.426   1.00 12.45 ? 1325 CYS A O   1 
ATOM   86   C CB  . CYS A 1 34  ? 0.466   -0.849  9.397   1.00 12.92 ? 1325 CYS A CB  1 
ATOM   87   S SG  . CYS A 1 34  ? 0.769   0.916   9.227   1.00 13.70 ? 1325 CYS A SG  1 
ATOM   88   N N   . GLU A 1 35  ? -1.019  -3.577  10.426  0.50 13.93 ? 1326 GLU A N   1 
ATOM   89   C CA  . GLU A 1 35  ? -1.356  -5.012  10.246  0.50 15.31 ? 1326 GLU A CA  1 
ATOM   90   C C   . GLU A 1 35  ? -2.874  -5.142  10.087  0.50 15.58 ? 1326 GLU A C   1 
ATOM   91   O O   . GLU A 1 35  ? -3.320  -5.885  9.198   0.50 16.62 ? 1326 GLU A O   1 
ATOM   92   C CB  . GLU A 1 35  ? -0.847  -5.838  11.426  0.50 16.65 ? 1326 GLU A CB  1 
ATOM   93   C CG  . GLU A 1 35  ? 0.661   -5.949  11.483  0.50 17.90 ? 1326 GLU A CG  1 
ATOM   94   C CD  . GLU A 1 35  ? 1.193   -6.393  12.837  0.50 19.80 ? 1326 GLU A CD  1 
ATOM   95   O OE1 . GLU A 1 35  ? 0.370   -6.775  13.702  0.50 21.54 ? 1326 GLU A OE1 1 
ATOM   96   O OE2 . GLU A 1 35  ? 2.429   -6.358  13.017  0.50 20.53 ? 1326 GLU A OE2 1 
ATOM   97   N N   . GLU A 1 36  ? -3.645  -4.418  10.898  0.50 16.16 ? 1327 GLU A N   1 
ATOM   98   C CA  . GLU A 1 36  ? -5.123  -4.517  10.892  0.50 16.46 ? 1327 GLU A CA  1 
ATOM   99   C C   . GLU A 1 36  ? -5.706  -3.801  9.662   0.50 15.91 ? 1327 GLU A C   1 
ATOM   100  O O   . GLU A 1 36  ? -6.859  -4.235  9.151   0.50 16.15 ? 1327 GLU A O   1 
ATOM   101  C CB  . GLU A 1 36  ? -5.706  -3.936  12.175  0.50 18.39 ? 1327 GLU A CB  1 
ATOM   102  C CG  . GLU A 1 36  ? -5.571  -4.889  13.342  0.50 20.28 ? 1327 GLU A CG  1 
ATOM   103  C CD  . GLU A 1 36  ? -5.817  -6.349  12.987  0.50 21.72 ? 1327 GLU A CD  1 
ATOM   104  O OE1 . GLU A 1 36  ? -6.882  -6.652  12.399  0.50 23.91 ? 1327 GLU A OE1 1 
ATOM   105  O OE2 . GLU A 1 36  ? -4.944  -7.182  13.295  0.50 24.35 ? 1327 GLU A OE2 1 
ATOM   106  N N   . LEU A 1 37  ? -4.986  -2.768  9.171   1.00 15.16 ? 1328 LEU A N   1 
ATOM   107  C CA  . LEU A 1 37  ? -5.425  -2.094  7.915   1.00 14.06 ? 1328 LEU A CA  1 
ATOM   108  C C   . LEU A 1 37  ? -5.144  -3.037  6.736   1.00 13.05 ? 1328 LEU A C   1 
ATOM   109  O O   . LEU A 1 37  ? -5.997  -3.179  5.799   1.00 13.02 ? 1328 LEU A O   1 
ATOM   110  C CB  . LEU A 1 37  ? -4.708  -0.760  7.740   1.00 14.21 ? 1328 LEU A CB  1 
ATOM   111  C CG  . LEU A 1 37  ? -5.029  0.007   6.446   1.00 14.88 ? 1328 LEU A CG  1 
ATOM   112  C CD1 . LEU A 1 37  ? -6.519  0.058   6.156   1.00 15.14 ? 1328 LEU A CD1 1 
ATOM   113  C CD2 . LEU A 1 37  ? -4.454  1.395   6.487   1.00 15.53 ? 1328 LEU A CD2 1 
ATOM   114  N N   . LEU A 1 38  ? -3.998  -3.707  6.746   1.00 13.51 ? 1329 LEU A N   1 
ATOM   115  C CA  . LEU A 1 38  ? -3.701  -4.678  5.663   1.00 12.59 ? 1329 LEU A CA  1 
ATOM   116  C C   . LEU A 1 38  ? -4.695  -5.837  5.716   1.00 13.83 ? 1329 LEU A C   1 
ATOM   117  O O   . LEU A 1 38  ? -5.135  -6.295  4.670   1.00 14.35 ? 1329 LEU A O   1 
ATOM   118  C CB  . LEU A 1 38  ? -2.270  -5.193  5.797   1.00 12.61 ? 1329 LEU A CB  1 
ATOM   119  C CG  . LEU A 1 38  ? -1.193  -4.169  5.429   1.00 12.94 ? 1329 LEU A CG  1 
ATOM   120  C CD1 . LEU A 1 38  ? 0.161   -4.609  5.935   1.00 13.48 ? 1329 LEU A CD1 1 
ATOM   121  C CD2 . LEU A 1 38  ? -1.122  -3.913  3.917   1.00 13.56 ? 1329 LEU A CD2 1 
ATOM   122  N N   . ASN A 1 39  ? -5.107  -6.289  6.886   1.00 14.46 ? 1330 ASN A N   1 
ATOM   123  C CA  . ASN A 1 39  ? -6.151  -7.343  6.986   1.00 16.35 ? 1330 ASN A CA  1 
ATOM   124  C C   . ASN A 1 39  ? -7.429  -6.863  6.284   1.00 16.06 ? 1330 ASN A C   1 
ATOM   125  O O   . ASN A 1 39  ? -8.017  -7.687  5.540   1.00 18.22 ? 1330 ASN A O   1 
ATOM   126  C CB  . ASN A 1 39  ? -6.410  -7.769  8.430   1.00 16.80 ? 1330 ASN A CB  1 
ATOM   127  C CG  . ASN A 1 39  ? -5.261  -8.564  9.000   1.00 19.25 ? 1330 ASN A CG  1 
ATOM   128  O OD1 . ASN A 1 39  ? -4.482  -9.167  8.268   1.00 24.32 ? 1330 ASN A OD1 1 
ATOM   129  N ND2 . ASN A 1 39  ? -5.177  -8.609  10.317  1.00 20.99 ? 1330 ASN A ND2 1 
ATOM   130  N N   . LEU A 1 40  ? -7.878  -5.633  6.551   1.00 15.98 ? 1331 LEU A N   1 
ATOM   131  C CA  . LEU A 1 40  ? -9.073  -5.041  5.901   1.00 16.23 ? 1331 LEU A CA  1 
ATOM   132  C C   . LEU A 1 40  ? -8.826  -5.032  4.392   1.00 16.00 ? 1331 LEU A C   1 
ATOM   133  O O   . LEU A 1 40  ? -9.704  -5.432  3.624   1.00 16.80 ? 1331 LEU A O   1 
ATOM   134  C CB  . LEU A 1 40  ? -9.326  -3.624  6.412   1.00 16.81 ? 1331 LEU A CB  1 
ATOM   135  C CG  . LEU A 1 40  ? -9.823  -3.489  7.846   1.00 17.17 ? 1331 LEU A CG  1 
ATOM   136  C CD1 . LEU A 1 40  ? -10.034 -2.023  8.173   1.00 18.66 ? 1331 LEU A CD1 1 
ATOM   137  C CD2 . LEU A 1 40  ? -11.086 -4.328  8.069   1.00 17.95 ? 1331 LEU A CD2 1 
ATOM   138  N N   . ILE A 1 41  ? -7.648  -4.599  3.971   1.00 14.42 ? 1332 ILE A N   1 
ATOM   139  C CA  . ILE A 1 41  ? -7.384  -4.501  2.507   1.00 13.57 ? 1332 ILE A CA  1 
ATOM   140  C C   . ILE A 1 41  ? -7.464  -5.889  1.877   1.00 13.80 ? 1332 ILE A C   1 
ATOM   141  O O   . ILE A 1 41  ? -8.036  -6.018  0.760   1.00 13.09 ? 1332 ILE A O   1 
ATOM   142  C CB  . ILE A 1 41  ? -6.037  -3.827  2.263   1.00 13.35 ? 1332 ILE A CB  1 
ATOM   143  C CG1 . ILE A 1 41  ? -6.193  -2.328  2.524   1.00 14.85 ? 1332 ILE A CG1 1 
ATOM   144  C CG2 . ILE A 1 41  ? -5.522  -4.114  0.876   1.00 13.21 ? 1332 ILE A CG2 1 
ATOM   145  C CD1 . ILE A 1 41  ? -4.916  -1.677  2.700   1.00 14.64 ? 1332 ILE A CD1 1 
ATOM   146  N N   . PHE A 1 42  ? -6.906  -6.896  2.527   1.00 14.11 ? 1333 PHE A N   1 
ATOM   147  C CA  . PHE A 1 42  ? -6.917  -8.285  1.995   1.00 15.52 ? 1333 PHE A CA  1 
ATOM   148  C C   . PHE A 1 42  ? -8.348  -8.821  1.955   1.00 16.77 ? 1333 PHE A C   1 
ATOM   149  O O   . PHE A 1 42  ? -8.634  -9.699  1.111   1.00 23.81 ? 1333 PHE A O   1 
ATOM   150  C CB  . PHE A 1 42  ? -5.948  -9.167  2.774   1.00 15.08 ? 1333 PHE A CB  1 
ATOM   151  C CG  . PHE A 1 42  ? -4.557  -9.204  2.212   1.00 14.83 ? 1333 PHE A CG  1 
ATOM   152  C CD1 . PHE A 1 42  ? -3.592  -8.321  2.660   1.00 14.94 ? 1333 PHE A CD1 1 
ATOM   153  C CD2 . PHE A 1 42  ? -4.193  -10.137 1.258   1.00 16.43 ? 1333 PHE A CD2 1 
ATOM   154  C CE1 . PHE A 1 42  ? -2.284  -8.409  2.199   1.00 15.61 ? 1333 PHE A CE1 1 
ATOM   155  C CE2 . PHE A 1 42  ? -2.907  -10.171 0.754   1.00 17.01 ? 1333 PHE A CE2 1 
ATOM   156  C CZ  . PHE A 1 42  ? -1.954  -9.307  1.222   1.00 16.71 ? 1333 PHE A CZ  1 
ATOM   157  N N   . GLN A 1 43  ? -9.265  -8.285  2.744   1.00 17.49 ? 1334 GLN A N   1 
ATOM   158  C CA  . GLN A 1 43  ? -10.674 -8.777  2.734   1.00 18.78 ? 1334 GLN A CA  1 
ATOM   159  C C   . GLN A 1 43  ? -11.453 -8.086  1.620   1.00 18.68 ? 1334 GLN A C   1 
ATOM   160  O O   . GLN A 1 43  ? -12.496 -8.579  1.210   1.00 22.88 ? 1334 GLN A O   1 
ATOM   161  C CB  . GLN A 1 43  ? -11.379 -8.501  4.065   1.00 21.69 ? 1334 GLN A CB  1 
ATOM   162  C CG  . GLN A 1 43  ? -11.098 -9.557  5.113   1.00 24.45 ? 1334 GLN A CG  1 
ATOM   163  C CD  . GLN A 1 43  ? -11.492 -10.942 4.645   1.00 26.14 ? 1334 GLN A CD  1 
ATOM   164  O OE1 . GLN A 1 43  ? -12.602 -11.165 4.112   1.00 26.14 ? 1334 GLN A OE1 1 
ATOM   165  N NE2 . GLN A 1 43  ? -10.588 -11.896 4.855   1.00 23.20 ? 1334 GLN A NE2 1 
ATOM   166  N N   A CYS A 1 44  ? -10.979 -6.909  1.182   0.25 18.12 ? 1335 CYS A N   1 
ATOM   167  N N   B CYS A 1 44  ? -10.924 -6.970  1.135   0.27 17.32 ? 1335 CYS A N   1 
ATOM   168  C CA  A CYS A 1 44  ? -11.597 -6.088  0.104   0.25 17.77 ? 1335 CYS A CA  1 
ATOM   169  C CA  B CYS A 1 44  ? -11.584 -6.113  0.133   0.27 16.49 ? 1335 CYS A CA  1 
ATOM   170  C C   A CYS A 1 44  ? -11.427 -6.777  -1.252  0.25 16.66 ? 1335 CYS A C   1 
ATOM   171  C C   B CYS A 1 44  ? -11.416 -6.695  -1.279  0.27 15.80 ? 1335 CYS A C   1 
ATOM   172  O O   A CYS A 1 44  ? -10.281 -7.077  -1.633  0.25 15.99 ? 1335 CYS A O   1 
ATOM   173  O O   B CYS A 1 44  ? -10.263 -6.839  -1.733  0.27 14.27 ? 1335 CYS A O   1 
ATOM   174  C CB  A CYS A 1 44  ? -10.966 -4.705  -0.003  0.25 18.65 ? 1335 CYS A CB  1 
ATOM   175  C CB  B CYS A 1 44  ? -10.991 -4.720  0.226   0.27 16.53 ? 1335 CYS A CB  1 
ATOM   176  S SG  A CYS A 1 44  ? -11.324 -3.632  1.405   0.25 20.40 ? 1335 CYS A SG  1 
ATOM   177  S SG  B CYS A 1 44  ? -11.886 -3.583  -0.842  0.27 17.15 ? 1335 CYS A SG  1 
ATOM   178  N N   . GLU A 1 45  ? -12.518 -6.929  -2.001  1.00 16.03 ? 1336 GLU A N   1 
ATOM   179  C CA  . GLU A 1 45  ? -12.437 -7.496  -3.366  1.00 16.12 ? 1336 GLU A CA  1 
ATOM   180  C C   . GLU A 1 45  ? -11.580 -6.618  -4.278  1.00 14.00 ? 1336 GLU A C   1 
ATOM   181  O O   . GLU A 1 45  ? -10.866 -7.184  -5.130  1.00 15.54 ? 1336 GLU A O   1 
ATOM   182  C CB  . GLU A 1 45  ? -13.827 -7.626  -3.941  1.00 16.48 ? 1336 GLU A CB  1 
ATOM   183  C CG  . GLU A 1 45  ? -14.620 -8.707  -3.267  1.00 19.73 ? 1336 GLU A CG  1 
ATOM   184  C CD  . GLU A 1 45  ? -16.021 -8.907  -3.797  1.00 21.40 ? 1336 GLU A CD  1 
ATOM   185  O OE1 . GLU A 1 45  ? -16.441 -8.156  -4.727  1.00 24.20 ? 1336 GLU A OE1 1 
ATOM   186  O OE2 . GLU A 1 45  ? -16.653 -9.877  -3.339  1.00 21.65 ? 1336 GLU A OE2 1 
ATOM   187  N N   . ASP A 1 46  ? -11.558 -5.323  -4.029  1.00 13.69 ? 1337 ASP A N   1 
ATOM   188  C CA  . ASP A 1 46  ? -10.751 -4.407  -4.873  1.00 14.24 ? 1337 ASP A CA  1 
ATOM   189  C C   . ASP A 1 46  ? -9.254  -4.683  -4.721  1.00 13.36 ? 1337 ASP A C   1 
ATOM   190  O O   . ASP A 1 46  ? -8.468  -4.130  -5.521  1.00 14.47 ? 1337 ASP A O   1 
ATOM   191  C CB  . ASP A 1 46  ? -11.047 -2.940  -4.568  1.00 14.06 ? 1337 ASP A CB  1 
ATOM   192  C CG  . ASP A 1 46  ? -12.380 -2.495  -5.150  1.00 14.82 ? 1337 ASP A CG  1 
ATOM   193  O OD1 . ASP A 1 46  ? -12.834 -3.159  -6.135  1.00 16.61 ? 1337 ASP A OD1 1 
ATOM   194  O OD2 . ASP A 1 46  ? -12.902 -1.479  -4.645  1.00 17.31 ? 1337 ASP A OD2 1 
ATOM   195  N N   . SER A 1 47  ? -8.805  -5.388  -3.677  1.00 13.24 ? 1338 SER A N   1 
ATOM   196  C CA  . SER A 1 47  ? -7.366  -5.695  -3.567  1.00 12.69 ? 1338 SER A CA  1 
ATOM   197  C C   . SER A 1 47  ? -6.906  -6.901  -4.376  1.00 13.03 ? 1338 SER A C   1 
ATOM   198  O O   . SER A 1 47  ? -5.700  -7.118  -4.450  1.00 12.56 ? 1338 SER A O   1 
ATOM   199  C CB  . SER A 1 47  ? -6.921  -5.836  -2.135  1.00 12.49 ? 1338 SER A CB  1 
ATOM   200  O OG  . SER A 1 47  ? -7.363  -7.048  -1.531  1.00 12.94 ? 1338 SER A OG  1 
ATOM   201  N N   . GLU A 1 48  ? -7.855  -7.636  -4.984  0.52 13.77 ? 1339 GLU A N   1 
ATOM   202  C CA  . GLU A 1 48  ? -7.609  -8.936  -5.674  0.52 14.89 ? 1339 GLU A CA  1 
ATOM   203  C C   . GLU A 1 48  ? -6.385  -8.810  -6.573  0.52 13.69 ? 1339 GLU A C   1 
ATOM   204  O O   . GLU A 1 48  ? -5.478  -9.629  -6.485  0.52 14.05 ? 1339 GLU A O   1 
ATOM   205  C CB  . GLU A 1 48  ? -8.807  -9.434  -6.496  0.52 16.54 ? 1339 GLU A CB  1 
ATOM   206  C CG  . GLU A 1 48  ? -8.618  -10.858 -7.022  0.52 18.77 ? 1339 GLU A CG  1 
ATOM   207  C CD  . GLU A 1 48  ? -9.414  -11.277 -8.251  0.52 19.83 ? 1339 GLU A CD  1 
ATOM   208  O OE1 . GLU A 1 48  ? -10.100 -10.424 -8.825  0.52 21.98 ? 1339 GLU A OE1 1 
ATOM   209  O OE2 . GLU A 1 48  ? -9.312  -12.454 -8.652  0.52 21.82 ? 1339 GLU A OE2 1 
ATOM   210  N N   . PRO A 1 49  ? -6.310  -7.780  -7.449  1.00 13.70 ? 1340 PRO A N   1 
ATOM   211  C CA  . PRO A 1 49  ? -5.206  -7.647  -8.396  1.00 13.46 ? 1340 PRO A CA  1 
ATOM   212  C C   . PRO A 1 49  ? -3.862  -7.293  -7.782  1.00 12.48 ? 1340 PRO A C   1 
ATOM   213  O O   . PRO A 1 49  ? -2.843  -7.427  -8.463  1.00 11.95 ? 1340 PRO A O   1 
ATOM   214  C CB  . PRO A 1 49  ? -5.660  -6.480  -9.304  1.00 12.90 ? 1340 PRO A CB  1 
ATOM   215  C CG  . PRO A 1 49  ? -7.144  -6.410  -9.100  1.00 13.81 ? 1340 PRO A CG  1 
ATOM   216  C CD  . PRO A 1 49  ? -7.321  -6.726  -7.627  1.00 13.48 ? 1340 PRO A CD  1 
ATOM   217  N N   . PHE A 1 50  ? -3.867  -6.917  -6.499  1.00 11.69 ? 1341 PHE A N   1 
ATOM   218  C CA  . PHE A 1 50  ? -2.697  -6.262  -5.874  1.00 11.84 ? 1341 PHE A CA  1 
ATOM   219  C C   . PHE A 1 50  ? -2.122  -7.072  -4.724  1.00 12.76 ? 1341 PHE A C   1 
ATOM   220  O O   . PHE A 1 50  ? -1.325  -6.563  -3.994  1.00 13.77 ? 1341 PHE A O   1 
ATOM   221  C CB  . PHE A 1 50  ? -3.072  -4.849  -5.418  1.00 10.91 ? 1341 PHE A CB  1 
ATOM   222  C CG  . PHE A 1 50  ? -3.739  -4.065  -6.516  1.00 10.97 ? 1341 PHE A CG  1 
ATOM   223  C CD1 . PHE A 1 50  ? -3.032  -3.702  -7.635  1.00 11.61 ? 1341 PHE A CD1 1 
ATOM   224  C CD2 . PHE A 1 50  ? -5.075  -3.760  -6.443  1.00 11.42 ? 1341 PHE A CD2 1 
ATOM   225  C CE1 . PHE A 1 50  ? -3.645  -3.023  -8.674  1.00 11.87 ? 1341 PHE A CE1 1 
ATOM   226  C CE2 . PHE A 1 50  ? -5.698  -3.085  -7.477  1.00 11.94 ? 1341 PHE A CE2 1 
ATOM   227  C CZ  . PHE A 1 50  ? -4.975  -2.702  -8.572  1.00 11.21 ? 1341 PHE A CZ  1 
ATOM   228  N N   . ARG A 1 51  ? -2.427  -8.360  -4.637  0.52 13.02 ? 1342 ARG A N   1 
ATOM   229  C CA  . ARG A 1 51  ? -1.948  -9.209  -3.514  0.52 13.63 ? 1342 ARG A CA  1 
ATOM   230  C C   . ARG A 1 51  ? -0.605  -9.852  -3.865  0.52 14.74 ? 1342 ARG A C   1 
ATOM   231  O O   . ARG A 1 51  ? 0.267   -9.940  -2.966  0.52 15.51 ? 1342 ARG A O   1 
ATOM   232  C CB  . ARG A 1 51  ? -3.022  -10.236 -3.158  0.52 13.76 ? 1342 ARG A CB  1 
ATOM   233  C CG  . ARG A 1 51  ? -4.266  -9.585  -2.577  0.52 14.17 ? 1342 ARG A CG  1 
ATOM   234  C CD  . ARG A 1 51  ? -5.456  -10.505 -2.561  0.52 15.02 ? 1342 ARG A CD  1 
ATOM   235  N NE  . ARG A 1 51  ? -6.665  -9.774  -2.233  0.52 15.46 ? 1342 ARG A NE  1 
ATOM   236  C CZ  . ARG A 1 51  ? -7.874  -10.326 -2.193  0.52 16.25 ? 1342 ARG A CZ  1 
ATOM   237  N NH1 . ARG A 1 51  ? -8.008  -11.621 -2.429  0.52 16.84 ? 1342 ARG A NH1 1 
ATOM   238  N NH2 . ARG A 1 51  ? -8.934  -9.589  -1.912  0.52 16.04 ? 1342 ARG A NH2 1 
ATOM   239  N N   . GLN A 1 52  ? -0.438  -10.294 -5.109  0.52 14.84 ? 1343 GLN A N   1 
ATOM   240  C CA  . GLN A 1 52  ? 0.711   -11.126 -5.538  0.52 16.38 ? 1343 GLN A CA  1 
ATOM   241  C C   . GLN A 1 52  ? 1.351   -10.480 -6.760  0.52 16.24 ? 1343 GLN A C   1 
ATOM   242  O O   . GLN A 1 52  ? 0.772   -9.574  -7.362  0.52 16.49 ? 1343 GLN A O   1 
ATOM   243  C CB  . GLN A 1 52  ? 0.248   -12.562 -5.793  0.52 17.12 ? 1343 GLN A CB  1 
ATOM   244  C CG  . GLN A 1 52  ? -0.256  -13.279 -4.546  0.52 18.42 ? 1343 GLN A CG  1 
ATOM   245  C CD  . GLN A 1 52  ? 0.852   -13.724 -3.618  0.52 18.79 ? 1343 GLN A CD  1 
ATOM   246  O OE1 . GLN A 1 52  ? 1.558   -14.699 -3.879  0.52 20.92 ? 1343 GLN A OE1 1 
ATOM   247  N NE2 . GLN A 1 52  ? 1.017   -13.009 -2.512  0.52 19.03 ? 1343 GLN A NE2 1 
ATOM   248  N N   . PRO A 1 53  ? 2.569   -10.919 -7.157  0.52 16.59 ? 1344 PRO A N   1 
ATOM   249  C CA  . PRO A 1 53  ? 3.272   -10.320 -8.287  0.52 17.01 ? 1344 PRO A CA  1 
ATOM   250  C C   . PRO A 1 53  ? 2.546   -10.494 -9.625  0.52 16.96 ? 1344 PRO A C   1 
ATOM   251  O O   . PRO A 1 53  ? 1.752   -11.407 -9.781  0.52 16.44 ? 1344 PRO A O   1 
ATOM   252  C CB  . PRO A 1 53  ? 4.605   -11.081 -8.347  0.52 16.70 ? 1344 PRO A CB  1 
ATOM   253  C CG  . PRO A 1 53  ? 4.764   -11.647 -6.955  0.52 17.07 ? 1344 PRO A CG  1 
ATOM   254  C CD  . PRO A 1 53  ? 3.357   -11.979 -6.512  0.52 16.65 ? 1344 PRO A CD  1 
ATOM   255  N N   . VAL A 1 54  ? 2.869   -9.616  -10.564 0.52 17.40 ? 1345 VAL A N   1 
ATOM   256  C CA  . VAL A 1 54  ? 2.368   -9.668  -11.963 0.52 17.69 ? 1345 VAL A CA  1 
ATOM   257  C C   . VAL A 1 54  ? 3.149   -10.752 -12.709 0.52 18.47 ? 1345 VAL A C   1 
ATOM   258  O O   . VAL A 1 54  ? 4.401   -10.660 -12.766 0.52 19.96 ? 1345 VAL A O   1 
ATOM   259  C CB  . VAL A 1 54  ? 2.490   -8.290  -12.634 0.52 16.69 ? 1345 VAL A CB  1 
ATOM   260  C CG1 . VAL A 1 54  ? 2.022   -8.339  -14.081 0.52 16.34 ? 1345 VAL A CG1 1 
ATOM   261  C CG2 . VAL A 1 54  ? 1.726   -7.238  -11.840 0.52 16.71 ? 1345 VAL A CG2 1 
ATOM   262  N N   . ASP A 1 55  ? 2.430   -11.746 -13.232 0.52 19.16 ? 1346 ASP A N   1 
ATOM   263  C CA  . ASP A 1 55  ? 2.987   -12.843 -14.063 0.52 20.07 ? 1346 ASP A CA  1 
ATOM   264  C C   . ASP A 1 55  ? 3.339   -12.256 -15.432 0.52 20.38 ? 1346 ASP A C   1 
ATOM   265  O O   . ASP A 1 55  ? 2.442   -11.663 -16.055 0.52 19.37 ? 1346 ASP A O   1 
ATOM   266  C CB  . ASP A 1 55  ? 1.975   -13.984 -14.188 0.52 21.09 ? 1346 ASP A CB  1 
ATOM   267  C CG  . ASP A 1 55  ? 2.527   -15.215 -14.880 0.52 23.14 ? 1346 ASP A CG  1 
ATOM   268  O OD1 . ASP A 1 55  ? 3.461   -15.061 -15.681 0.52 24.49 ? 1346 ASP A OD1 1 
ATOM   269  O OD2 . ASP A 1 55  ? 2.038   -16.320 -14.581 0.52 26.43 ? 1346 ASP A OD2 1 
ATOM   270  N N   . LEU A 1 56  ? 4.588   -12.392 -15.880 0.52 20.87 ? 1347 LEU A N   1 
ATOM   271  C CA  . LEU A 1 56  ? 5.040   -11.795 -17.167 0.52 19.96 ? 1347 LEU A CA  1 
ATOM   272  C C   . LEU A 1 56  ? 4.535   -12.635 -18.349 0.52 19.83 ? 1347 LEU A C   1 
ATOM   273  O O   . LEU A 1 56  ? 4.514   -12.112 -19.466 0.52 19.31 ? 1347 LEU A O   1 
ATOM   274  C CB  . LEU A 1 56  ? 6.565   -11.628 -17.153 0.52 20.53 ? 1347 LEU A CB  1 
ATOM   275  C CG  . LEU A 1 56  ? 7.075   -10.457 -16.309 0.52 20.33 ? 1347 LEU A CG  1 
ATOM   276  C CD1 . LEU A 1 56  ? 8.586   -10.513 -16.140 0.52 20.70 ? 1347 LEU A CD1 1 
ATOM   277  C CD2 . LEU A 1 56  ? 6.656   -9.125  -16.913 0.52 20.43 ? 1347 LEU A CD2 1 
ATOM   278  N N   . LEU A 1 57  ? 4.092   -13.876 -18.128 0.52 19.86 ? 1348 LEU A N   1 
ATOM   279  C CA  . LEU A 1 57  ? 3.414   -14.660 -19.195 0.52 19.99 ? 1348 LEU A CA  1 
ATOM   280  C C   . LEU A 1 57  ? 2.043   -14.033 -19.482 0.52 19.75 ? 1348 LEU A C   1 
ATOM   281  O O   . LEU A 1 57  ? 1.608   -14.050 -20.648 0.52 20.82 ? 1348 LEU A O   1 
ATOM   282  C CB  . LEU A 1 57  ? 3.313   -16.123 -18.762 0.52 20.80 ? 1348 LEU A CB  1 
ATOM   283  C CG  . LEU A 1 57  ? 4.653   -16.855 -18.735 0.52 22.29 ? 1348 LEU A CG  1 
ATOM   284  C CD1 . LEU A 1 57  ? 4.832   -17.632 -17.440 0.52 22.73 ? 1348 LEU A CD1 1 
ATOM   285  C CD2 . LEU A 1 57  ? 4.784   -17.772 -19.935 0.52 22.97 ? 1348 LEU A CD2 1 
ATOM   286  N N   . GLU A 1 58  ? 1.420   -13.444 -18.461 0.52 19.58 ? 1349 GLU A N   1 
ATOM   287  C CA  . GLU A 1 58  ? 0.122   -12.737 -18.582 0.52 19.28 ? 1349 GLU A CA  1 
ATOM   288  C C   . GLU A 1 58  ? 0.323   -11.272 -18.985 0.52 18.79 ? 1349 GLU A C   1 
ATOM   289  O O   . GLU A 1 58  ? -0.569  -10.745 -19.690 0.52 18.71 ? 1349 GLU A O   1 
ATOM   290  C CB  . GLU A 1 58  ? -0.632  -12.815 -17.264 0.52 18.65 ? 1349 GLU A CB  1 
ATOM   291  C CG  . GLU A 1 58  ? -1.100  -14.213 -16.927 0.52 19.10 ? 1349 GLU A CG  1 
ATOM   292  C CD  . GLU A 1 58  ? -1.636  -14.318 -15.513 0.52 19.71 ? 1349 GLU A CD  1 
ATOM   293  O OE1 . GLU A 1 58  ? -1.611  -13.293 -14.806 0.52 19.36 ? 1349 GLU A OE1 1 
ATOM   294  O OE2 . GLU A 1 58  ? -2.075  -15.420 -15.119 0.52 20.54 ? 1349 GLU A OE2 1 
ATOM   295  N N   . TYR A 1 59  ? 1.396   -10.612 -18.517 1.00 18.94 ? 1350 TYR A N   1 
ATOM   296  C CA  . TYR A 1 59  ? 1.651   -9.200  -18.909 1.00 17.79 ? 1350 TYR A CA  1 
ATOM   297  C C   . TYR A 1 59  ? 3.110   -9.057  -19.302 1.00 18.95 ? 1350 TYR A C   1 
ATOM   298  O O   . TYR A 1 59  ? 3.936   -8.575  -18.547 1.00 16.65 ? 1350 TYR A O   1 
ATOM   299  C CB  . TYR A 1 59  ? 1.252   -8.274  -17.763 1.00 18.75 ? 1350 TYR A CB  1 
ATOM   300  C CG  . TYR A 1 59  ? -0.194  -8.384  -17.346 1.00 15.79 ? 1350 TYR A CG  1 
ATOM   301  C CD1 . TYR A 1 59  ? -1.162  -7.611  -17.935 1.00 16.86 ? 1350 TYR A CD1 1 
ATOM   302  C CD2 . TYR A 1 59  ? -0.594  -9.257  -16.347 1.00 16.56 ? 1350 TYR A CD2 1 
ATOM   303  C CE1 . TYR A 1 59  ? -2.497  -7.726  -17.584 1.00 15.35 ? 1350 TYR A CE1 1 
ATOM   304  C CE2 . TYR A 1 59  ? -1.931  -9.408  -15.996 1.00 14.85 ? 1350 TYR A CE2 1 
ATOM   305  C CZ  . TYR A 1 59  ? -2.883  -8.600  -16.588 1.00 15.26 ? 1350 TYR A CZ  1 
ATOM   306  O OH  . TYR A 1 59  ? -4.181  -8.642  -16.145 1.00 16.47 ? 1350 TYR A OH  1 
ATOM   307  N N   . PRO A 1 60  ? 3.474   -9.532  -20.508 1.00 18.75 ? 1351 PRO A N   1 
ATOM   308  C CA  . PRO A 1 60  ? 4.881   -9.654  -20.869 1.00 17.90 ? 1351 PRO A CA  1 
ATOM   309  C C   . PRO A 1 60  ? 5.678   -8.343  -20.901 1.00 16.55 ? 1351 PRO A C   1 
ATOM   310  O O   . PRO A 1 60  ? 6.899   -8.374  -20.807 1.00 19.49 ? 1351 PRO A O   1 
ATOM   311  C CB  . PRO A 1 60  ? 4.875   -10.265 -22.280 1.00 19.83 ? 1351 PRO A CB  1 
ATOM   312  C CG  . PRO A 1 60  ? 3.457   -10.535 -22.632 1.00 21.40 ? 1351 PRO A CG  1 
ATOM   313  C CD  . PRO A 1 60  ? 2.557   -10.124 -21.486 1.00 19.87 ? 1351 PRO A CD  1 
ATOM   314  N N   . ASP A 1 61  ? 4.977   -7.217  -21.015 1.00 16.18 ? 1352 ASP A N   1 
ATOM   315  C CA  . ASP A 1 61  ? 5.637   -5.899  -21.096 1.00 16.59 ? 1352 ASP A CA  1 
ATOM   316  C C   . ASP A 1 61  ? 5.661   -5.218  -19.722 1.00 14.58 ? 1352 ASP A C   1 
ATOM   317  O O   . ASP A 1 61  ? 6.092   -4.061  -19.654 1.00 14.40 ? 1352 ASP A O   1 
ATOM   318  C CB  . ASP A 1 61  ? 4.907   -5.015  -22.104 1.00 18.02 ? 1352 ASP A CB  1 
ATOM   319  C CG  . ASP A 1 61  ? 3.498   -4.649  -21.688 1.00 19.76 ? 1352 ASP A CG  1 
ATOM   320  O OD1 . ASP A 1 61  ? 2.874   -5.462  -20.924 1.00 19.99 ? 1352 ASP A OD1 1 
ATOM   321  O OD2 . ASP A 1 61  ? 3.006   -3.595  -22.160 1.00 24.84 ? 1352 ASP A OD2 1 
ATOM   322  N N   . TYR A 1 62  ? 5.264   -5.904  -18.662 1.00 14.53 ? 1353 TYR A N   1 
ATOM   323  C CA  . TYR A 1 62  ? 5.004   -5.158  -17.405 1.00 14.06 ? 1353 TYR A CA  1 
ATOM   324  C C   . TYR A 1 62  ? 6.297   -4.477  -16.955 1.00 14.81 ? 1353 TYR A C   1 
ATOM   325  O O   . TYR A 1 62  ? 6.280   -3.344  -16.492 1.00 14.06 ? 1353 TYR A O   1 
ATOM   326  C CB  . TYR A 1 62  ? 4.426   -6.104  -16.355 1.00 13.07 ? 1353 TYR A CB  1 
ATOM   327  C CG  . TYR A 1 62  ? 4.014   -5.400  -15.092 1.00 12.84 ? 1353 TYR A CG  1 
ATOM   328  C CD1 . TYR A 1 62  ? 2.857   -4.656  -15.056 1.00 12.57 ? 1353 TYR A CD1 1 
ATOM   329  C CD2 . TYR A 1 62  ? 4.787   -5.469  -13.940 1.00 13.63 ? 1353 TYR A CD2 1 
ATOM   330  C CE1 . TYR A 1 62  ? 2.473   -3.961  -13.922 1.00 12.36 ? 1353 TYR A CE1 1 
ATOM   331  C CE2 . TYR A 1 62  ? 4.407   -4.791  -12.793 1.00 12.75 ? 1353 TYR A CE2 1 
ATOM   332  C CZ  . TYR A 1 62  ? 3.246   -4.060  -12.778 1.00 12.19 ? 1353 TYR A CZ  1 
ATOM   333  O OH  . TYR A 1 62  ? 2.866   -3.388  -11.652 1.00 12.63 ? 1353 TYR A OH  1 
ATOM   334  N N   . ARG A 1 63  ? 7.420   -5.179  -16.972 1.00 16.02 ? 1354 ARG A N   1 
ATOM   335  C CA  . ARG A 1 63  ? 8.686   -4.633  -16.436 1.00 16.10 ? 1354 ARG A CA  1 
ATOM   336  C C   . ARG A 1 63  ? 9.334   -3.694  -17.440 1.00 15.13 ? 1354 ARG A C   1 
ATOM   337  O O   . ARG A 1 63  ? 10.247  -2.995  -17.036 1.00 17.22 ? 1354 ARG A O   1 
ATOM   338  C CB  . ARG A 1 63  ? 9.647   -5.747  -16.004 1.00 17.93 ? 1354 ARG A CB  1 
ATOM   339  C CG  . ARG A 1 63  ? 9.109   -6.590  -14.862 1.00 20.57 ? 1354 ARG A CG  1 
ATOM   340  C CD  . ARG A 1 63  ? 8.859   -5.784  -13.583 1.00 22.02 ? 1354 ARG A CD  1 
ATOM   341  N NE  . ARG A 1 63  ? 10.083  -5.100  -13.178 1.00 23.98 ? 1354 ARG A NE  1 
ATOM   342  C CZ  . ARG A 1 63  ? 11.085  -5.645  -12.480 1.00 26.99 ? 1354 ARG A CZ  1 
ATOM   343  N NH1 . ARG A 1 63  ? 11.033  -6.902  -12.067 1.00 26.52 ? 1354 ARG A NH1 1 
ATOM   344  N NH2 . ARG A 1 63  ? 12.152  -4.919  -12.215 1.00 30.41 ? 1354 ARG A NH2 1 
ATOM   345  N N   . ASP A 1 64  ? 8.799   -3.604  -18.660 1.00 14.33 ? 1355 ASP A N   1 
ATOM   346  C CA  . ASP A 1 64  ? 9.238   -2.558  -19.612 1.00 15.27 ? 1355 ASP A CA  1 
ATOM   347  C C   . ASP A 1 64  ? 8.659   -1.206  -19.195 1.00 15.39 ? 1355 ASP A C   1 
ATOM   348  O O   . ASP A 1 64  ? 9.189   -0.142  -19.625 1.00 19.43 ? 1355 ASP A O   1 
ATOM   349  C CB  . ASP A 1 64  ? 8.712   -2.819  -21.021 1.00 16.63 ? 1355 ASP A CB  1 
ATOM   350  C CG  . ASP A 1 64  ? 9.241   -4.080  -21.678 1.00 18.57 ? 1355 ASP A CG  1 
ATOM   351  O OD1 . ASP A 1 64  ? 10.246  -4.610  -21.191 1.00 21.99 ? 1355 ASP A OD1 1 
ATOM   352  O OD2 . ASP A 1 64  ? 8.623   -4.523  -22.693 1.00 21.88 ? 1355 ASP A OD2 1 
ATOM   353  N N   A ILE A 1 65  ? 7.587   -1.229  -18.402 0.25 15.36 ? 1356 ILE A N   1 
ATOM   354  N N   B ILE A 1 65  ? 7.546   -1.253  -18.458 0.25 14.57 ? 1356 ILE A N   1 
ATOM   355  C CA  A ILE A 1 65  ? 6.885   0.002   -17.946 0.25 15.25 ? 1356 ILE A CA  1 
ATOM   356  C CA  B ILE A 1 65  ? 6.819   -0.054  -17.953 0.25 13.95 ? 1356 ILE A CA  1 
ATOM   357  C C   A ILE A 1 65  ? 7.162   0.226   -16.455 0.25 15.34 ? 1356 ILE A C   1 
ATOM   358  C C   B ILE A 1 65  ? 7.256   0.186   -16.498 0.25 14.23 ? 1356 ILE A C   1 
ATOM   359  O O   A ILE A 1 65  ? 7.409   1.403   -16.058 0.25 16.62 ? 1356 ILE A O   1 
ATOM   360  O O   B ILE A 1 65  ? 7.795   1.287   -16.199 0.25 13.71 ? 1356 ILE A O   1 
ATOM   361  C CB  A ILE A 1 65  ? 5.385   -0.104  -18.267 0.25 15.62 ? 1356 ILE A CB  1 
ATOM   362  C CB  B ILE A 1 65  ? 5.297   -0.249  -18.114 0.25 13.69 ? 1356 ILE A CB  1 
ATOM   363  C CG1 A ILE A 1 65  ? 5.167   -0.366  -19.762 0.25 16.35 ? 1356 ILE A CG1 1 
ATOM   364  C CG1 B ILE A 1 65  ? 4.913   -0.727  -19.523 0.25 13.39 ? 1356 ILE A CG1 1 
ATOM   365  C CG2 A ILE A 1 65  ? 4.649   1.134   -17.783 0.25 15.60 ? 1356 ILE A CG2 1 
ATOM   366  C CG2 B ILE A 1 65  ? 4.554   1.018   -17.722 0.25 13.80 ? 1356 ILE A CG2 1 
ATOM   367  C CD1 A ILE A 1 65  ? 3.959   -1.197  -20.068 0.25 16.47 ? 1356 ILE A CD1 1 
ATOM   368  C CD1 B ILE A 1 65  ? 5.499   0.103   -20.655 0.25 13.05 ? 1356 ILE A CD1 1 
ATOM   369  N N   . ILE A 1 66  ? 7.128   -0.849  -15.657 1.00 14.63 ? 1357 ILE A N   1 
ATOM   370  C CA  . ILE A 1 66  ? 7.227   -0.750  -14.175 1.00 15.25 ? 1357 ILE A CA  1 
ATOM   371  C C   . ILE A 1 66  ? 8.620   -1.187  -13.717 1.00 15.87 ? 1357 ILE A C   1 
ATOM   372  O O   . ILE A 1 66  ? 8.917   -2.385  -13.812 1.00 17.20 ? 1357 ILE A O   1 
ATOM   373  C CB  . ILE A 1 66  ? 6.102   -1.618  -13.565 1.00 15.48 ? 1357 ILE A CB  1 
ATOM   374  C CG1 . ILE A 1 66  ? 4.735   -1.102  -14.024 1.00 15.03 ? 1357 ILE A CG1 1 
ATOM   375  C CG2 . ILE A 1 66  ? 6.223   -1.682  -12.048 1.00 15.39 ? 1357 ILE A CG2 1 
ATOM   376  C CD1 . ILE A 1 66  ? 4.515   0.388   -13.770 1.00 14.52 ? 1357 ILE A CD1 1 
ATOM   377  N N   . ASP A 1 67  ? 9.330   -0.250  -13.100 1.00 17.59 ? 1358 ASP A N   1 
ATOM   378  C CA  . ASP A 1 67  ? 10.717  -0.415  -12.596 1.00 19.94 ? 1358 ASP A CA  1 
ATOM   379  C C   . ASP A 1 67  ? 10.697  -1.174  -11.272 1.00 17.99 ? 1358 ASP A C   1 
ATOM   380  O O   . ASP A 1 67  ? 11.600  -1.978  -11.018 1.00 18.83 ? 1358 ASP A O   1 
ATOM   381  C CB  . ASP A 1 67  ? 11.386  0.943   -12.347 1.00 22.59 ? 1358 ASP A CB  1 
ATOM   382  C CG  . ASP A 1 67  ? 11.732  1.765   -13.577 1.00 29.93 ? 1358 ASP A CG  1 
ATOM   383  O OD1 . ASP A 1 67  ? 11.829  1.177   -14.658 1.00 31.65 ? 1358 ASP A OD1 1 
ATOM   384  O OD2 . ASP A 1 67  ? 11.896  2.999   -13.439 1.00 33.11 ? 1358 ASP A OD2 1 
ATOM   385  N N   . THR A 1 68  ? 9.744   -0.852  -10.387 1.00 16.48 ? 1359 THR A N   1 
ATOM   386  C CA  . THR A 1 68  ? 9.734   -1.378  -9.017  1.00 16.58 ? 1359 THR A CA  1 
ATOM   387  C C   . THR A 1 68  ? 8.366   -1.944  -8.714  1.00 14.82 ? 1359 THR A C   1 
ATOM   388  O O   . THR A 1 68  ? 7.480   -1.228  -8.252  1.00 15.36 ? 1359 THR A O   1 
ATOM   389  C CB  . THR A 1 68  ? 10.072  -0.306  -7.988  1.00 17.05 ? 1359 THR A CB  1 
ATOM   390  O OG1 . THR A 1 68  ? 11.262  0.319   -8.462  1.00 20.89 ? 1359 THR A OG1 1 
ATOM   391  C CG2 . THR A 1 68  ? 10.254  -0.903  -6.608  1.00 19.27 ? 1359 THR A CG2 1 
ATOM   392  N N   . PRO A 1 69  ? 8.193   -3.238  -8.957  1.00 14.74 ? 1360 PRO A N   1 
ATOM   393  C CA  . PRO A 1 69  ? 6.952   -3.935  -8.639  1.00 16.03 ? 1360 PRO A CA  1 
ATOM   394  C C   . PRO A 1 69  ? 6.709   -3.811  -7.135  1.00 14.38 ? 1360 PRO A C   1 
ATOM   395  O O   . PRO A 1 69  ? 7.632   -3.753  -6.329  1.00 15.17 ? 1360 PRO A O   1 
ATOM   396  C CB  . PRO A 1 69  ? 7.177   -5.368  -9.105  1.00 18.03 ? 1360 PRO A CB  1 
ATOM   397  C CG  . PRO A 1 69  ? 8.262   -5.203  -10.179 1.00 19.67 ? 1360 PRO A CG  1 
ATOM   398  C CD  . PRO A 1 69  ? 9.173   -4.130  -9.618  1.00 16.50 ? 1360 PRO A CD  1 
ATOM   399  N N   . MET A 1 70  ? 5.441   -3.779  -6.782  1.00 13.08 ? 1361 MET A N   1 
ATOM   400  C CA  . MET A 1 70  ? 5.047   -3.796  -5.363  1.00 12.54 ? 1361 MET A CA  1 
ATOM   401  C C   . MET A 1 70  ? 3.656   -4.364  -5.266  1.00 11.74 ? 1361 MET A C   1 
ATOM   402  O O   . MET A 1 70  ? 2.857   -4.206  -6.163  1.00 11.01 ? 1361 MET A O   1 
ATOM   403  C CB  . MET A 1 70  ? 5.075   -2.388  -4.769  1.00 12.93 ? 1361 MET A CB  1 
ATOM   404  C CG  . MET A 1 70  ? 4.879   -2.337  -3.268  1.00 13.15 ? 1361 MET A CG  1 
ATOM   405  S SD  . MET A 1 70  ? 5.983   -3.385  -2.282  1.00 13.06 ? 1361 MET A SD  1 
ATOM   406  C CE  . MET A 1 70  ? 7.590   -2.824  -2.821  1.00 13.58 ? 1361 MET A CE  1 
ATOM   407  N N   . ASP A 1 71  ? 3.389   -5.083  -4.177  0.52 11.95 ? 1362 ASP A N   1 
ATOM   408  C CA  . ASP A 1 71  ? 2.078   -5.730  -3.918  0.52 12.18 ? 1362 ASP A CA  1 
ATOM   409  C C   . ASP A 1 71  ? 1.855   -5.784  -2.404  0.52 11.63 ? 1362 ASP A C   1 
ATOM   410  O O   . ASP A 1 71  ? 2.831   -5.609  -1.653  0.52 11.49 ? 1362 ASP A O   1 
ATOM   411  C CB  . ASP A 1 71  ? 1.984   -7.087  -4.620  0.52 12.82 ? 1362 ASP A CB  1 
ATOM   412  C CG  . ASP A 1 71  ? 2.877   -8.185  -4.063  0.52 13.84 ? 1362 ASP A CG  1 
ATOM   413  O OD1 . ASP A 1 71  ? 3.421   -8.967  -4.871  0.52 14.37 ? 1362 ASP A OD1 1 
ATOM   414  O OD2 . ASP A 1 71  ? 3.000   -8.277  -2.830  0.52 14.44 ? 1362 ASP A OD2 1 
ATOM   415  N N   . PHE A 1 72  ? 0.612   -6.009  -1.973  1.00 11.43 ? 1363 PHE A N   1 
ATOM   416  C CA  . PHE A 1 72  ? 0.269   -5.980  -0.540  1.00 11.78 ? 1363 PHE A CA  1 
ATOM   417  C C   . PHE A 1 72  ? 0.890   -7.155  0.204   1.00 11.62 ? 1363 PHE A C   1 
ATOM   418  O O   . PHE A 1 72  ? 1.119   -6.986  1.434   1.00 12.12 ? 1363 PHE A O   1 
ATOM   419  C CB  . PHE A 1 72  ? -1.234  -5.970  -0.371  1.00 11.55 ? 1363 PHE A CB  1 
ATOM   420  C CG  . PHE A 1 72  ? -1.779  -4.606  -0.638  1.00 11.20 ? 1363 PHE A CG  1 
ATOM   421  C CD1 . PHE A 1 72  ? -1.535  -3.557  0.236   1.00 11.17 ? 1363 PHE A CD1 1 
ATOM   422  C CD2 . PHE A 1 72  ? -2.477  -4.357  -1.798  1.00 11.23 ? 1363 PHE A CD2 1 
ATOM   423  C CE1 . PHE A 1 72  ? -2.068  -2.301  0.009   1.00 12.43 ? 1363 PHE A CE1 1 
ATOM   424  C CE2 . PHE A 1 72  ? -3.019  -3.119  -2.030  1.00 11.25 ? 1363 PHE A CE2 1 
ATOM   425  C CZ  . PHE A 1 72  ? -2.760  -2.073  -1.172  1.00 11.99 ? 1363 PHE A CZ  1 
ATOM   426  N N   . ALA A 1 73  ? 1.171   -8.277  -0.462  1.00 10.83 ? 1364 ALA A N   1 
ATOM   427  C CA  . ALA A 1 73  ? 1.841   -9.375  0.277   1.00 12.31 ? 1364 ALA A CA  1 
ATOM   428  C C   . ALA A 1 73  ? 3.261   -8.948  0.635   1.00 11.62 ? 1364 ALA A C   1 
ATOM   429  O O   . ALA A 1 73  ? 3.742   -9.187  1.775   1.00 12.75 ? 1364 ALA A O   1 
ATOM   430  C CB  . ALA A 1 73  ? 1.902   -10.663 -0.499  1.00 12.42 ? 1364 ALA A CB  1 
ATOM   431  N N   . THR A 1 74  ? 3.952   -8.295  -0.290  1.00 11.69 ? 1365 THR A N   1 
ATOM   432  C CA  . THR A 1 74  ? 5.317   -7.766  -0.053  1.00 12.70 ? 1365 THR A CA  1 
ATOM   433  C C   . THR A 1 74  ? 5.270   -6.697  1.045   1.00 11.41 ? 1365 THR A C   1 
ATOM   434  O O   . THR A 1 74  ? 6.130   -6.726  1.945   1.00 11.82 ? 1365 THR A O   1 
ATOM   435  C CB  . THR A 1 74  ? 5.954   -7.215  -1.318  1.00 14.13 ? 1365 THR A CB  1 
ATOM   436  O OG1 . THR A 1 74  ? 6.026   -8.312  -2.243  1.00 13.81 ? 1365 THR A OG1 1 
ATOM   437  C CG2 . THR A 1 74  ? 7.300   -6.574  -1.077  1.00 13.88 ? 1365 THR A CG2 1 
ATOM   438  N N   . VAL A 1 75  ? 4.265   -5.849  1.064   1.00 11.27 ? 1366 VAL A N   1 
ATOM   439  C CA  . VAL A 1 75  ? 4.149   -4.831  2.133   1.00 12.07 ? 1366 VAL A CA  1 
ATOM   440  C C   . VAL A 1 75  ? 3.945   -5.526  3.472   1.00 12.15 ? 1366 VAL A C   1 
ATOM   441  O O   . VAL A 1 75  ? 4.663   -5.177  4.440   1.00 12.09 ? 1366 VAL A O   1 
ATOM   442  C CB  . VAL A 1 75  ? 3.056   -3.794  1.828   1.00 12.36 ? 1366 VAL A CB  1 
ATOM   443  C CG1 . VAL A 1 75  ? 2.886   -2.879  3.011   1.00 13.29 ? 1366 VAL A CG1 1 
ATOM   444  C CG2 . VAL A 1 75  ? 3.403   -2.968  0.599   1.00 11.90 ? 1366 VAL A CG2 1 
ATOM   445  N N   . ARG A 1 76  ? 3.036   -6.491  3.560   1.00 12.00 ? 1367 ARG A N   1 
ATOM   446  C CA  . ARG A 1 76  ? 2.765   -7.238  4.806   1.00 13.97 ? 1367 ARG A CA  1 
ATOM   447  C C   . ARG A 1 76  ? 4.036   -7.962  5.250   1.00 13.17 ? 1367 ARG A C   1 
ATOM   448  O O   . ARG A 1 76  ? 4.394   -7.872  6.426   1.00 13.70 ? 1367 ARG A O   1 
ATOM   449  C CB  . ARG A 1 76  ? 1.638   -8.243  4.603   1.00 15.96 ? 1367 ARG A CB  1 
ATOM   450  C CG  . ARG A 1 76  ? 1.214   -8.937  5.879   1.00 17.39 ? 1367 ARG A CG  1 
ATOM   451  C CD  . ARG A 1 76  ? 0.160   -9.896  5.371   1.00 19.02 ? 1367 ARG A CD  1 
ATOM   452  N NE  . ARG A 1 76  ? -1.144  -9.445  5.695   1.00 21.03 ? 1367 ARG A NE  1 
ATOM   453  C CZ  . ARG A 1 76  ? -2.263  -10.039 5.296   1.00 20.11 ? 1367 ARG A CZ  1 
ATOM   454  N NH1 . ARG A 1 76  ? -2.230  -11.043 4.442   1.00 20.09 ? 1367 ARG A NH1 1 
ATOM   455  N NH2 . ARG A 1 76  ? -3.400  -9.631  5.798   1.00 23.31 ? 1367 ARG A NH2 1 
ATOM   456  N N   . GLU A 1 77  ? 4.764   -8.587  4.336   1.00 12.85 ? 1368 GLU A N   1 
ATOM   457  C CA  . GLU A 1 77  ? 5.971   -9.366  4.696   1.00 15.34 ? 1368 GLU A CA  1 
ATOM   458  C C   . GLU A 1 77  ? 7.055   -8.432  5.201   1.00 13.95 ? 1368 GLU A C   1 
ATOM   459  O O   . GLU A 1 77  ? 7.771   -8.762  6.184   1.00 13.86 ? 1368 GLU A O   1 
ATOM   460  C CB  . GLU A 1 77  ? 6.402   -10.177 3.483   1.00 16.90 ? 1368 GLU A CB  1 
ATOM   461  C CG  . GLU A 1 77  ? 5.551   -11.427 3.275   1.00 20.59 ? 1368 GLU A CG  1 
ATOM   462  C CD  . GLU A 1 77  ? 5.420   -11.912 1.838   1.00 26.74 ? 1368 GLU A CD  1 
ATOM   463  O OE1 . GLU A 1 77  ? 6.215   -11.423 0.980   1.00 28.54 ? 1368 GLU A OE1 1 
ATOM   464  O OE2 . GLU A 1 77  ? 4.508   -12.782 1.569   1.00 27.31 ? 1368 GLU A OE2 1 
ATOM   465  N N   . THR A 1 78  ? 7.172   -7.254  4.604   1.00 12.94 ? 1369 THR A N   1 
ATOM   466  C CA  . THR A 1 78  ? 8.190   -6.258  5.001   1.00 12.60 ? 1369 THR A CA  1 
ATOM   467  C C   . THR A 1 78  ? 7.861   -5.781  6.415   1.00 12.35 ? 1369 THR A C   1 
ATOM   468  O O   . THR A 1 78  ? 8.769   -5.674  7.282   1.00 12.64 ? 1369 THR A O   1 
ATOM   469  C CB  . THR A 1 78  ? 8.200   -5.107  3.992   1.00 12.56 ? 1369 THR A CB  1 
ATOM   470  O OG1 . THR A 1 78  ? 8.529   -5.622  2.696   1.00 12.89 ? 1369 THR A OG1 1 
ATOM   471  C CG2 . THR A 1 78  ? 9.176   -4.038  4.401   1.00 12.32 ? 1369 THR A CG2 1 
ATOM   472  N N   . LEU A 1 79  ? 6.610   -5.433  6.649   1.00 11.48 ? 1370 LEU A N   1 
ATOM   473  C CA  . LEU A 1 79  ? 6.119   -5.053  7.993   1.00 12.73 ? 1370 LEU A CA  1 
ATOM   474  C C   . LEU A 1 79  ? 6.413   -6.164  9.010   1.00 12.93 ? 1370 LEU A C   1 
ATOM   475  O O   . LEU A 1 79  ? 7.023   -5.872  10.115  1.00 13.17 ? 1370 LEU A O   1 
ATOM   476  C CB  . LEU A 1 79  ? 4.619   -4.776  7.922   1.00 13.33 ? 1370 LEU A CB  1 
ATOM   477  C CG  . LEU A 1 79  ? 4.012   -4.218  9.218   1.00 13.60 ? 1370 LEU A CG  1 
ATOM   478  C CD1 . LEU A 1 79  ? 4.590   -2.844  9.522   1.00 11.83 ? 1370 LEU A CD1 1 
ATOM   479  C CD2 . LEU A 1 79  ? 2.500   -4.168  9.064   1.00 14.56 ? 1370 LEU A CD2 1 
ATOM   480  N N   . GLU A 1 80  ? 6.016   -7.404  8.708   1.00 13.24 ? 1371 GLU A N   1 
ATOM   481  C CA  . GLU A 1 80  ? 6.089   -8.531  9.685   1.00 15.71 ? 1371 GLU A CA  1 
ATOM   482  C C   . GLU A 1 80  ? 7.557   -8.913  9.907   1.00 14.40 ? 1371 GLU A C   1 
ATOM   483  O O   . GLU A 1 80  ? 7.869   -9.435  11.000  1.00 16.34 ? 1371 GLU A O   1 
ATOM   484  C CB  . GLU A 1 80  ? 5.229   -9.694  9.195   1.00 17.85 ? 1371 GLU A CB  1 
ATOM   485  C CG  . GLU A 1 80  ? 3.755   -9.336  9.169   1.00 20.42 ? 1371 GLU A CG  1 
ATOM   486  C CD  . GLU A 1 80  ? 3.297   -8.776  10.502  1.00 27.60 ? 1371 GLU A CD  1 
ATOM   487  O OE1 . GLU A 1 80  ? 2.976   -9.597  11.369  1.00 33.78 ? 1371 GLU A OE1 1 
ATOM   488  O OE2 . GLU A 1 80  ? 3.371   -7.531  10.715  1.00 27.70 ? 1371 GLU A OE2 1 
ATOM   489  N N   . ALA A 1 81  ? 8.448   -8.639  8.957   1.00 14.32 ? 1372 ALA A N   1 
ATOM   490  C CA  . ALA A 1 81  ? 9.905   -8.866  9.101   1.00 15.00 ? 1372 ALA A CA  1 
ATOM   491  C C   . ALA A 1 81  ? 10.558  -7.795  9.975   1.00 15.16 ? 1372 ALA A C   1 
ATOM   492  O O   . ALA A 1 81  ? 11.756  -7.900  10.281  1.00 15.89 ? 1372 ALA A O   1 
ATOM   493  C CB  . ALA A 1 81  ? 10.541  -8.904  7.748   1.00 16.03 ? 1372 ALA A CB  1 
ATOM   494  N N   . GLY A 1 82  ? 9.811   -6.761  10.387  1.00 13.53 ? 1373 GLY A N   1 
ATOM   495  C CA  . GLY A 1 82  ? 10.451  -5.661  11.097  1.00 13.47 ? 1373 GLY A CA  1 
ATOM   496  C C   . GLY A 1 82  ? 11.330  -4.840  10.205  1.00 14.06 ? 1373 GLY A C   1 
ATOM   497  O O   . GLY A 1 82  ? 12.363  -4.351  10.620  1.00 14.69 ? 1373 GLY A O   1 
ATOM   498  N N   . ASN A 1 83  ? 10.946  -4.648  8.938   1.00 12.64 ? 1374 ASN A N   1 
ATOM   499  C CA  . ASN A 1 83  ? 11.803  -3.907  7.998   1.00 13.62 ? 1374 ASN A CA  1 
ATOM   500  C C   . ASN A 1 83  ? 11.152  -2.589  7.559   1.00 12.91 ? 1374 ASN A C   1 
ATOM   501  O O   . ASN A 1 83  ? 11.708  -1.933  6.697   1.00 13.17 ? 1374 ASN A O   1 
ATOM   502  C CB  . ASN A 1 83  ? 12.146  -4.770  6.801   1.00 13.95 ? 1374 ASN A CB  1 
ATOM   503  C CG  . ASN A 1 83  ? 13.069  -5.909  7.126   1.00 16.30 ? 1374 ASN A CG  1 
ATOM   504  O OD1 . ASN A 1 83  ? 13.729  -6.010  8.194   1.00 16.98 ? 1374 ASN A OD1 1 
ATOM   505  N ND2 . ASN A 1 83  ? 13.204  -6.748  6.130   1.00 16.56 ? 1374 ASN A ND2 1 
ATOM   506  N N   . TYR A 1 84  ? 10.076  -2.190  8.226   1.00 13.46 ? 1375 TYR A N   1 
ATOM   507  C CA  . TYR A 1 84  ? 9.671   -0.769  8.198   1.00 13.58 ? 1375 TYR A CA  1 
ATOM   508  C C   . TYR A 1 84  ? 10.063  -0.117  9.516   1.00 13.60 ? 1375 TYR A C   1 
ATOM   509  O O   . TYR A 1 84  ? 9.748   -0.681  10.540  1.00 14.39 ? 1375 TYR A O   1 
ATOM   510  C CB  . TYR A 1 84  ? 8.175   -0.594  7.937   1.00 13.83 ? 1375 TYR A CB  1 
ATOM   511  C CG  . TYR A 1 84  ? 7.741   -0.945  6.538   1.00 12.42 ? 1375 TYR A CG  1 
ATOM   512  C CD1 . TYR A 1 84  ? 8.345   -0.394  5.418   1.00 12.33 ? 1375 TYR A CD1 1 
ATOM   513  C CD2 . TYR A 1 84  ? 6.744   -1.874  6.343   1.00 11.61 ? 1375 TYR A CD2 1 
ATOM   514  C CE1 . TYR A 1 84  ? 7.897   -0.718  4.149   1.00 12.20 ? 1375 TYR A CE1 1 
ATOM   515  C CE2 . TYR A 1 84  ? 6.280   -2.191  5.084   1.00 11.43 ? 1375 TYR A CE2 1 
ATOM   516  C CZ  . TYR A 1 84  ? 6.897   -1.650  3.980   1.00 12.06 ? 1375 TYR A CZ  1 
ATOM   517  O OH  . TYR A 1 84  ? 6.427   -2.003  2.732   1.00 14.32 ? 1375 TYR A OH  1 
ATOM   518  N N   . GLU A 1 85  ? 10.659  1.066   9.419   1.00 15.67 ? 1376 GLU A N   1 
ATOM   519  C CA  . GLU A 1 85  ? 10.974  1.879   10.618  1.00 15.79 ? 1376 GLU A CA  1 
ATOM   520  C C   . GLU A 1 85  ? 9.782   2.755   10.995  1.00 17.23 ? 1376 GLU A C   1 
ATOM   521  O O   . GLU A 1 85  ? 9.679   3.156   12.154  1.00 20.02 ? 1376 GLU A O   1 
ATOM   522  C CB  . GLU A 1 85  ? 12.200  2.733   10.388  1.00 19.00 ? 1376 GLU A CB  1 
ATOM   523  C CG  . GLU A 1 85  ? 12.608  3.375   11.710  1.00 22.71 ? 1376 GLU A CG  1 
ATOM   524  C CD  . GLU A 1 85  ? 14.011  3.902   11.800  1.00 28.97 ? 1376 GLU A CD  1 
ATOM   525  O OE1 . GLU A 1 85  ? 14.621  4.118   10.720  1.00 36.34 ? 1376 GLU A OE1 1 
ATOM   526  O OE2 . GLU A 1 85  ? 14.502  4.029   12.979  1.00 29.92 ? 1376 GLU A OE2 1 
ATOM   527  N N   . SER A 1 86  ? 8.909   3.100   10.049  1.00 15.20 ? 1377 SER A N   1 
ATOM   528  C CA  . SER A 1 86  ? 7.820   4.072   10.316  1.00 14.34 ? 1377 SER A CA  1 
ATOM   529  C C   . SER A 1 86  ? 6.644   3.735   9.424   1.00 13.94 ? 1377 SER A C   1 
ATOM   530  O O   . SER A 1 86  ? 6.803   3.047   8.413   1.00 13.45 ? 1377 SER A O   1 
ATOM   531  C CB  . SER A 1 86  ? 8.291   5.452   10.035  1.00 13.56 ? 1377 SER A CB  1 
ATOM   532  O OG  . SER A 1 86  ? 8.470   5.641   8.636   1.00 14.94 ? 1377 SER A OG  1 
ATOM   533  N N   . PRO A 1 87  ? 5.440   4.212   9.749   1.00 13.12 ? 1378 PRO A N   1 
ATOM   534  C CA  . PRO A 1 87  ? 4.304   4.019   8.853   1.00 13.78 ? 1378 PRO A CA  1 
ATOM   535  C C   . PRO A 1 87  ? 4.486   4.813   7.561   1.00 12.73 ? 1378 PRO A C   1 
ATOM   536  O O   . PRO A 1 87  ? 3.841   4.437   6.624   1.00 11.61 ? 1378 PRO A O   1 
ATOM   537  C CB  . PRO A 1 87  ? 3.100   4.510   9.654   1.00 13.62 ? 1378 PRO A CB  1 
ATOM   538  C CG  . PRO A 1 87  ? 3.732   5.537   10.655  1.00 13.18 ? 1378 PRO A CG  1 
ATOM   539  C CD  . PRO A 1 87  ? 5.073   4.922   10.991  1.00 13.59 ? 1378 PRO A CD  1 
ATOM   540  N N   . MET A 1 88  ? 5.293   5.885   7.533   1.00 12.08 ? 1379 MET A N   1 
ATOM   541  C CA  . MET A 1 88  ? 5.582   6.648   6.307   1.00 12.61 ? 1379 MET A CA  1 
ATOM   542  C C   . MET A 1 88  ? 6.232   5.709   5.286   1.00 12.28 ? 1379 MET A C   1 
ATOM   543  O O   . MET A 1 88  ? 5.916   5.811   4.087   1.00 12.06 ? 1379 MET A O   1 
ATOM   544  C CB  . MET A 1 88  ? 6.443   7.888   6.582   1.00 13.02 ? 1379 MET A CB  1 
ATOM   545  C CG  . MET A 1 88  ? 5.691   8.884   7.440   1.00 13.93 ? 1379 MET A CG  1 
ATOM   546  S SD  . MET A 1 88  ? 5.811   8.611   9.245   1.00 16.80 ? 1379 MET A SD  1 
ATOM   547  C CE  . MET A 1 88  ? 7.474   9.228   9.456   1.00 18.70 ? 1379 MET A CE  1 
ATOM   548  N N   . GLU A 1 89  ? 7.135   4.838   5.729   1.00 11.83 ? 1380 GLU A N   1 
ATOM   549  C CA  . GLU A 1 89  ? 7.811   3.946   4.782   1.00 12.01 ? 1380 GLU A CA  1 
ATOM   550  C C   . GLU A 1 89  ? 6.805   2.971   4.188   1.00 12.01 ? 1380 GLU A C   1 
ATOM   551  O O   . GLU A 1 89  ? 6.865   2.681   2.979   1.00 11.21 ? 1380 GLU A O   1 
ATOM   552  C CB  . GLU A 1 89  ? 8.933   3.179   5.462   1.00 13.19 ? 1380 GLU A CB  1 
ATOM   553  C CG  . GLU A 1 89  ? 10.099  4.037   5.812   1.00 14.07 ? 1380 GLU A CG  1 
ATOM   554  C CD  . GLU A 1 89  ? 11.191  3.260   6.524   1.00 16.07 ? 1380 GLU A CD  1 
ATOM   555  O OE1 . GLU A 1 89  ? 10.942  2.107   6.839   1.00 15.57 ? 1380 GLU A OE1 1 
ATOM   556  O OE2 . GLU A 1 89  ? 12.295  3.819   6.692   1.00 20.38 ? 1380 GLU A OE2 1 
ATOM   557  N N   . LEU A 1 90  ? 5.911   2.441   5.021   0.50 11.52 ? 1381 LEU A N   1 
ATOM   558  C CA  . LEU A 1 90  ? 4.861   1.505   4.552   0.50 11.88 ? 1381 LEU A CA  1 
ATOM   559  C C   . LEU A 1 90  ? 3.978   2.254   3.554   0.50 12.04 ? 1381 LEU A C   1 
ATOM   560  O O   . LEU A 1 90  ? 3.620   1.678   2.515   0.50 11.79 ? 1381 LEU A O   1 
ATOM   561  C CB  . LEU A 1 90  ? 4.054   0.991   5.743   0.50 11.80 ? 1381 LEU A CB  1 
ATOM   562  C CG  . LEU A 1 90  ? 2.898   0.055   5.392   0.50 11.93 ? 1381 LEU A CG  1 
ATOM   563  C CD1 . LEU A 1 90  ? 2.753   -1.025  6.453   0.50 12.11 ? 1381 LEU A CD1 1 
ATOM   564  C CD2 . LEU A 1 90  ? 1.609   0.843   5.209   0.50 11.90 ? 1381 LEU A CD2 1 
ATOM   565  N N   A CYS A 1 91  ? 3.654   3.512   3.861   0.25 12.06 ? 1382 CYS A N   1 
ATOM   566  N N   B CYS A 1 91  ? 3.593   3.482   3.869   0.25 12.77 ? 1382 CYS A N   1 
ATOM   567  C CA  A CYS A 1 91  ? 2.739   4.343   3.038   0.25 12.53 ? 1382 CYS A CA  1 
ATOM   568  C CA  B CYS A 1 91  ? 2.757   4.303   2.962   0.25 13.69 ? 1382 CYS A CA  1 
ATOM   569  C C   A CYS A 1 91  ? 3.353   4.654   1.655   0.25 12.58 ? 1382 CYS A C   1 
ATOM   570  C C   B CYS A 1 91  ? 3.409   4.428   1.597   0.25 13.67 ? 1382 CYS A C   1 
ATOM   571  O O   A CYS A 1 91  ? 2.493   4.937   0.656   0.25 12.87 ? 1382 CYS A O   1 
ATOM   572  O O   B CYS A 1 91  ? 2.684   4.239   0.588   0.25 15.13 ? 1382 CYS A O   1 
ATOM   573  C CB  A CYS A 1 91  ? 2.382   5.642   3.749   0.25 12.62 ? 1382 CYS A CB  1 
ATOM   574  C CB  B CYS A 1 91  ? 2.565   5.703   3.497   0.25 14.34 ? 1382 CYS A CB  1 
ATOM   575  S SG  A CYS A 1 91  ? 0.849   6.372   3.117   0.25 12.18 ? 1382 CYS A SG  1 
ATOM   576  S SG  B CYS A 1 91  ? 1.263   5.699   4.734   0.25 14.86 ? 1382 CYS A SG  1 
ATOM   577  N N   . LYS A 1 92  ? 4.712   4.744   1.585   1.00 13.02 ? 1383 LYS A N   1 
ATOM   578  C CA  . LYS A 1 92  ? 5.428   4.965   0.304   1.00 13.48 ? 1383 LYS A CA  1 
ATOM   579  C C   . LYS A 1 92  ? 5.280   3.680   -0.532  1.00 13.40 ? 1383 LYS A C   1 
ATOM   580  O O   . LYS A 1 92  ? 4.987   3.786   -1.719  1.00 13.14 ? 1383 LYS A O   1 
ATOM   581  C CB  . LYS A 1 92  ? 6.888   5.267   0.602   1.00 16.07 ? 1383 LYS A CB  1 
ATOM   582  C CG  . LYS A 1 92  ? 7.735   5.529   -0.608  1.00 18.24 ? 1383 LYS A CG  1 
ATOM   583  C CD  . LYS A 1 92  ? 9.096   6.058   -0.226  1.00 21.57 ? 1383 LYS A CD  1 
ATOM   584  C CE  . LYS A 1 92  ? 10.129  5.839   -1.322  1.00 26.33 ? 1383 LYS A CE  1 
ATOM   585  N NZ  . LYS A 1 92  ? 11.441  6.483   -1.021  1.00 26.99 ? 1383 LYS A NZ  1 
ATOM   586  N N   . ASP A 1 93  ? 5.430   2.500   0.062   1.00 12.25 ? 1384 ASP A N   1 
ATOM   587  C CA  . ASP A 1 93  ? 5.309   1.225   -0.684  1.00 12.91 ? 1384 ASP A CA  1 
ATOM   588  C C   . ASP A 1 93  ? 3.856   1.004   -1.123  1.00 11.41 ? 1384 ASP A C   1 
ATOM   589  O O   . ASP A 1 93  ? 3.619   0.601   -2.269  1.00 12.18 ? 1384 ASP A O   1 
ATOM   590  C CB  . ASP A 1 93  ? 5.817   0.023   0.095   1.00 12.57 ? 1384 ASP A CB  1 
ATOM   591  C CG  . ASP A 1 93  ? 7.335   -0.051  0.148   1.00 13.93 ? 1384 ASP A CG  1 
ATOM   592  O OD1 . ASP A 1 93  ? 7.992   0.751   -0.573  1.00 15.76 ? 1384 ASP A OD1 1 
ATOM   593  O OD2 . ASP A 1 93  ? 7.851   -0.894  0.890   1.00 14.43 ? 1384 ASP A OD2 1 
ATOM   594  N N   . VAL A 1 94  ? 2.871   1.276   -0.281  1.00 11.29 ? 1385 VAL A N   1 
ATOM   595  C CA  . VAL A 1 94  ? 1.457   1.091   -0.673  1.00 10.98 ? 1385 VAL A CA  1 
ATOM   596  C C   . VAL A 1 94  ? 1.166   2.041   -1.818  1.00 11.10 ? 1385 VAL A C   1 
ATOM   597  O O   . VAL A 1 94  ? 0.525   1.656   -2.787  1.00 10.90 ? 1385 VAL A O   1 
ATOM   598  C CB  . VAL A 1 94  ? 0.526   1.304   0.520   1.00 11.05 ? 1385 VAL A CB  1 
ATOM   599  C CG1 . VAL A 1 94  ? -0.926  1.336   0.041   1.00 10.82 ? 1385 VAL A CG1 1 
ATOM   600  C CG2 . VAL A 1 94  ? 0.644   0.162   1.541   1.00 12.32 ? 1385 VAL A CG2 1 
ATOM   601  N N   . ARG A 1 95  ? 1.638   3.265   -1.741  1.00 9.73  ? 1386 ARG A N   1 
ATOM   602  C CA  . ARG A 1 95  ? 1.344   4.249   -2.797  1.00 10.58 ? 1386 ARG A CA  1 
ATOM   603  C C   . ARG A 1 95  ? 1.990   3.826   -4.111  1.00 10.60 ? 1386 ARG A C   1 
ATOM   604  O O   . ARG A 1 95  ? 1.469   4.156   -5.179  1.00 10.71 ? 1386 ARG A O   1 
ATOM   605  C CB  . ARG A 1 95  ? 1.765   5.646   -2.370  1.00 11.62 ? 1386 ARG A CB  1 
ATOM   606  C CG  . ARG A 1 95  ? 0.809   6.234   -1.347  1.00 12.64 ? 1386 ARG A CG  1 
ATOM   607  C CD  . ARG A 1 95  ? 1.414   7.386   -0.609  1.00 13.93 ? 1386 ARG A CD  1 
ATOM   608  N NE  . ARG A 1 95  ? 0.408   7.970   0.266   1.00 15.19 ? 1386 ARG A NE  1 
ATOM   609  C CZ  . ARG A 1 95  ? 0.635   8.916   1.164   1.00 21.27 ? 1386 ARG A CZ  1 
ATOM   610  N NH1 . ARG A 1 95  ? 1.851   9.418   1.316   1.00 20.98 ? 1386 ARG A NH1 1 
ATOM   611  N NH2 . ARG A 1 95  ? -0.368  9.375   1.903   1.00 24.38 ? 1386 ARG A NH2 1 
ATOM   612  N N   . LEU A 1 96  ? 3.124   3.157   -4.058  1.00 10.39 ? 1387 LEU A N   1 
ATOM   613  C CA  . LEU A 1 96  ? 3.795   2.601   -5.251  1.00 10.96 ? 1387 LEU A CA  1 
ATOM   614  C C   . LEU A 1 96  ? 2.915   1.540   -5.913  1.00 11.51 ? 1387 LEU A C   1 
ATOM   615  O O   . LEU A 1 96  ? 2.864   1.467   -7.125  1.00 11.53 ? 1387 LEU A O   1 
ATOM   616  C CB  . LEU A 1 96  ? 5.128   2.010   -4.829  1.00 11.51 ? 1387 LEU A CB  1 
ATOM   617  C CG  . LEU A 1 96  ? 5.931   1.351   -5.941  1.00 11.90 ? 1387 LEU A CG  1 
ATOM   618  C CD1 . LEU A 1 96  ? 6.274   2.363   -7.018  1.00 12.43 ? 1387 LEU A CD1 1 
ATOM   619  C CD2 . LEU A 1 96  ? 7.200   0.735   -5.378  1.00 11.95 ? 1387 LEU A CD2 1 
ATOM   620  N N   . ILE A 1 97  ? 2.183   0.759   -5.130  1.00 11.51 ? 1388 ILE A N   1 
ATOM   621  C CA  . ILE A 1 97  ? 1.223   -0.200  -5.741  1.00 10.98 ? 1388 ILE A CA  1 
ATOM   622  C C   . ILE A 1 97  ? 0.296   0.612   -6.636  1.00 9.96  ? 1388 ILE A C   1 
ATOM   623  O O   . ILE A 1 97  ? -0.012  0.178   -7.750  1.00 10.09 ? 1388 ILE A O   1 
ATOM   624  C CB  . ILE A 1 97  ? 0.437   -0.985  -4.676  1.00 10.98 ? 1388 ILE A CB  1 
ATOM   625  C CG1 . ILE A 1 97  ? 1.404   -1.764  -3.772  1.00 10.63 ? 1388 ILE A CG1 1 
ATOM   626  C CG2 . ILE A 1 97  ? -0.624  -1.856  -5.312  1.00 11.50 ? 1388 ILE A CG2 1 
ATOM   627  C CD1 . ILE A 1 97  ? 0.760   -2.451  -2.574  1.00 11.02 ? 1388 ILE A CD1 1 
ATOM   628  N N   . PHE A 1 98  ? -0.218  1.729   -6.118  1.00 10.41 ? 1389 PHE A N   1 
ATOM   629  C CA  . PHE A 1 98  ? -1.268  2.468   -6.855  1.00 10.75 ? 1389 PHE A CA  1 
ATOM   630  C C   . PHE A 1 98  ? -0.621  3.183   -8.033  1.00 10.77 ? 1389 PHE A C   1 
ATOM   631  O O   . PHE A 1 98  ? -1.217  3.244   -9.114  1.00 11.46 ? 1389 PHE A O   1 
ATOM   632  C CB  . PHE A 1 98  ? -2.021  3.385   -5.891  1.00 10.79 ? 1389 PHE A CB  1 
ATOM   633  C CG  . PHE A 1 98  ? -2.696  2.617   -4.782  1.00 12.27 ? 1389 PHE A CG  1 
ATOM   634  C CD1 . PHE A 1 98  ? -3.424  1.471   -5.027  1.00 13.17 ? 1389 PHE A CD1 1 
ATOM   635  C CD2 . PHE A 1 98  ? -2.617  3.089   -3.485  1.00 12.53 ? 1389 PHE A CD2 1 
ATOM   636  C CE1 . PHE A 1 98  ? -4.050  0.796   -3.992  1.00 14.48 ? 1389 PHE A CE1 1 
ATOM   637  C CE2 . PHE A 1 98  ? -3.244  2.402   -2.454  1.00 12.56 ? 1389 PHE A CE2 1 
ATOM   638  C CZ  . PHE A 1 98  ? -3.959  1.281   -2.726  1.00 13.21 ? 1389 PHE A CZ  1 
ATOM   639  N N   . SER A 1 99  ? 0.546   3.783   -7.843  1.00 11.14 ? 1390 SER A N   1 
ATOM   640  C CA  . SER A 1 99  ? 1.176   4.524   -8.951  1.00 11.27 ? 1390 SER A CA  1 
ATOM   641  C C   . SER A 1 99  ? 1.570   3.532   -10.045 1.00 11.16 ? 1390 SER A C   1 
ATOM   642  O O   . SER A 1 99  ? 1.481   3.892   -11.249 1.00 11.26 ? 1390 SER A O   1 
ATOM   643  C CB  . SER A 1 99  ? 2.312   5.377   -8.504  1.00 11.88 ? 1390 SER A CB  1 
ATOM   644  O OG  . SER A 1 99  ? 3.363   4.635   -7.938  1.00 13.19 ? 1390 SER A OG  1 
ATOM   645  N N   . ASN A 1 100 ? 1.998   2.324   -9.696  1.00 10.76 ? 1391 ASN A N   1 
ATOM   646  C CA  . ASN A 1 100 ? 2.300   1.309   -10.728 1.00 10.51 ? 1391 ASN A CA  1 
ATOM   647  C C   . ASN A 1 100 ? 1.027   1.035   -11.532 1.00 11.05 ? 1391 ASN A C   1 
ATOM   648  O O   . ASN A 1 100 ? 1.108   0.846   -12.738 1.00 11.67 ? 1391 ASN A O   1 
ATOM   649  C CB  . ASN A 1 100 ? 2.850   0.014   -10.154 1.00 10.84 ? 1391 ASN A CB  1 
ATOM   650  C CG  . ASN A 1 100 ? 4.271   0.150   -9.658  1.00 10.42 ? 1391 ASN A CG  1 
ATOM   651  O OD1 . ASN A 1 100 ? 4.974   1.097   -9.985  1.00 11.65 ? 1391 ASN A OD1 1 
ATOM   652  N ND2 . ASN A 1 100 ? 4.722   -0.855  -8.958  1.00 11.42 ? 1391 ASN A ND2 1 
ATOM   653  N N   . SER A 1 101 ? -0.114  0.863   -10.868 1.00 10.74 ? 1392 SER A N   1 
ATOM   654  C CA  . SER A 1 101 ? -1.373  0.566   -11.581 1.00 11.58 ? 1392 SER A CA  1 
ATOM   655  C C   . SER A 1 101 ? -1.706  1.716   -12.540 1.00 11.54 ? 1392 SER A C   1 
ATOM   656  O O   . SER A 1 101 ? -2.094  1.472   -13.710 1.00 12.24 ? 1392 SER A O   1 
ATOM   657  C CB  . SER A 1 101 ? -2.465  0.276   -10.604 1.00 11.14 ? 1392 SER A CB  1 
ATOM   658  O OG  . SER A 1 101 ? -3.635  -0.121  -11.294 1.00 12.50 ? 1392 SER A OG  1 
ATOM   659  N N   . LYS A 1 102 ? -1.517  2.959   -12.108 1.00 11.34 ? 1393 LYS A N   1 
ATOM   660  C CA  . LYS A 1 102 ? -1.806  4.153   -12.934 1.00 12.69 ? 1393 LYS A CA  1 
ATOM   661  C C   . LYS A 1 102 ? -0.835  4.194   -14.117 1.00 12.56 ? 1393 LYS A C   1 
ATOM   662  O O   . LYS A 1 102 ? -1.262  4.521   -15.237 1.00 12.57 ? 1393 LYS A O   1 
ATOM   663  C CB  . LYS A 1 102 ? -1.742  5.398   -12.062 1.00 14.12 ? 1393 LYS A CB  1 
ATOM   664  C CG  . LYS A 1 102 ? -2.152  6.679   -12.781 1.00 14.52 ? 1393 LYS A CG  1 
ATOM   665  C CD  . LYS A 1 102 ? -2.261  7.820   -11.866 1.00 17.01 ? 1393 LYS A CD  1 
ATOM   666  C CE  . LYS A 1 102 ? -2.913  9.021   -12.520 1.00 18.15 ? 1393 LYS A CE  1 
ATOM   667  N NZ  . LYS A 1 102 ? -3.202  10.044  -11.504 1.00 19.22 ? 1393 LYS A NZ  1 
ATOM   668  N N   . ALA A 1 103 ? 0.407   3.807   -13.903 1.00 13.14 ? 1394 ALA A N   1 
ATOM   669  C CA  . ALA A 1 103 ? 1.422   3.824   -14.975 1.00 13.01 ? 1394 ALA A CA  1 
ATOM   670  C C   . ALA A 1 103 ? 1.132   2.692   -15.959 1.00 13.64 ? 1394 ALA A C   1 
ATOM   671  O O   . ALA A 1 103 ? 1.349   2.875   -17.152 1.00 13.61 ? 1394 ALA A O   1 
ATOM   672  C CB  . ALA A 1 103 ? 2.784   3.678   -14.360 1.00 12.69 ? 1394 ALA A CB  1 
ATOM   673  N N   . TYR A 1 104 ? 0.668   1.553   -15.508 1.00 12.31 ? 1395 TYR A N   1 
ATOM   674  C CA  . TYR A 1 104 ? 0.577   0.361   -16.389 1.00 12.21 ? 1395 TYR A CA  1 
ATOM   675  C C   . TYR A 1 104 ? -0.735  0.396   -17.172 1.00 12.03 ? 1395 TYR A C   1 
ATOM   676  O O   . TYR A 1 104 ? -0.833  -0.219  -18.225 1.00 12.31 ? 1395 TYR A O   1 
ATOM   677  C CB  . TYR A 1 104 ? 0.651   -0.959  -15.654 1.00 12.60 ? 1395 TYR A CB  1 
ATOM   678  C CG  . TYR A 1 104 ? 0.735   -2.097  -16.617 1.00 13.15 ? 1395 TYR A CG  1 
ATOM   679  C CD1 . TYR A 1 104 ? 1.827   -2.252  -17.441 1.00 12.80 ? 1395 TYR A CD1 1 
ATOM   680  C CD2 . TYR A 1 104 ? -0.310  -2.987  -16.731 1.00 14.27 ? 1395 TYR A CD2 1 
ATOM   681  C CE1 . TYR A 1 104 ? 1.883   -3.288  -18.367 1.00 13.83 ? 1395 TYR A CE1 1 
ATOM   682  C CE2 . TYR A 1 104 ? -0.273  -4.020  -17.641 1.00 15.53 ? 1395 TYR A CE2 1 
ATOM   683  C CZ  . TYR A 1 104 ? 0.836   -4.183  -18.448 1.00 13.78 ? 1395 TYR A CZ  1 
ATOM   684  O OH  . TYR A 1 104 ? 0.849   -5.185  -19.368 1.00 16.51 ? 1395 TYR A OH  1 
ATOM   685  N N   . THR A 1 105 ? -1.770  1.068   -16.658 1.00 12.43 ? 1396 THR A N   1 
ATOM   686  C CA  . THR A 1 105 ? -3.100  0.985   -17.251 1.00 12.76 ? 1396 THR A CA  1 
ATOM   687  C C   . THR A 1 105 ? -3.104  1.583   -18.659 1.00 13.52 ? 1396 THR A C   1 
ATOM   688  O O   . THR A 1 105 ? -2.581  2.666   -18.914 1.00 13.50 ? 1396 THR A O   1 
ATOM   689  C CB  . THR A 1 105 ? -4.181  1.586   -16.339 1.00 13.02 ? 1396 THR A CB  1 
ATOM   690  O OG1 . THR A 1 105 ? -5.435  1.131   -16.858 1.00 13.04 ? 1396 THR A OG1 1 
ATOM   691  C CG2 . THR A 1 105 ? -4.118  3.097   -16.292 1.00 12.56 ? 1396 THR A CG2 1 
ATOM   692  N N   . PRO A 1 106 ? -3.789  0.932   -19.611 1.00 13.46 ? 1397 PRO A N   1 
ATOM   693  C CA  . PRO A 1 106 ? -3.925  1.501   -20.959 1.00 14.98 ? 1397 PRO A CA  1 
ATOM   694  C C   . PRO A 1 106 ? -5.054  2.534   -21.021 1.00 15.12 ? 1397 PRO A C   1 
ATOM   695  O O   . PRO A 1 106 ? -5.243  3.184   -22.056 1.00 14.56 ? 1397 PRO A O   1 
ATOM   696  C CB  . PRO A 1 106 ? -4.246  0.281   -21.813 1.00 14.78 ? 1397 PRO A CB  1 
ATOM   697  C CG  . PRO A 1 106 ? -4.969  -0.683  -20.862 1.00 14.07 ? 1397 PRO A CG  1 
ATOM   698  C CD  . PRO A 1 106 ? -4.357  -0.418  -19.504 1.00 13.90 ? 1397 PRO A CD  1 
ATOM   699  N N   . SER A 1 107 ? -5.898  2.577   -19.991 1.00 13.82 ? 1398 SER A N   1 
ATOM   700  C CA  . SER A 1 107 ? -7.082  3.445   -19.922 1.00 13.69 ? 1398 SER A CA  1 
ATOM   701  C C   . SER A 1 107 ? -7.373  3.817   -18.481 1.00 13.03 ? 1398 SER A C   1 
ATOM   702  O O   . SER A 1 107 ? -7.250  2.947   -17.598 1.00 13.21 ? 1398 SER A O   1 
ATOM   703  C CB  . SER A 1 107 ? -8.285  2.736   -20.504 1.00 13.71 ? 1398 SER A CB  1 
ATOM   704  O OG  . SER A 1 107 ? -9.425  3.505   -20.285 1.00 14.74 ? 1398 SER A OG  1 
ATOM   705  N N   . LYS A 1 108 ? -7.866  5.019   -18.267 1.00 14.92 ? 1399 LYS A N   1 
ATOM   706  C CA  . LYS A 1 108 ? -8.234  5.432   -16.902 1.00 15.55 ? 1399 LYS A CA  1 
ATOM   707  C C   . LYS A 1 108 ? -9.560  4.778   -16.536 1.00 15.48 ? 1399 LYS A C   1 
ATOM   708  O O   . LYS A 1 108 ? -9.957  4.931   -15.393 1.00 15.71 ? 1399 LYS A O   1 
ATOM   709  C CB  . LYS A 1 108 ? -8.167  6.942   -16.773 1.00 18.04 ? 1399 LYS A CB  1 
ATOM   710  C CG  . LYS A 1 108 ? -6.714  7.395   -16.690 1.00 18.92 ? 1399 LYS A CG  1 
ATOM   711  C CD  . LYS A 1 108 ? -6.558  8.832   -16.403 1.00 19.00 ? 1399 LYS A CD  1 
ATOM   712  C CE  . LYS A 1 108 ? -5.134  9.284   -16.302 1.00 20.67 ? 1399 LYS A CE  1 
ATOM   713  N NZ  . LYS A 1 108 ? -5.097  10.691  -15.877 1.00 23.00 ? 1399 LYS A NZ  1 
ATOM   714  N N   . ARG A 1 109 ? -10.206 4.062   -17.463 1.00 14.00 ? 1400 ARG A N   1 
ATOM   715  C CA  . ARG A 1 109 ? -11.465 3.367   -17.168 1.00 15.75 ? 1400 ARG A CA  1 
ATOM   716  C C   . ARG A 1 109 ? -11.243 1.859   -17.166 1.00 14.78 ? 1400 ARG A C   1 
ATOM   717  O O   . ARG A 1 109 ? -12.219 1.121   -17.238 1.00 17.32 ? 1400 ARG A O   1 
ATOM   718  C CB  . ARG A 1 109 ? -12.535 3.786   -18.193 1.00 18.96 ? 1400 ARG A CB  1 
ATOM   719  C CG  . ARG A 1 109 ? -12.852 5.281   -18.176 1.00 23.80 ? 1400 ARG A CG  1 
ATOM   720  C CD  . ARG A 1 109 ? -13.826 5.677   -19.285 1.00 28.50 ? 1400 ARG A CD  1 
ATOM   721  N NE  . ARG A 1 109 ? -15.107 4.994   -19.148 1.00 34.80 ? 1400 ARG A NE  1 
ATOM   722  C CZ  . ARG A 1 109 ? -15.606 4.088   -19.996 1.00 37.21 ? 1400 ARG A CZ  1 
ATOM   723  N NH1 . ARG A 1 109 ? -14.936 3.724   -21.071 1.00 41.56 ? 1400 ARG A NH1 1 
ATOM   724  N NH2 . ARG A 1 109 ? -16.789 3.544   -19.767 1.00 38.87 ? 1400 ARG A NH2 1 
ATOM   725  N N   . SER A 1 110 ? -9.987  1.397   -17.090 0.52 14.40 ? 1401 SER A N   1 
ATOM   726  C CA  . SER A 1 110 ? -9.695  -0.055  -16.999 0.52 13.71 ? 1401 SER A CA  1 
ATOM   727  C C   . SER A 1 110 ? -10.285 -0.608  -15.695 0.52 13.09 ? 1401 SER A C   1 
ATOM   728  O O   . SER A 1 110 ? -10.499 0.156   -14.735 0.52 13.54 ? 1401 SER A O   1 
ATOM   729  C CB  . SER A 1 110 ? -8.231  -0.352  -17.107 0.52 13.88 ? 1401 SER A CB  1 
ATOM   730  O OG  . SER A 1 110 ? -7.588  -0.099  -15.868 0.52 14.31 ? 1401 SER A OG  1 
ATOM   731  N N   . ARG A 1 111 ? -10.583 -1.900  -15.673 1.00 13.15 ? 1402 ARG A N   1 
ATOM   732  C CA  . ARG A 1 111 ? -11.145 -2.519  -14.471 1.00 12.36 ? 1402 ARG A CA  1 
ATOM   733  C C   . ARG A 1 111 ? -10.109 -2.479  -13.350 1.00 12.35 ? 1402 ARG A C   1 
ATOM   734  O O   . ARG A 1 111 ? -10.400 -1.965  -12.273 1.00 12.94 ? 1402 ARG A O   1 
ATOM   735  C CB  . ARG A 1 111 ? -11.533 -3.936  -14.837 1.00 13.64 ? 1402 ARG A CB  1 
ATOM   736  C CG  . ARG A 1 111 ? -11.978 -4.726  -13.628 1.00 14.35 ? 1402 ARG A CG  1 
ATOM   737  C CD  . ARG A 1 111 ? -13.339 -4.295  -13.165 1.00 16.59 ? 1402 ARG A CD  1 
ATOM   738  N NE  . ARG A 1 111 ? -13.590 -4.855  -11.853 1.00 19.20 ? 1402 ARG A NE  1 
ATOM   739  C CZ  . ARG A 1 111 ? -14.059 -6.071  -11.579 1.00 19.02 ? 1402 ARG A CZ  1 
ATOM   740  N NH1 . ARG A 1 111 ? -14.458 -6.881  -12.531 1.00 16.66 ? 1402 ARG A NH1 1 
ATOM   741  N NH2 . ARG A 1 111 ? -14.193 -6.460  -10.319 1.00 22.96 ? 1402 ARG A NH2 1 
ATOM   742  N N   . ILE A 1 112 ? -8.935  -2.957  -13.607 1.00 11.56 ? 1403 ILE A N   1 
ATOM   743  C CA  . ILE A 1 112 ? -7.914  -3.078  -12.508 1.00 10.35 ? 1403 ILE A CA  1 
ATOM   744  C C   . ILE A 1 112 ? -7.513  -1.687  -12.002 1.00 12.02 ? 1403 ILE A C   1 
ATOM   745  O O   . ILE A 1 112 ? -7.431  -1.478  -10.795 1.00 10.74 ? 1403 ILE A O   1 
ATOM   746  C CB  . ILE A 1 112 ? -6.730  -3.953  -12.968 1.00 11.47 ? 1403 ILE A CB  1 
ATOM   747  C CG1 . ILE A 1 112 ? -7.234  -5.378  -13.203 1.00 12.14 ? 1403 ILE A CG1 1 
ATOM   748  C CG2 . ILE A 1 112 ? -5.598  -3.930  -11.935 1.00 11.86 ? 1403 ILE A CG2 1 
ATOM   749  C CD1 . ILE A 1 112 ? -6.248  -6.302  -13.904 1.00 13.84 ? 1403 ILE A CD1 1 
ATOM   750  N N   . TYR A 1 113 ? -7.275  -0.726  -12.872 1.00 11.64 ? 1404 TYR A N   1 
ATOM   751  C CA  . TYR A 1 113 ? -6.991  0.647   -12.444 1.00 11.64 ? 1404 TYR A CA  1 
ATOM   752  C C   . TYR A 1 113 ? -8.144  1.215   -11.600 1.00 12.04 ? 1404 TYR A C   1 
ATOM   753  O O   . TYR A 1 113 ? -7.921  1.849   -10.589 1.00 11.77 ? 1404 TYR A O   1 
ATOM   754  C CB  . TYR A 1 113 ? -6.689  1.545   -13.635 1.00 12.53 ? 1404 TYR A CB  1 
ATOM   755  C CG  . TYR A 1 113 ? -6.454  2.972   -13.265 1.00 12.30 ? 1404 TYR A CG  1 
ATOM   756  C CD1 . TYR A 1 113 ? -5.406  3.344   -12.443 1.00 12.97 ? 1404 TYR A CD1 1 
ATOM   757  C CD2 . TYR A 1 113 ? -7.347  3.951   -13.675 1.00 11.77 ? 1404 TYR A CD2 1 
ATOM   758  C CE1 . TYR A 1 113 ? -5.217  4.675   -12.092 1.00 13.18 ? 1404 TYR A CE1 1 
ATOM   759  C CE2 . TYR A 1 113 ? -7.148  5.278   -13.358 1.00 12.70 ? 1404 TYR A CE2 1 
ATOM   760  C CZ  . TYR A 1 113 ? -6.071  5.652   -12.563 1.00 13.47 ? 1404 TYR A CZ  1 
ATOM   761  O OH  . TYR A 1 113 ? -5.877  6.980   -12.234 1.00 15.92 ? 1404 TYR A OH  1 
ATOM   762  N N   A SER A 1 114 ? -9.392  0.997   -12.031 0.25 12.01 ? 1405 SER A N   1 
ATOM   763  N N   B SER A 1 114 ? -9.389  0.989   -12.022 0.27 11.95 ? 1405 SER A N   1 
ATOM   764  C CA  A SER A 1 114 ? -10.600 1.497   -11.319 0.25 12.09 ? 1405 SER A CA  1 
ATOM   765  C CA  B SER A 1 114 ? -10.590 1.508   -11.316 0.27 11.99 ? 1405 SER A CA  1 
ATOM   766  C C   A SER A 1 114 ? -10.623 0.928   -9.889  0.25 12.29 ? 1405 SER A C   1 
ATOM   767  C C   B SER A 1 114 ? -10.664 0.914   -9.897  0.27 12.18 ? 1405 SER A C   1 
ATOM   768  O O   A SER A 1 114 ? -11.019 1.668   -8.948  0.25 12.78 ? 1405 SER A O   1 
ATOM   769  O O   B SER A 1 114 ? -11.140 1.625   -8.967  0.27 12.26 ? 1405 SER A O   1 
ATOM   770  C CB  A SER A 1 114 ? -11.876 1.170   -12.056 0.25 12.58 ? 1405 SER A CB  1 
ATOM   771  C CB  B SER A 1 114 ? -11.838 1.241   -12.106 0.27 12.53 ? 1405 SER A CB  1 
ATOM   772  O OG  A SER A 1 114 ? -12.223 -0.200  -11.911 0.25 13.10 ? 1405 SER A OG  1 
ATOM   773  O OG  B SER A 1 114 ? -11.810 1.978   -13.321 0.27 13.14 ? 1405 SER A OG  1 
ATOM   774  N N   . MET A 1 115 ? -10.250 -0.345  -9.744  1.00 12.19 ? 1406 MET A N   1 
ATOM   775  C CA  . MET A 1 115 ? -10.146 -1.019  -8.427  1.00 12.64 ? 1406 MET A CA  1 
ATOM   776  C C   . MET A 1 115 ? -9.042  -0.334  -7.616  1.00 12.62 ? 1406 MET A C   1 
ATOM   777  O O   . MET A 1 115 ? -9.223  -0.062  -6.441  1.00 11.66 ? 1406 MET A O   1 
ATOM   778  C CB  . MET A 1 115 ? -9.846  -2.488  -8.638  1.00 13.07 ? 1406 MET A CB  1 
ATOM   779  C CG  . MET A 1 115 ? -11.016 -3.274  -9.233  1.00 13.75 ? 1406 MET A CG  1 
ATOM   780  S SD  . MET A 1 115 ? -10.521 -4.883  -9.877  1.00 16.45 ? 1406 MET A SD  1 
ATOM   781  C CE  . MET A 1 115 ? -10.584 -5.814  -8.363  1.00 17.88 ? 1406 MET A CE  1 
ATOM   782  N N   . SER A 1 116 ? -7.932  0.005   -8.251  1.00 11.20 ? 1407 SER A N   1 
ATOM   783  C CA  . SER A 1 116 ? -6.814  0.675   -7.556  1.00 11.08 ? 1407 SER A CA  1 
ATOM   784  C C   . SER A 1 116 ? -7.319  2.000   -6.980  1.00 11.54 ? 1407 SER A C   1 
ATOM   785  O O   . SER A 1 116 ? -6.899  2.355   -5.880  1.00 11.86 ? 1407 SER A O   1 
ATOM   786  C CB  . SER A 1 116 ? -5.621  0.849   -8.459  1.00 12.00 ? 1407 SER A CB  1 
ATOM   787  O OG  . SER A 1 116 ? -5.691  1.992   -9.269  1.00 12.11 ? 1407 SER A OG  1 
ATOM   788  N N   . LEU A 1 117 ? -8.128  2.758   -7.711  1.00 11.62 ? 1408 LEU A N   1 
ATOM   789  C CA  . LEU A 1 117 ? -8.484  4.109   -7.233  1.00 11.89 ? 1408 LEU A CA  1 
ATOM   790  C C   . LEU A 1 117 ? -9.369  3.961   -5.991  1.00 11.01 ? 1408 LEU A C   1 
ATOM   791  O O   . LEU A 1 117 ? -9.249  4.771   -5.067  1.00 11.51 ? 1408 LEU A O   1 
ATOM   792  C CB  . LEU A 1 117 ? -9.205  4.885   -8.338  1.00 12.66 ? 1408 LEU A CB  1 
ATOM   793  C CG  . LEU A 1 117 ? -8.344  5.302   -9.510  1.00 12.78 ? 1408 LEU A CG  1 
ATOM   794  C CD1 . LEU A 1 117 ? -9.195  6.079   -10.496 1.00 14.50 ? 1408 LEU A CD1 1 
ATOM   795  C CD2 . LEU A 1 117 ? -7.155  6.109   -9.043  1.00 13.67 ? 1408 LEU A CD2 1 
ATOM   796  N N   . ARG A 1 118 ? -10.286 2.984   -5.992  1.00 10.84 ? 1409 ARG A N   1 
ATOM   797  C CA  . ARG A 1 118 ? -11.191 2.815   -4.839  1.00 10.99 ? 1409 ARG A CA  1 
ATOM   798  C C   . ARG A 1 118 ? -10.367 2.353   -3.639  1.00 11.24 ? 1409 ARG A C   1 
ATOM   799  O O   . ARG A 1 118 ? -10.532 2.859   -2.507  1.00 11.49 ? 1409 ARG A O   1 
ATOM   800  C CB  . ARG A 1 118 ? -12.313 1.830   -5.138  1.00 11.22 ? 1409 ARG A CB  1 
ATOM   801  C CG  . ARG A 1 118 ? -13.357 2.346   -6.116  1.00 12.34 ? 1409 ARG A CG  1 
ATOM   802  C CD  . ARG A 1 118 ? -14.557 1.403   -6.133  1.00 12.67 ? 1409 ARG A CD  1 
ATOM   803  N NE  . ARG A 1 118 ? -14.191 0.104   -6.637  1.00 13.80 ? 1409 ARG A NE  1 
ATOM   804  C CZ  . ARG A 1 118 ? -14.357 -0.338  -7.884  1.00 14.73 ? 1409 ARG A CZ  1 
ATOM   805  N NH1 . ARG A 1 118 ? -14.825 0.464   -8.815  1.00 16.45 ? 1409 ARG A NH1 1 
ATOM   806  N NH2 . ARG A 1 118 ? -13.960 -1.554  -8.235  1.00 15.82 ? 1409 ARG A NH2 1 
ATOM   807  N N   . LEU A 1 119 ? -9.484  1.400   -3.873  1.00 11.13 ? 1410 LEU A N   1 
ATOM   808  C CA  . LEU A 1 119 ? -8.652  0.872   -2.771  1.00 11.18 ? 1410 LEU A CA  1 
ATOM   809  C C   . LEU A 1 119 ? -7.751  1.974   -2.233  1.00 11.58 ? 1410 LEU A C   1 
ATOM   810  O O   . LEU A 1 119 ? -7.546  2.029   -0.996  1.00 11.45 ? 1410 LEU A O   1 
ATOM   811  C CB  . LEU A 1 119 ? -7.855  -0.323  -3.275  1.00 12.44 ? 1410 LEU A CB  1 
ATOM   812  C CG  . LEU A 1 119 ? -7.268  -1.191  -2.173  1.00 13.79 ? 1410 LEU A CG  1 
ATOM   813  C CD1 . LEU A 1 119 ? -8.385  -1.843  -1.382  1.00 15.14 ? 1410 LEU A CD1 1 
ATOM   814  C CD2 . LEU A 1 119 ? -6.363  -2.251  -2.778  1.00 14.96 ? 1410 LEU A CD2 1 
ATOM   815  N N   . SER A 1 120 ? -7.215  2.824   -3.096  1.00 11.23 ? 1411 SER A N   1 
ATOM   816  C CA  . SER A 1 120 ? -6.365  3.957   -2.695  1.00 11.82 ? 1411 SER A CA  1 
ATOM   817  C C   . SER A 1 120 ? -7.178  4.887   -1.786  1.00 11.95 ? 1411 SER A C   1 
ATOM   818  O O   . SER A 1 120 ? -6.626  5.330   -0.774  1.00 11.61 ? 1411 SER A O   1 
ATOM   819  C CB  . SER A 1 120 ? -5.812  4.680   -3.897  1.00 12.66 ? 1411 SER A CB  1 
ATOM   820  O OG  . SER A 1 120 ? -5.147  5.883   -3.540  1.00 12.53 ? 1411 SER A OG  1 
ATOM   821  N N   . ALA A 1 121 ? -8.406  5.209   -2.149  1.00 12.13 ? 1412 ALA A N   1 
ATOM   822  C CA  . ALA A 1 121 ? -9.241  6.118   -1.326  1.00 12.54 ? 1412 ALA A CA  1 
ATOM   823  C C   . ALA A 1 121 ? -9.433  5.471   0.038   1.00 12.37 ? 1412 ALA A C   1 
ATOM   824  O O   . ALA A 1 121 ? -9.384  6.168   1.051   1.00 12.65 ? 1412 ALA A O   1 
ATOM   825  C CB  . ALA A 1 121 ? -10.575 6.396   -1.977  1.00 13.38 ? 1412 ALA A CB  1 
ATOM   826  N N   . PHE A 1 122 ? -9.712  4.176   0.063   1.00 12.63 ? 1413 PHE A N   1 
ATOM   827  C CA  . PHE A 1 122 ? -9.946  3.443   1.329   1.00 12.83 ? 1413 PHE A CA  1 
ATOM   828  C C   . PHE A 1 122 ? -8.665  3.490   2.165   1.00 12.72 ? 1413 PHE A C   1 
ATOM   829  O O   . PHE A 1 122 ? -8.681  3.772   3.391   1.00 12.35 ? 1413 PHE A O   1 
ATOM   830  C CB  . PHE A 1 122 ? -10.384 2.017   1.018   1.00 13.63 ? 1413 PHE A CB  1 
ATOM   831  C CG  . PHE A 1 122 ? -10.519 1.136   2.226   1.00 15.21 ? 1413 PHE A CG  1 
ATOM   832  C CD1 . PHE A 1 122 ? -11.638 1.233   3.046   1.00 17.59 ? 1413 PHE A CD1 1 
ATOM   833  C CD2 . PHE A 1 122 ? -9.484  0.311   2.621   1.00 16.36 ? 1413 PHE A CD2 1 
ATOM   834  C CE1 . PHE A 1 122 ? -11.760 0.438   4.172   1.00 18.56 ? 1413 PHE A CE1 1 
ATOM   835  C CE2 . PHE A 1 122 ? -9.628  -0.516  3.727   1.00 17.17 ? 1413 PHE A CE2 1 
ATOM   836  C CZ  . PHE A 1 122 ? -10.758 -0.436  4.508   1.00 20.24 ? 1413 PHE A CZ  1 
ATOM   837  N N   . PHE A 1 123 ? -7.532  3.209   1.528   1.00 12.23 ? 1414 PHE A N   1 
ATOM   838  C CA  . PHE A 1 123 ? -6.247  3.196   2.245   1.00 12.02 ? 1414 PHE A CA  1 
ATOM   839  C C   . PHE A 1 123 ? -5.963  4.587   2.800   1.00 11.47 ? 1414 PHE A C   1 
ATOM   840  O O   . PHE A 1 123 ? -5.613  4.705   4.026   1.00 12.60 ? 1414 PHE A O   1 
ATOM   841  C CB  . PHE A 1 123 ? -5.118  2.744   1.309   1.00 11.71 ? 1414 PHE A CB  1 
ATOM   842  C CG  . PHE A 1 123 ? -3.752  2.925   1.927   1.00 11.96 ? 1414 PHE A CG  1 
ATOM   843  C CD1 . PHE A 1 123 ? -3.318  2.029   2.876   1.00 11.43 ? 1414 PHE A CD1 1 
ATOM   844  C CD2 . PHE A 1 123 ? -2.947  4.019   1.626   1.00 11.44 ? 1414 PHE A CD2 1 
ATOM   845  C CE1 . PHE A 1 123 ? -2.083  2.186   3.486   1.00 11.34 ? 1414 PHE A CE1 1 
ATOM   846  C CE2 . PHE A 1 123 ? -1.695  4.153   2.227   1.00 11.59 ? 1414 PHE A CE2 1 
ATOM   847  C CZ  . PHE A 1 123 ? -1.288  3.246   3.162   1.00 11.09 ? 1414 PHE A CZ  1 
ATOM   848  N N   . GLU A 1 124 ? -6.085  5.647   2.011   1.00 11.63 ? 1415 GLU A N   1 
ATOM   849  C CA  . GLU A 1 124 ? -5.741  7.012   2.473   1.00 13.27 ? 1415 GLU A CA  1 
ATOM   850  C C   . GLU A 1 124 ? -6.672  7.429   3.608   1.00 14.30 ? 1415 GLU A C   1 
ATOM   851  O O   . GLU A 1 124 ? -6.181  8.043   4.563   1.00 15.10 ? 1415 GLU A O   1 
ATOM   852  C CB  . GLU A 1 124 ? -5.840  8.002   1.322   1.00 13.74 ? 1415 GLU A CB  1 
ATOM   853  C CG  . GLU A 1 124 ? -4.737  7.794   0.268   1.00 15.38 ? 1415 GLU A CG  1 
ATOM   854  C CD  . GLU A 1 124 ? -3.293  7.939   0.743   1.00 15.93 ? 1415 GLU A CD  1 
ATOM   855  O OE1 . GLU A 1 124 ? -3.052  8.708   1.672   1.00 18.55 ? 1415 GLU A OE1 1 
ATOM   856  O OE2 . GLU A 1 124 ? -2.397  7.271   0.167   1.00 15.09 ? 1415 GLU A OE2 1 
ATOM   857  N N   . GLU A 1 125 ? -7.936  7.033   3.541   1.00 13.26 ? 1416 GLU A N   1 
ATOM   858  C CA  . GLU A 1 125 ? -8.949  7.343   4.582   1.00 14.37 ? 1416 GLU A CA  1 
ATOM   859  C C   . GLU A 1 125 ? -8.478  6.752   5.906   1.00 14.98 ? 1416 GLU A C   1 
ATOM   860  O O   . GLU A 1 125 ? -8.689  7.398   6.922   1.00 15.38 ? 1416 GLU A O   1 
ATOM   861  C CB  . GLU A 1 125 ? -10.293 6.754   4.156   1.00 15.68 ? 1416 GLU A CB  1 
ATOM   862  C CG  . GLU A 1 125 ? -11.451 6.894   5.116   1.00 18.75 ? 1416 GLU A CG  1 
ATOM   863  C CD  . GLU A 1 125 ? -12.696 6.345   4.440   1.00 21.37 ? 1416 GLU A CD  1 
ATOM   864  O OE1 . GLU A 1 125 ? -13.120 6.983   3.449   1.00 21.68 ? 1416 GLU A OE1 1 
ATOM   865  O OE2 . GLU A 1 125 ? -13.159 5.239   4.808   1.00 20.73 ? 1416 GLU A OE2 1 
ATOM   866  N N   . HIS A 1 126 ? -7.904  5.556   5.888   1.00 14.04 ? 1417 HIS A N   1 
ATOM   867  C CA  . HIS A 1 126 ? -7.553  4.769   7.102   1.00 16.19 ? 1417 HIS A CA  1 
ATOM   868  C C   . HIS A 1 126 ? -6.134  5.089   7.579   1.00 16.21 ? 1417 HIS A C   1 
ATOM   869  O O   . HIS A 1 126 ? -5.904  5.076   8.818   1.00 15.84 ? 1417 HIS A O   1 
ATOM   870  C CB  . HIS A 1 126 ? -7.804  3.281   6.866   1.00 18.52 ? 1417 HIS A CB  1 
ATOM   871  C CG  . HIS A 1 126 ? -9.245  2.923   6.865   1.00 22.09 ? 1417 HIS A CG  1 
ATOM   872  N ND1 . HIS A 1 126 ? -10.100 3.296   5.855   1.00 23.22 ? 1417 HIS A ND1 1 
ATOM   873  C CD2 . HIS A 1 126 ? -9.967  2.179   7.732   1.00 25.83 ? 1417 HIS A CD2 1 
ATOM   874  C CE1 . HIS A 1 126 ? -11.311 2.847   6.135   1.00 27.07 ? 1417 HIS A CE1 1 
ATOM   875  N NE2 . HIS A 1 126 ? -11.245 2.136   7.266   1.00 29.17 ? 1417 HIS A NE2 1 
ATOM   876  N N   . ILE A 1 127 ? -5.204  5.400   6.681   1.00 14.67 ? 1418 ILE A N   1 
ATOM   877  C CA  . ILE A 1 127 ? -3.797  5.621   7.092   1.00 14.94 ? 1418 ILE A CA  1 
ATOM   878  C C   . ILE A 1 127 ? -3.571  7.007   7.699   1.00 15.06 ? 1418 ILE A C   1 
ATOM   879  O O   . ILE A 1 127 ? -2.610  7.169   8.401   1.00 14.32 ? 1418 ILE A O   1 
ATOM   880  C CB  . ILE A 1 127 ? -2.816  5.365   5.931   1.00 14.28 ? 1418 ILE A CB  1 
ATOM   881  C CG1 . ILE A 1 127 ? -1.419  4.952   6.424   1.00 15.09 ? 1418 ILE A CG1 1 
ATOM   882  C CG2 . ILE A 1 127 ? -2.738  6.568   5.013   1.00 14.05 ? 1418 ILE A CG2 1 
ATOM   883  C CD1 . ILE A 1 127 ? -1.389  3.679   7.213   1.00 15.36 ? 1418 ILE A CD1 1 
ATOM   884  N N   A SER A 1 128 ? -4.465  7.970   7.457   0.25 14.74 ? 1419 SER A N   1 
ATOM   885  N N   B SER A 1 128 ? -4.440  7.982   7.411   0.25 15.14 ? 1419 SER A N   1 
ATOM   886  C CA  A SER A 1 128 ? -4.302  9.392   7.866   0.25 14.90 ? 1419 SER A CA  1 
ATOM   887  C CA  B SER A 1 128 ? -4.270  9.382   7.879   0.25 15.57 ? 1419 SER A CA  1 
ATOM   888  C C   A SER A 1 128 ? -4.149  9.524   9.394   0.25 14.43 ? 1419 SER A C   1 
ATOM   889  C C   B SER A 1 128 ? -4.035  9.390   9.396   0.25 14.84 ? 1419 SER A C   1 
ATOM   890  O O   A SER A 1 128 ? -3.370  10.425  9.852   0.25 14.33 ? 1419 SER A O   1 
ATOM   891  O O   B SER A 1 128 ? -3.021  9.977   9.830   0.25 14.53 ? 1419 SER A O   1 
ATOM   892  C CB  A SER A 1 128 ? -5.457  10.214  7.369   0.25 15.29 ? 1419 SER A CB  1 
ATOM   893  C CB  B SER A 1 128 ? -5.431  10.260  7.517   0.25 16.46 ? 1419 SER A CB  1 
ATOM   894  O OG  A SER A 1 128 ? -6.681  9.557   7.651   0.25 15.40 ? 1419 SER A OG  1 
ATOM   895  O OG  B SER A 1 128 ? -5.120  11.613  7.826   0.25 17.62 ? 1419 SER A OG  1 
ATOM   896  N N   . SER A 1 129 ? -4.911  8.730   10.159  1.00 14.46 ? 1420 SER A N   1 
ATOM   897  C CA  . SER A 1 129 ? -4.862  8.755   11.651  1.00 15.25 ? 1420 SER A CA  1 
ATOM   898  C C   . SER A 1 129 ? -3.609  8.031   12.121  1.00 14.91 ? 1420 SER A C   1 
ATOM   899  O O   . SER A 1 129 ? -3.009  8.434   13.143  1.00 14.99 ? 1420 SER A O   1 
ATOM   900  C CB  . SER A 1 129 ? -6.097  8.211   12.301  1.00 16.43 ? 1420 SER A CB  1 
ATOM   901  O OG  . SER A 1 129 ? -6.271  6.844   12.050  1.00 20.08 ? 1420 SER A OG  1 
ATOM   902  N N   . VAL A 1 130 ? -3.217  6.970   11.412  1.00 13.01 ? 1421 VAL A N   1 
ATOM   903  C CA  . VAL A 1 130 ? -2.001  6.198   11.780  1.00 13.36 ? 1421 VAL A CA  1 
ATOM   904  C C   . VAL A 1 130 ? -0.784  7.113   11.673  1.00 13.67 ? 1421 VAL A C   1 
ATOM   905  O O   . VAL A 1 130 ? 0.039   7.128   12.602  1.00 14.72 ? 1421 VAL A O   1 
ATOM   906  C CB  . VAL A 1 130 ? -1.859  4.964   10.895  1.00 13.27 ? 1421 VAL A CB  1 
ATOM   907  C CG1 . VAL A 1 130 ? -0.554  4.232   11.222  1.00 13.44 ? 1421 VAL A CG1 1 
ATOM   908  C CG2 . VAL A 1 130 ? -3.037  4.033   11.065  1.00 12.34 ? 1421 VAL A CG2 1 
ATOM   909  N N   . LEU A 1 131 ? -0.651  7.862   10.592  1.00 12.70 ? 1422 LEU A N   1 
ATOM   910  C CA  . LEU A 1 131 ? 0.468   8.788   10.381  1.00 12.92 ? 1422 LEU A CA  1 
ATOM   911  C C   . LEU A 1 131 ? 0.400   9.906   11.409  1.00 14.09 ? 1422 LEU A C   1 
ATOM   912  O O   . LEU A 1 131 ? 1.430   10.219  11.996  1.00 14.10 ? 1422 LEU A O   1 
ATOM   913  C CB  . LEU A 1 131 ? 0.374   9.338   8.959   1.00 14.08 ? 1422 LEU A CB  1 
ATOM   914  C CG  . LEU A 1 131 ? 0.589   8.298   7.870   1.00 14.25 ? 1422 LEU A CG  1 
ATOM   915  C CD1 . LEU A 1 131 ? 0.217   8.839   6.507   1.00 15.64 ? 1422 LEU A CD1 1 
ATOM   916  C CD2 . LEU A 1 131 ? 2.023   7.819   7.880   1.00 15.43 ? 1422 LEU A CD2 1 
ATOM   917  N N   . SER A 1 132 ? -0.794  10.441  11.632  1.00 15.01 ? 1423 SER A N   1 
ATOM   918  C CA  . SER A 1 132 ? -0.961  11.551  12.586  1.00 14.75 ? 1423 SER A CA  1 
ATOM   919  C C   . SER A 1 132 ? -0.529  11.096  13.978  1.00 14.26 ? 1423 SER A C   1 
ATOM   920  O O   . SER A 1 132 ? 0.187   11.847  14.650  1.00 15.00 ? 1423 SER A O   1 
ATOM   921  C CB  . SER A 1 132 ? -2.359  12.061  12.597  1.00 15.90 ? 1423 SER A CB  1 
ATOM   922  O OG  . SER A 1 132 ? -2.623  12.702  11.372  1.00 18.78 ? 1423 SER A OG  1 
ATOM   923  N N   . ASP A 1 133 ? -1.037  9.948   14.414  1.00 14.21 ? 1424 ASP A N   1 
ATOM   924  C CA  . ASP A 1 133 ? -0.756  9.449   15.781  1.00 14.58 ? 1424 ASP A CA  1 
ATOM   925  C C   . ASP A 1 133 ? 0.737   9.180   15.904  1.00 14.61 ? 1424 ASP A C   1 
ATOM   926  O O   . ASP A 1 133 ? 1.364   9.508   16.938  1.00 14.48 ? 1424 ASP A O   1 
ATOM   927  C CB  . ASP A 1 133 ? -1.582  8.214   16.112  1.00 16.51 ? 1424 ASP A CB  1 
ATOM   928  C CG  . ASP A 1 133 ? -3.025  8.471   16.420  1.00 18.88 ? 1424 ASP A CG  1 
ATOM   929  O OD1 . ASP A 1 133 ? -3.445  9.661   16.377  1.00 20.04 ? 1424 ASP A OD1 1 
ATOM   930  O OD2 . ASP A 1 133 ? -3.717  7.466   16.708  1.00 25.80 ? 1424 ASP A OD2 1 
ATOM   931  N N   . TYR A 1 134 ? 1.338   8.519   14.921  1.00 14.34 ? 1425 TYR A N   1 
ATOM   932  C CA  . TYR A 1 134 ? 2.805   8.280   14.942  1.00 13.05 ? 1425 TYR A CA  1 
ATOM   933  C C   . TYR A 1 134 ? 3.598   9.578   15.075  1.00 13.68 ? 1425 TYR A C   1 
ATOM   934  O O   . TYR A 1 134 ? 4.508   9.702   15.927  1.00 13.51 ? 1425 TYR A O   1 
ATOM   935  C CB  . TYR A 1 134 ? 3.249   7.489   13.714  1.00 13.48 ? 1425 TYR A CB  1 
ATOM   936  C CG  . TYR A 1 134 ? 4.722   7.224   13.678  1.00 13.16 ? 1425 TYR A CG  1 
ATOM   937  C CD1 . TYR A 1 134 ? 5.278   6.274   14.521  1.00 14.14 ? 1425 TYR A CD1 1 
ATOM   938  C CD2 . TYR A 1 134 ? 5.565   8.001   12.907  1.00 14.13 ? 1425 TYR A CD2 1 
ATOM   939  C CE1 . TYR A 1 134 ? 6.639   6.032   14.514  1.00 16.06 ? 1425 TYR A CE1 1 
ATOM   940  C CE2 . TYR A 1 134 ? 6.916   7.758   12.873  1.00 15.27 ? 1425 TYR A CE2 1 
ATOM   941  C CZ  . TYR A 1 134 ? 7.449   6.775   13.687  1.00 16.28 ? 1425 TYR A CZ  1 
ATOM   942  O OH  . TYR A 1 134 ? 8.792   6.563   13.657  1.00 19.98 ? 1425 TYR A OH  1 
ATOM   943  N N   . LYS A 1 135 ? 3.320   10.563  14.237  1.00 13.36 ? 1426 LYS A N   1 
ATOM   944  C CA  . LYS A 1 135 ? 4.132   11.786  14.239  1.00 14.29 ? 1426 LYS A CA  1 
ATOM   945  C C   . LYS A 1 135 ? 3.907   12.506  15.573  1.00 13.87 ? 1426 LYS A C   1 
ATOM   946  O O   . LYS A 1 135 ? 4.873   13.108  16.047  1.00 14.09 ? 1426 LYS A O   1 
ATOM   947  C CB  . LYS A 1 135 ? 3.755   12.591  13.001  1.00 16.40 ? 1426 LYS A CB  1 
ATOM   948  C CG  . LYS A 1 135 ? 4.185   11.908  11.704  1.00 17.78 ? 1426 LYS A CG  1 
ATOM   949  C CD  . LYS A 1 135 ? 3.858   12.756  10.487  1.00 21.13 ? 1426 LYS A CD  1 
ATOM   950  C CE  . LYS A 1 135 ? 3.805   11.946  9.213   1.00 23.46 ? 1426 LYS A CE  1 
ATOM   951  N NZ  . LYS A 1 135 ? 3.082   12.694  8.154   1.00 25.30 ? 1426 LYS A NZ  1 
ATOM   952  N N   . SER A 1 136 ? 2.681   12.478  16.082  1.00 13.41 ? 1427 SER A N   1 
ATOM   953  C CA  . SER A 1 136 ? 2.328   13.083  17.388  1.00 14.59 ? 1427 SER A CA  1 
ATOM   954  C C   . SER A 1 136 ? 3.168   12.419  18.474  1.00 14.95 ? 1427 SER A C   1 
ATOM   955  O O   . SER A 1 136 ? 3.764   13.113  19.325  1.00 14.34 ? 1427 SER A O   1 
ATOM   956  C CB  . SER A 1 136 ? 0.853   12.951  17.701  1.00 17.41 ? 1427 SER A CB  1 
ATOM   957  O OG  . SER A 1 136 ? 0.609   13.289  19.065  1.00 22.50 ? 1427 SER A OG  1 
ATOM   958  N N   . ALA A 1 137 ? 3.216   11.099  18.463  1.00 14.77 ? 1428 ALA A N   1 
ATOM   959  C CA  . ALA A 1 137 ? 3.951   10.307  19.476  1.00 15.56 ? 1428 ALA A CA  1 
ATOM   960  C C   . ALA A 1 137 ? 5.442   10.605  19.428  1.00 15.48 ? 1428 ALA A C   1 
ATOM   961  O O   . ALA A 1 137 ? 6.076   10.736  20.482  1.00 15.82 ? 1428 ALA A O   1 
ATOM   962  C CB  . ALA A 1 137 ? 3.694   8.826   19.283  1.00 15.59 ? 1428 ALA A CB  1 
ATOM   963  N N   . LEU A 1 138 ? 6.028   10.698  18.230  0.50 16.25 ? 1429 LEU A N   1 
ATOM   964  C CA  . LEU A 1 138 ? 7.455   11.077  18.065  0.50 17.78 ? 1429 LEU A CA  1 
ATOM   965  C C   . LEU A 1 138 ? 7.669   12.488  18.640  0.50 17.43 ? 1429 LEU A C   1 
ATOM   966  O O   . LEU A 1 138 ? 8.673   12.694  19.478  0.50 19.31 ? 1429 LEU A O   1 
ATOM   967  C CB  . LEU A 1 138 ? 7.855   10.992  16.586  0.50 19.73 ? 1429 LEU A CB  1 
ATOM   968  C CG  . LEU A 1 138 ? 8.469   9.665   16.142  0.50 20.99 ? 1429 LEU A CG  1 
ATOM   969  C CD1 . LEU A 1 138 ? 9.399   9.882   14.962  0.50 21.85 ? 1429 LEU A CD1 1 
ATOM   970  C CD2 . LEU A 1 138 ? 9.212   8.988   17.285  0.50 21.33 ? 1429 LEU A CD2 1 
ATOM   971  N N   . ARG A 1 139 ? 6.771   13.431  18.291  1.00 15.48 ? 1430 ARG A N   1 
ATOM   972  C CA  . ARG A 1 139 ? 6.954   14.822  18.772  1.00 15.75 ? 1430 ARG A CA  1 
ATOM   973  C C   . ARG A 1 139 ? 6.975   14.817  20.306  1.00 14.73 ? 1430 ARG A C   1 
ATOM   974  O O   . ARG A 1 139 ? 7.786   15.531  20.899  1.00 16.34 ? 1430 ARG A O   1 
ATOM   975  C CB  . ARG A 1 139 ? 5.881   15.745  18.208  1.00 15.98 ? 1430 ARG A CB  1 
ATOM   976  C CG  . ARG A 1 139 ? 6.100   15.977  16.731  1.00 17.45 ? 1430 ARG A CG  1 
ATOM   977  C CD  . ARG A 1 139 ? 5.289   17.131  16.217  1.00 19.42 ? 1430 ARG A CD  1 
ATOM   978  N NE  . ARG A 1 139 ? 3.868   16.871  16.235  1.00 18.61 ? 1430 ARG A NE  1 
ATOM   979  C CZ  . ARG A 1 139 ? 3.120   16.378  15.221  1.00 17.65 ? 1430 ARG A CZ  1 
ATOM   980  N NH1 . ARG A 1 139 ? 3.667   15.971  14.084  1.00 19.78 ? 1430 ARG A NH1 1 
ATOM   981  N NH2 . ARG A 1 139 ? 1.820   16.254  15.390  1.00 18.66 ? 1430 ARG A NH2 1 
ATOM   982  N N   . PHE A 1 140 ? 6.071   14.059  20.904  1.00 13.65 ? 1431 PHE A N   1 
ATOM   983  C CA  . PHE A 1 140 ? 5.963   13.989  22.383  1.00 13.19 ? 1431 PHE A CA  1 
ATOM   984  C C   . PHE A 1 140 ? 7.233   13.392  22.953  1.00 13.38 ? 1431 PHE A C   1 
ATOM   985  O O   . PHE A 1 140 ? 7.814   13.881  23.924  1.00 14.42 ? 1431 PHE A O   1 
ATOM   986  C CB  . PHE A 1 140 ? 4.735   13.211  22.829  1.00 13.54 ? 1431 PHE A CB  1 
ATOM   987  C CG  . PHE A 1 140 ? 4.518   13.252  24.314  1.00 14.13 ? 1431 PHE A CG  1 
ATOM   988  C CD1 . PHE A 1 140 ? 4.024   14.401  24.926  1.00 17.09 ? 1431 PHE A CD1 1 
ATOM   989  C CD2 . PHE A 1 140 ? 4.882   12.182  25.110  1.00 15.47 ? 1431 PHE A CD2 1 
ATOM   990  C CE1 . PHE A 1 140 ? 3.811   14.436  26.298  1.00 15.96 ? 1431 PHE A CE1 1 
ATOM   991  C CE2 . PHE A 1 140 ? 4.684   12.224  26.481  1.00 16.28 ? 1431 PHE A CE2 1 
ATOM   992  C CZ  . PHE A 1 140 ? 4.145   13.349  27.065  1.00 15.63 ? 1431 PHE A CZ  1 
ATOM   993  N N   . HIS A 1 141 ? 7.724   12.348  22.288  1.00 15.36 ? 1432 HIS A N   1 
ATOM   994  C CA  . HIS A 1 141 ? 9.015   11.755  22.727  1.00 17.07 ? 1432 HIS A CA  1 
ATOM   995  C C   . HIS A 1 141 ? 10.146  12.791  22.682  1.00 20.12 ? 1432 HIS A C   1 
ATOM   996  O O   . HIS A 1 141 ? 10.980  12.822  23.620  1.00 20.15 ? 1432 HIS A O   1 
ATOM   997  C CB  . HIS A 1 141 ? 9.289   10.545  21.863  1.00 17.00 ? 1432 HIS A CB  1 
ATOM   998  C CG  . HIS A 1 141 ? 10.446  9.766   22.372  1.00 16.59 ? 1432 HIS A CG  1 
ATOM   999  N ND1 . HIS A 1 141 ? 10.306  8.904   23.429  1.00 16.54 ? 1432 HIS A ND1 1 
ATOM   1000 C CD2 . HIS A 1 141 ? 11.714  9.658   21.936  1.00 19.67 ? 1432 HIS A CD2 1 
ATOM   1001 C CE1 . HIS A 1 141 ? 11.455  8.287   23.634  1.00 16.15 ? 1432 HIS A CE1 1 
ATOM   1002 N NE2 . HIS A 1 141 ? 12.346  8.748   22.748  1.00 18.76 ? 1432 HIS A NE2 1 
ATOM   1003 N N   . LYS A 1 142 ? 10.208  13.629  21.662  1.00 21.40 ? 1433 LYS A N   1 
ATOM   1004 C CA  . LYS A 1 142 ? 11.302  14.620  21.482  1.00 24.00 ? 1433 LYS A CA  1 
ATOM   1005 C C   . LYS A 1 142 ? 11.104  15.844  22.379  1.00 26.50 ? 1433 LYS A C   1 
ATOM   1006 O O   . LYS A 1 142 ? 12.109  16.468  22.695  1.00 33.55 ? 1433 LYS A O   1 
ATOM   1007 C CB  . LYS A 1 142 ? 11.415  14.926  19.982  1.00 29.30 ? 1433 LYS A CB  1 
ATOM   1008 C CG  . LYS A 1 142 ? 11.848  13.700  19.177  1.00 34.88 ? 1433 LYS A CG  1 
ATOM   1009 C CD  . LYS A 1 142 ? 11.783  13.852  17.661  1.00 39.65 ? 1433 LYS A CD  1 
ATOM   1010 C CE  . LYS A 1 142 ? 11.666  12.546  16.892  1.00 41.55 ? 1433 LYS A CE  1 
ATOM   1011 N NZ  . LYS A 1 142 ? 11.993  11.354  17.720  1.00 46.06 ? 1433 LYS A NZ  1 
ATOM   1012 N N   . ARG A 1 143 ? 9.903   16.107  22.888  1.00 23.68 ? 1434 ARG A N   1 
ATOM   1013 C CA  . ARG A 1 143 ? 9.524   17.384  23.549  1.00 27.44 ? 1434 ARG A CA  1 
ATOM   1014 C C   . ARG A 1 143 ? 10.648  17.874  24.468  1.00 32.57 ? 1434 ARG A C   1 
ATOM   1015 O O   . ARG A 1 143 ? 11.009  17.181  25.390  1.00 41.19 ? 1434 ARG A O   1 
ATOM   1016 C CB  . ARG A 1 143 ? 8.203   17.230  24.293  1.00 26.48 ? 1434 ARG A CB  1 
ATOM   1017 C CG  . ARG A 1 143 ? 8.313   16.297  25.492  1.00 26.67 ? 1434 ARG A CG  1 
ATOM   1018 C CD  . ARG A 1 143 ? 6.972   15.774  25.937  1.00 28.15 ? 1434 ARG A CD  1 
ATOM   1019 N NE  . ARG A 1 143 ? 7.074   15.220  27.266  1.00 27.29 ? 1434 ARG A NE  1 
ATOM   1020 C CZ  . ARG A 1 143 ? 7.524   14.031  27.583  1.00 29.03 ? 1434 ARG A CZ  1 
ATOM   1021 N NH1 . ARG A 1 143 ? 7.964   13.194  26.658  1.00 28.51 ? 1434 ARG A NH1 1 
ATOM   1022 N NH2 . ARG A 1 143 ? 7.496   13.661  28.854  1.00 30.18 ? 1434 ARG A NH2 1 
HETATM 1023 N N1  . Y2G B 2 .   ? -1.807  -7.218  -12.165 0.52 9.25  ? 1501 Y2G A N1  1 
HETATM 1024 C C4  . Y2G B 2 .   ? -2.158  -6.780  -13.526 0.52 9.17  ? 1501 Y2G A C4  1 
HETATM 1025 C C5  . Y2G B 2 .   ? -1.434  -5.487  -13.876 0.52 9.32  ? 1501 Y2G A C5  1 
HETATM 1026 C C6  . Y2G B 2 .   ? -2.338  -3.245  -13.047 0.52 9.42  ? 1501 Y2G A C6  1 
HETATM 1027 C C7  . Y2G B 2 .   ? -3.122  -2.888  -14.272 0.52 9.17  ? 1501 Y2G A C7  1 
HETATM 1028 C C8  . Y2G B 2 .   ? -3.656  -1.708  -14.683 0.52 9.35  ? 1501 Y2G A C8  1 
HETATM 1029 C C10 . Y2G B 2 .   ? -4.269  -3.284  -16.110 0.52 8.70  ? 1501 Y2G A C10 1 
HETATM 1030 C C13 . Y2G B 2 .   ? -2.056  -6.169  -11.169 0.52 9.25  ? 1501 Y2G A C13 1 
HETATM 1031 N N   . Y2G B 2 .   ? -1.862  -8.867  -10.556 0.52 9.61  ? 1501 Y2G A N   1 
HETATM 1032 C C   . Y2G B 2 .   ? -5.030  -11.369 -9.693  0.52 9.75  ? 1501 Y2G A C   1 
HETATM 1033 O O   . Y2G B 2 .   ? -3.914  -10.534 -9.706  0.52 10.19 ? 1501 Y2G A O   1 
HETATM 1034 C C1  . Y2G B 2 .   ? -2.792  -11.101 -10.329 0.52 10.29 ? 1501 Y2G A C1  1 
HETATM 1035 C C11 . Y2G B 2 .   ? -4.819  -4.184  -17.156 0.52 8.59  ? 1501 Y2G A C11 1 
HETATM 1036 C C12 . Y2G B 2 .   ? -1.336  -4.890  -11.558 0.52 9.19  ? 1501 Y2G A C12 1 
HETATM 1037 C C2  . Y2G B 2 .   ? -1.618  -10.220 -10.077 0.52 10.31 ? 1501 Y2G A C2  1 
HETATM 1038 C C3  . Y2G B 2 .   ? -1.715  -8.548  -11.862 0.52 9.81  ? 1501 Y2G A C3  1 
HETATM 1039 C C9  . Y2G B 2 .   ? -4.387  -1.975  -15.851 0.52 8.95  ? 1501 Y2G A C9  1 
HETATM 1040 N N2  . Y2G B 2 .   ? -1.765  -4.456  -12.891 0.52 9.34  ? 1501 Y2G A N2  1 
HETATM 1041 O O1  . Y2G B 2 .   ? -1.515  -9.398  -12.729 0.52 10.63 ? 1501 Y2G A O1  1 
HETATM 1042 O O2  . Y2G B 2 .   ? -2.270  -2.389  -12.178 0.52 10.02 ? 1501 Y2G A O2  1 
HETATM 1043 O O3  . Y2G B 2 .   ? -3.486  -3.883  -15.142 0.52 9.12  ? 1501 Y2G A O3  1 
HETATM 1044 O O   . HOH C 3 .   ? 0.838   -17.414 -16.250 1.00 51.95 ? 1601 HOH A O   1 
HETATM 1045 O O   . HOH C 3 .   ? 9.541   4.461   14.369  1.00 35.39 ? 1602 HOH A O   1 
HETATM 1046 O O   . HOH C 3 .   ? -13.548 -1.937  -11.004 1.00 35.38 ? 1603 HOH A O   1 
HETATM 1047 O O   . HOH C 3 .   ? 16.267  5.434   13.700  1.00 40.69 ? 1604 HOH A O   1 
HETATM 1048 O O   . HOH C 3 .   ? 11.048  -6.320  -19.756 1.00 41.31 ? 1605 HOH A O   1 
HETATM 1049 O O   . HOH C 3 .   ? -7.201  4.319   10.705  1.00 32.31 ? 1606 HOH A O   1 
HETATM 1050 O O   . HOH C 3 .   ? 8.089   -8.979  -3.348  1.00 37.88 ? 1607 HOH A O   1 
HETATM 1051 O O   . HOH C 3 .   ? 10.272  -1.346  0.992   1.00 35.97 ? 1608 HOH A O   1 
HETATM 1052 O O   . HOH C 3 .   ? 11.780  11.212  25.330  1.00 38.82 ? 1609 HOH A O   1 
HETATM 1053 O O   . HOH C 3 .   ? -11.076 -12.948 -10.376 1.00 39.44 ? 1610 HOH A O   1 
HETATM 1054 O O   . HOH C 3 .   ? 10.234  7.371   8.086   1.00 33.94 ? 1611 HOH A O   1 
HETATM 1055 O O   . HOH C 3 .   ? -12.911 9.479   3.086   1.00 30.07 ? 1612 HOH A O   1 
HETATM 1056 O O   . HOH C 3 .   ? -2.156  12.104  8.394   1.00 20.89 ? 1613 HOH A O   1 
HETATM 1057 O O   . HOH C 3 .   ? 2.923   4.612   -18.137 1.00 17.56 ? 1614 HOH A O   1 
HETATM 1058 O O   . HOH C 3 .   ? -11.179 6.371   -13.673 1.00 29.52 ? 1615 HOH A O   1 
HETATM 1059 O O   . HOH C 3 .   ? 8.248   -10.544 -21.018 1.00 25.80 ? 1616 HOH A O   1 
HETATM 1060 O O   . HOH C 3 .   ? -8.470  -5.527  10.672  1.00 31.43 ? 1617 HOH A O   1 
HETATM 1061 O O   . HOH C 3 .   ? -0.391  -11.665 -13.149 0.52 12.35 ? 1618 HOH A O   1 
HETATM 1062 O O   . HOH C 3 .   ? 4.548   -2.140  -23.632 1.00 30.05 ? 1619 HOH A O   1 
HETATM 1063 O O   . HOH C 3 .   ? -2.526  11.030  -15.919 1.00 28.81 ? 1620 HOH A O   1 
HETATM 1064 O O   . HOH C 3 .   ? 10.091  -4.492  -5.959  1.00 26.60 ? 1621 HOH A O   1 
HETATM 1065 O O   . HOH C 3 .   ? -4.681  -10.230 -14.139 1.00 21.43 ? 1622 HOH A O   1 
HETATM 1066 O O   . HOH C 3 .   ? 5.681   9.380   22.806  1.00 15.71 ? 1623 HOH A O   1 
HETATM 1067 O O   . HOH C 3 .   ? -2.740  6.002   -2.089  1.00 17.70 ? 1624 HOH A O   1 
HETATM 1068 O O   . HOH C 3 .   ? 2.460   -13.862 -9.224  1.00 41.23 ? 1625 HOH A O   1 
HETATM 1069 O O   . HOH C 3 .   ? 8.349   -8.142  13.224  1.00 17.42 ? 1626 HOH A O   1 
HETATM 1070 O O   . HOH C 3 .   ? -8.567  7.299   -5.276  1.00 23.43 ? 1627 HOH A O   1 
HETATM 1071 O O   . HOH C 3 .   ? 0.638   -4.596  -7.527  1.00 19.90 ? 1628 HOH A O   1 
HETATM 1072 O O   . HOH C 3 .   ? 0.482   -2.241  -11.551 1.00 13.44 ? 1629 HOH A O   1 
HETATM 1073 O O   . HOH C 3 .   ? -1.880  14.986  22.167  1.00 42.70 ? 1630 HOH A O   1 
HETATM 1074 O O   . HOH C 3 .   ? -7.880  -10.327 5.767   1.00 23.22 ? 1631 HOH A O   1 
HETATM 1075 O O   . HOH C 3 .   ? 4.838   3.746   -10.009 1.00 17.54 ? 1632 HOH A O   1 
HETATM 1076 O O   . HOH C 3 .   ? 7.476   3.616   -17.525 1.00 24.49 ? 1633 HOH A O   1 
HETATM 1077 O O   . HOH C 3 .   ? 5.524   5.705   -3.478  1.00 15.39 ? 1634 HOH A O   1 
HETATM 1078 O O   . HOH C 3 .   ? -4.030  13.120  -16.043 1.00 50.28 ? 1635 HOH A O   1 
HETATM 1079 O O   . HOH C 3 .   ? 8.417   -11.992 11.478  1.00 38.48 ? 1636 HOH A O   1 
HETATM 1080 O O   . HOH C 3 .   ? 5.959   -12.512 -11.650 1.00 46.57 ? 1637 HOH A O   1 
HETATM 1081 O O   . HOH C 3 .   ? 0.945   -4.387  -23.656 1.00 31.72 ? 1638 HOH A O   1 
HETATM 1082 O O   . HOH C 3 .   ? 0.097   5.333   14.899  1.00 13.45 ? 1639 HOH A O   1 
HETATM 1083 O O   . HOH C 3 .   ? -13.988 5.550   7.329   1.00 29.84 ? 1640 HOH A O   1 
HETATM 1084 O O   . HOH C 3 .   ? 3.367   -3.780  -9.052  1.00 14.76 ? 1641 HOH A O   1 
HETATM 1085 O O   . HOH C 3 .   ? -2.161  -7.224  14.473  1.00 42.79 ? 1642 HOH A O   1 
HETATM 1086 O O   . HOH C 3 .   ? 11.668  8.421   0.824   1.00 29.97 ? 1643 HOH A O   1 
HETATM 1087 O O   . HOH C 3 .   ? 8.541   18.003  20.172  1.00 26.98 ? 1644 HOH A O   1 
HETATM 1088 O O   . HOH C 3 .   ? -5.876  -0.094  11.714  1.00 29.44 ? 1645 HOH A O   1 
HETATM 1089 O O   . HOH C 3 .   ? 10.483  7.926   12.073  1.00 30.54 ? 1646 HOH A O   1 
HETATM 1090 O O   . HOH C 3 .   ? 9.226   2.356   1.726   1.00 23.62 ? 1647 HOH A O   1 
HETATM 1091 O O   . HOH C 3 .   ? 11.963  -2.932  -14.961 1.00 24.59 ? 1648 HOH A O   1 
HETATM 1092 O O   . HOH C 3 .   ? -6.157  5.542   -22.992 1.00 16.64 ? 1649 HOH A O   1 
HETATM 1093 O O   . HOH C 3 .   ? -4.089  9.731   3.948   1.00 18.93 ? 1650 HOH A O   1 
HETATM 1094 O O   . HOH C 3 .   ? 6.968   13.439  14.372  1.00 21.60 ? 1651 HOH A O   1 
HETATM 1095 O O   . HOH C 3 .   ? -1.171  4.859   -18.202 1.00 15.91 ? 1652 HOH A O   1 
HETATM 1096 O O   . HOH C 3 .   ? 12.991  -10.306 10.227  1.00 24.77 ? 1653 HOH A O   1 
HETATM 1097 O O   . HOH C 3 .   ? 4.558   6.077   -5.984  1.00 17.36 ? 1654 HOH A O   1 
HETATM 1098 O O   . HOH C 3 .   ? 7.193   -2.722  -24.130 1.00 27.15 ? 1655 HOH A O   1 
HETATM 1099 O O   . HOH C 3 .   ? 0.283   6.570   -5.577  1.00 13.47 ? 1656 HOH A O   1 
HETATM 1100 O O   . HOH C 3 .   ? -7.861  8.799   -12.621 1.00 27.89 ? 1657 HOH A O   1 
HETATM 1101 O O   . HOH C 3 .   ? -13.447 -12.447 1.866   1.00 19.55 ? 1658 HOH A O   1 
HETATM 1102 O O   . HOH C 3 .   ? 5.167   8.237   3.107   1.00 22.81 ? 1659 HOH A O   1 
HETATM 1103 O O   . HOH C 3 .   ? 3.415   -6.522  15.552  1.00 34.05 ? 1660 HOH A O   1 
HETATM 1104 O O   . HOH C 3 .   ? -7.492  -12.146 0.725   1.00 21.40 ? 1661 HOH A O   1 
HETATM 1105 O O   . HOH C 3 .   ? -13.424 -10.639 -0.323  1.00 24.32 ? 1662 HOH A O   1 
HETATM 1106 O O   . HOH C 3 .   ? 0.362   -2.276  -8.889  1.00 18.89 ? 1663 HOH A O   1 
HETATM 1107 O O   . HOH C 3 .   ? 7.844   -11.274 7.257   1.00 23.94 ? 1664 HOH A O   1 
HETATM 1108 O O   . HOH C 3 .   ? -4.383  7.325   -5.736  1.00 27.28 ? 1665 HOH A O   1 
HETATM 1109 O O   . HOH C 3 .   ? -1.523  -0.500  17.923  1.00 23.01 ? 1666 HOH A O   1 
HETATM 1110 O O   . HOH C 3 .   ? -11.486 2.366   -21.697 1.00 22.91 ? 1667 HOH A O   1 
HETATM 1111 O O   . HOH C 3 .   ? -3.861  4.022   -8.952  1.00 13.94 ? 1668 HOH A O   1 
HETATM 1112 O O   . HOH C 3 .   ? -7.721  7.894   9.584   1.00 19.98 ? 1669 HOH A O   1 
HETATM 1113 O O   . HOH C 3 .   ? -15.251 -7.265  -7.050  1.00 31.84 ? 1670 HOH A O   1 
HETATM 1114 O O   . HOH C 3 .   ? 2.064   -2.013  17.214  1.00 13.21 ? 1671 HOH A O   1 
HETATM 1115 O O   . HOH C 3 .   ? -12.604 3.922   -9.401  1.00 16.50 ? 1672 HOH A O   1 
HETATM 1116 O O   . HOH C 3 .   ? -5.354  12.583  10.999  1.00 22.19 ? 1673 HOH A O   1 
HETATM 1117 O O   . HOH C 3 .   ? 0.099   14.522  13.969  1.00 20.28 ? 1674 HOH A O   1 
HETATM 1118 O O   . HOH C 3 .   ? 10.144  -4.523  0.741   1.00 28.27 ? 1675 HOH A O   1 
HETATM 1119 O O   . HOH C 3 .   ? 6.273   15.824  13.175  1.00 25.06 ? 1676 HOH A O   1 
HETATM 1120 O O   . HOH C 3 .   ? 8.523   -6.837  -19.177 1.00 27.87 ? 1677 HOH A O   1 
HETATM 1121 O O   . HOH C 3 .   ? -12.358 -4.997  4.289   1.00 32.07 ? 1678 HOH A O   1 
HETATM 1122 O O   . HOH C 3 .   ? -6.112  -12.247 -5.835  0.52 20.69 ? 1679 HOH A O   1 
HETATM 1123 O O   . HOH C 3 .   ? -9.599  8.915   0.748   1.00 25.07 ? 1680 HOH A O   1 
HETATM 1124 O O   . HOH C 3 .   ? 7.757   8.963   24.529  1.00 15.35 ? 1681 HOH A O   1 
HETATM 1125 O O   . HOH C 3 .   ? 1.927   11.115  3.515   1.00 33.71 ? 1682 HOH A O   1 
HETATM 1126 O O   . HOH C 3 .   ? -13.909 -5.164  -7.732  1.00 24.94 ? 1683 HOH A O   1 
HETATM 1127 O O   . HOH C 3 .   ? -1.802  -7.934  8.064   1.00 22.54 ? 1684 HOH A O   1 
HETATM 1128 O O   . HOH C 3 .   ? 0.352   6.408   18.782  1.00 22.18 ? 1685 HOH A O   1 
HETATM 1129 O O   . HOH C 3 .   ? -0.069  -7.009  -8.108  1.00 15.33 ? 1686 HOH A O   1 
HETATM 1130 O O   . HOH C 3 .   ? 8.198   -3.331  10.213  1.00 13.92 ? 1687 HOH A O   1 
HETATM 1131 O O   . HOH C 3 .   ? 11.598  -1.270  3.977   1.00 25.11 ? 1688 HOH A O   1 
HETATM 1132 O O   . HOH C 3 .   ? -1.249  14.578  26.823  1.00 40.03 ? 1689 HOH A O   1 
HETATM 1133 O O   . HOH C 3 .   ? 7.064   -5.981  16.552  1.00 19.11 ? 1690 HOH A O   1 
HETATM 1134 O O   . HOH C 3 .   ? -2.843  -10.536 -6.821  1.00 18.13 ? 1691 HOH A O   1 
HETATM 1135 O O   . HOH C 3 .   ? -13.156 2.711   -1.494  1.00 20.85 ? 1692 HOH A O   1 
HETATM 1136 O O   . HOH C 3 .   ? 14.413  -1.993  -11.226 1.00 41.30 ? 1693 HOH A O   1 
HETATM 1137 O O   . HOH C 3 .   ? -6.205  -7.495  -17.739 1.00 25.31 ? 1694 HOH A O   1 
HETATM 1138 O O   . HOH C 3 .   ? -4.660  8.786   -9.434  1.00 26.60 ? 1695 HOH A O   1 
HETATM 1139 O O   . HOH C 3 .   ? -14.892 -9.732  4.949   1.00 40.54 ? 1696 HOH A O   1 
HETATM 1140 O O   . HOH C 3 .   ? -4.044  -12.447 -13.630 0.52 13.55 ? 1697 HOH A O   1 
HETATM 1141 O O   . HOH C 3 .   ? -14.106 2.627   -14.866 1.00 31.85 ? 1698 HOH A O   1 
HETATM 1142 O O   . HOH C 3 .   ? 11.319  -7.437  4.116   1.00 36.23 ? 1699 HOH A O   1 
HETATM 1143 O O   . HOH C 3 .   ? 2.720   17.426  18.778  1.00 19.52 ? 1700 HOH A O   1 
HETATM 1144 O O   . HOH C 3 .   ? -11.502 -10.800 -2.102  1.00 32.57 ? 1701 HOH A O   1 
HETATM 1145 O O   . HOH C 3 .   ? 10.348  8.827   -2.216  1.00 24.29 ? 1702 HOH A O   1 
HETATM 1146 O O   . HOH C 3 .   ? -15.749 -8.923  -11.009 1.00 21.72 ? 1703 HOH A O   1 
HETATM 1147 O O   . HOH C 3 .   ? -6.870  8.112   -3.069  1.00 24.29 ? 1704 HOH A O   1 
HETATM 1148 O O   . HOH C 3 .   ? -2.085  5.444   17.981  1.00 22.06 ? 1705 HOH A O   1 
HETATM 1149 O O   . HOH C 3 .   ? -15.315 -12.195 -2.315  1.00 26.18 ? 1706 HOH A O   1 
HETATM 1150 O O   . HOH C 3 .   ? 7.798   1.314   -10.470 1.00 15.52 ? 1707 HOH A O   1 
HETATM 1151 O O   . HOH C 3 .   ? 4.392   8.414   0.414   1.00 17.53 ? 1708 HOH A O   1 
HETATM 1152 O O   . HOH C 3 .   ? 2.818   15.550  20.529  1.00 17.28 ? 1709 HOH A O   1 
HETATM 1153 O O   . HOH C 3 .   ? -10.231 9.824   7.073   1.00 32.69 ? 1710 HOH A O   1 
HETATM 1154 O O   . HOH C 3 .   ? -15.334 3.292   -8.998  1.00 14.93 ? 1711 HOH A O   1 
HETATM 1155 O O   . HOH C 3 .   ? 8.815   -3.712  0.560   1.00 27.38 ? 1712 HOH A O   1 
HETATM 1156 O O   . HOH C 3 .   ? 9.510   -8.295  2.254   1.00 32.05 ? 1713 HOH A O   1 
HETATM 1157 O O   . HOH C 3 .   ? 0.628   -7.056  -21.783 1.00 43.11 ? 1714 HOH A O   1 
HETATM 1158 O O   . HOH C 3 .   ? -12.007 -0.405  -2.121  1.00 24.67 ? 1715 HOH A O   1 
HETATM 1159 O O   . HOH C 3 .   ? 5.365   -11.107 -1.884  1.00 59.41 ? 1716 HOH A O   1 
HETATM 1160 O O   . HOH C 3 .   ? -5.958  10.764  -13.107 1.00 23.37 ? 1717 HOH A O   1 
HETATM 1161 O O   . HOH C 3 .   ? 2.542   -0.388  20.194  1.00 17.50 ? 1718 HOH A O   1 
HETATM 1162 O O   . HOH C 3 .   ? 1.819   6.699   -11.938 1.00 23.77 ? 1719 HOH A O   1 
HETATM 1163 O O   . HOH C 3 .   ? -15.049 -6.539  -0.599  1.00 27.67 ? 1720 HOH A O   1 
HETATM 1164 O O   . HOH C 3 .   ? 12.036  7.015   -3.837  1.00 22.28 ? 1721 HOH A O   1 
HETATM 1165 O O   . HOH C 3 .   ? -8.218  -4.031  -16.235 1.00 14.85 ? 1722 HOH A O   1 
HETATM 1166 O O   . HOH C 3 .   ? 2.493   4.803   16.395  1.00 13.70 ? 1723 HOH A O   1 
HETATM 1167 O O   . HOH C 3 .   ? -1.424  -15.563 -12.248 1.00 80.07 ? 1724 HOH A O   1 
HETATM 1168 O O   . HOH C 3 .   ? -1.051  5.950   21.998  1.00 27.73 ? 1725 HOH A O   1 
HETATM 1169 O O   . HOH C 3 .   ? 8.863   2.619   -2.698  1.00 25.90 ? 1726 HOH A O   1 
HETATM 1170 O O   . HOH C 3 .   ? -6.409  -13.972 -3.282  1.00 25.17 ? 1727 HOH A O   1 
HETATM 1171 O O   . HOH C 3 .   ? 10.347  2.507   17.932  1.00 24.94 ? 1728 HOH A O   1 
HETATM 1172 O O   . HOH C 3 .   ? 3.987   -12.974 -2.965  1.00 36.45 ? 1729 HOH A O   1 
HETATM 1173 O O   . HOH C 3 .   ? 8.016   2.454   -12.985 1.00 25.94 ? 1730 HOH A O   1 
HETATM 1174 O O   . HOH C 3 .   ? -0.207  11.556  3.969   1.00 29.94 ? 1731 HOH A O   1 
HETATM 1175 O O   . HOH C 3 .   ? -4.361  5.648   14.389  1.00 32.51 ? 1732 HOH A O   1 
HETATM 1176 O O   . HOH C 3 .   ? 6.356   -0.857  16.201  1.00 17.21 ? 1733 HOH A O   1 
HETATM 1177 O O   . HOH C 3 .   ? -0.153  -11.964 2.438   1.00 23.90 ? 1734 HOH A O   1 
HETATM 1178 O O   . HOH C 3 .   ? -7.845  10.871  10.149  1.00 29.75 ? 1735 HOH A O   1 
HETATM 1179 O O   . HOH C 3 .   ? 8.139   1.136   15.979  1.00 21.78 ? 1736 HOH A O   1 
HETATM 1180 O O   . HOH C 3 .   ? 10.016  0.883   -2.863  1.00 28.64 ? 1737 HOH A O   1 
HETATM 1181 O O   . HOH C 3 .   ? 0.032   9.603   19.866  1.00 46.79 ? 1738 HOH A O   1 
HETATM 1182 O O   . HOH C 3 .   ? -3.433  6.528   -16.073 1.00 27.84 ? 1739 HOH A O   1 
HETATM 1183 O O   . HOH C 3 .   ? 13.411  2.222   15.213  1.00 36.60 ? 1740 HOH A O   1 
HETATM 1184 O O   . HOH C 3 .   ? 10.341  -0.114  -22.480 1.00 38.52 ? 1741 HOH A O   1 
HETATM 1185 O O   . HOH C 3 .   ? 5.581   -8.082  -10.576 1.00 25.83 ? 1742 HOH A O   1 
HETATM 1186 O O   . HOH C 3 .   ? 5.297   11.927  6.083   1.00 42.94 ? 1743 HOH A O   1 
HETATM 1187 O O   . HOH C 3 .   ? 5.190   -7.021  -6.597  1.00 19.45 ? 1744 HOH A O   1 
HETATM 1188 O O   . HOH C 3 .   ? 2.316   -11.453 3.430   1.00 33.60 ? 1745 HOH A O   1 
HETATM 1189 O O   . HOH C 3 .   ? 8.610   2.766   15.781  1.00 49.68 ? 1746 HOH A O   1 
HETATM 1190 O O   . HOH C 3 .   ? -13.730 -8.905  -8.300  1.00 33.50 ? 1747 HOH A O   1 
HETATM 1191 O O   . HOH C 3 .   ? -11.269 6.108   -20.879 1.00 38.94 ? 1748 HOH A O   1 
HETATM 1192 O O   . HOH C 3 .   ? 9.045   4.604   -13.162 1.00 46.07 ? 1749 HOH A O   1 
HETATM 1193 O O   . HOH C 3 .   ? -9.169  -13.900 -0.242  1.00 27.63 ? 1750 HOH A O   1 
HETATM 1194 O O   . HOH C 3 .   ? -10.719 -15.454 -9.322  1.00 26.69 ? 1751 HOH A O   1 
HETATM 1195 O O   . HOH C 3 .   ? -1.626  -6.139  -21.512 1.00 33.89 ? 1752 HOH A O   1 
HETATM 1196 O O   . HOH C 3 .   ? 9.260   7.164   4.403   1.00 38.68 ? 1753 HOH A O   1 
HETATM 1197 O O   . HOH C 3 .   ? -2.514  11.376  5.610   1.00 20.42 ? 1754 HOH A O   1 
HETATM 1198 O O   . HOH C 3 .   ? -0.165  -9.189  9.904   1.00 35.37 ? 1755 HOH A O   1 
HETATM 1199 O O   . HOH C 3 .   ? -0.924  6.949   -8.080  1.00 15.22 ? 1756 HOH A O   1 
HETATM 1200 O O   . HOH C 3 .   ? 6.341   18.750  21.116  1.00 36.16 ? 1757 HOH A O   1 
HETATM 1201 O O   . HOH C 3 .   ? 4.693   17.045  22.221  1.00 17.30 ? 1758 HOH A O   1 
HETATM 1202 O O   . HOH C 3 .   ? 9.236   14.040  15.808  1.00 32.11 ? 1759 HOH A O   1 
HETATM 1203 O O   . HOH C 3 .   ? 3.990   -6.632  -8.836  1.00 20.46 ? 1760 HOH A O   1 
HETATM 1204 O O   . HOH C 3 .   ? -12.789 5.149   -11.731 1.00 22.74 ? 1761 HOH A O   1 
HETATM 1205 O O   . HOH C 3 .   ? -11.572 -10.814 -5.039  1.00 58.37 ? 1762 HOH A O   1 
HETATM 1206 O O   . HOH C 3 .   ? -15.600 -4.322  -3.894  1.00 30.95 ? 1763 HOH A O   1 
HETATM 1207 O O   . HOH C 3 .   ? 3.656   9.598   4.595   1.00 25.26 ? 1764 HOH A O   1 
HETATM 1208 O O   . HOH C 3 .   ? -12.638 6.469   -5.088  1.00 27.27 ? 1765 HOH A O   1 
HETATM 1209 O O   . HOH C 3 .   ? -8.269  -10.824 10.556  1.00 35.64 ? 1766 HOH A O   1 
HETATM 1210 O O   . HOH C 3 .   ? 1.031   7.515   -14.622 1.00 28.61 ? 1767 HOH A O   1 
HETATM 1211 O O   . HOH C 3 .   ? -8.484  -15.357 -1.591  1.00 33.28 ? 1768 HOH A O   1 
HETATM 1212 O O   . HOH C 3 .   ? -3.526  -12.940 -5.893  1.00 27.62 ? 1769 HOH A O   1 
HETATM 1213 O O   . HOH C 3 .   ? 10.023  7.421   -4.630  1.00 26.15 ? 1770 HOH A O   1 
HETATM 1214 O O   . HOH C 3 .   ? -2.547  -13.279 -0.676  1.00 33.95 ? 1771 HOH A O   1 
HETATM 1215 O O   . HOH C 3 .   ? -1.515  7.637   -3.963  1.00 20.76 ? 1772 HOH A O   1 
HETATM 1216 O O   . HOH C 3 .   ? -7.128  9.786   -9.460  1.00 38.30 ? 1773 HOH A O   1 
HETATM 1217 O O   . HOH C 3 .   ? 0.163   -1.970  19.293  1.00 26.31 ? 1774 HOH A O   1 
HETATM 1218 O O   . HOH C 3 .   ? -12.577 6.034   -7.630  1.00 31.74 ? 1775 HOH A O   1 
HETATM 1219 O O   . HOH C 3 .   ? 3.564   -4.296  17.194  1.00 23.66 ? 1776 HOH A O   1 
HETATM 1220 O O   . HOH C 3 .   ? 8.136   5.046   -4.223  1.00 26.21 ? 1777 HOH A O   1 
HETATM 1221 O O   . HOH C 3 .   ? -9.901  8.487   -13.109 1.00 38.42 ? 1778 HOH A O   1 
HETATM 1222 O O   . HOH C 3 .   ? -3.678  6.564   -8.215  1.00 14.50 ? 1779 HOH A O   1 
HETATM 1223 O O   . HOH C 3 .   ? 11.072  -1.428  -24.293 1.00 39.66 ? 1780 HOH A O   1 
HETATM 1224 O O   . HOH C 3 .   ? 7.766   17.746  14.100  1.00 48.24 ? 1781 HOH A O   1 
HETATM 1225 O O   . HOH C 3 .   ? 10.106  10.414  11.769  1.00 27.95 ? 1782 HOH A O   1 
HETATM 1226 O O   . HOH C 3 .   ? 9.712   16.501  16.773  1.00 42.34 ? 1783 HOH A O   1 
HETATM 1227 O O   . HOH C 3 .   ? 6.338   20.596  17.131  1.00 31.35 ? 1784 HOH A O   1 
HETATM 1228 O O   . HOH C 3 .   ? -7.615  -3.023  -19.369 1.00 26.01 ? 1785 HOH A O   1 
HETATM 1229 O O   . HOH C 3 .   ? 7.759   -8.905  -9.575  1.00 39.74 ? 1786 HOH A O   1 
HETATM 1230 O O   . HOH C 3 .   ? 10.517  -4.852  -1.375  1.00 34.37 ? 1787 HOH A O   1 
HETATM 1231 O O   . HOH C 3 .   ? 7.678   -8.405  -6.549  1.00 33.31 ? 1788 HOH A O   1 
HETATM 1232 O O   . HOH C 3 .   ? 6.524   -3.206  18.064  0.50 11.35 ? 1789 HOH A O   1 
HETATM 1233 O O   . HOH C 3 .   ? 12.439  6.633   -10.628 1.00 26.09 ? 1790 HOH A O   1 
HETATM 1234 O O   . HOH C 3 .   ? -7.579  9.882   -1.399  1.00 33.36 ? 1791 HOH A O   1 
HETATM 1235 O O   . HOH C 3 .   ? -9.206  9.069   -7.171  1.00 58.14 ? 1792 HOH A O   1 
HETATM 1236 O O   . HOH C 3 .   ? 7.686   11.732  12.018  1.00 32.21 ? 1793 HOH A O   1 
# 
